data_8IKB
# 
_entry.id   8IKB 
# 
_audit_conform.dict_name       mmcif_pdbx.dic 
_audit_conform.dict_version    5.387 
_audit_conform.dict_location   http://mmcif.pdb.org/dictionaries/ascii/mmcif_pdbx.dic 
# 
loop_
_database_2.database_id 
_database_2.database_code 
_database_2.pdbx_database_accession 
_database_2.pdbx_DOI 
PDB   8IKB         pdb_00008ikb 10.2210/pdb8ikb/pdb 
WWPDB D_1300035886 ?            ?                   
EMDB  EMD-35508    ?            ?                   
# 
_pdbx_audit_revision_history.ordinal             1 
_pdbx_audit_revision_history.data_content_type   'Structure model' 
_pdbx_audit_revision_history.major_revision      1 
_pdbx_audit_revision_history.minor_revision      0 
_pdbx_audit_revision_history.revision_date       2024-03-06 
# 
_pdbx_audit_revision_details.ordinal             1 
_pdbx_audit_revision_details.revision_ordinal    1 
_pdbx_audit_revision_details.data_content_type   'Structure model' 
_pdbx_audit_revision_details.provider            repository 
_pdbx_audit_revision_details.type                'Initial release' 
_pdbx_audit_revision_details.description         ? 
_pdbx_audit_revision_details.details             ? 
# 
_pdbx_database_status.status_code                     REL 
_pdbx_database_status.status_code_sf                  ? 
_pdbx_database_status.status_code_mr                  ? 
_pdbx_database_status.entry_id                        8IKB 
_pdbx_database_status.recvd_initial_deposition_date   2023-02-28 
_pdbx_database_status.SG_entry                        N 
_pdbx_database_status.deposit_site                    PDBJ 
_pdbx_database_status.process_site                    PDBJ 
_pdbx_database_status.status_code_cs                  ? 
_pdbx_database_status.status_code_nmr_data            ? 
_pdbx_database_status.methods_development_category    ? 
_pdbx_database_status.pdb_format_compatible           Y 
# 
_pdbx_database_related.db_name        EMDB 
_pdbx_database_related.details        'Cryo-EM structure of hnRAC1-2I fibril.' 
_pdbx_database_related.db_id          EMD-35508 
_pdbx_database_related.content_type   'associated EM volume' 
# 
_pdbx_contact_author.id                 2 
_pdbx_contact_author.email              dannielee@sjtu.edu.cn 
_pdbx_contact_author.name_first         Cong 
_pdbx_contact_author.name_last          Liu 
_pdbx_contact_author.name_mi            ? 
_pdbx_contact_author.role               'principal investigator/group leader' 
_pdbx_contact_author.identifier_ORCID   0000-0003-3425-6672 
# 
loop_
_audit_author.name 
_audit_author.pdbx_ordinal 
_audit_author.identifier_ORCID 
'Li, D.N.' 1 ? 
'Ma, Y.Y.' 2 ? 
'Li, D.'   3 ? 
'Dai, B.'  4 ? 
'Liu, C.'  5 ? 
# 
_citation.abstract                  ? 
_citation.abstract_id_CAS           ? 
_citation.book_id_ISBN              ? 
_citation.book_publisher            ? 
_citation.book_publisher_city       ? 
_citation.book_title                ? 
_citation.coordinate_linkage        ? 
_citation.country                   ? 
_citation.database_id_Medline       ? 
_citation.details                   ? 
_citation.id                        primary 
_citation.journal_abbrev            'To Be Published' 
_citation.journal_id_ASTM           ? 
_citation.journal_id_CSD            0353 
_citation.journal_id_ISSN           ? 
_citation.journal_full              ? 
_citation.journal_issue             ? 
_citation.journal_volume            ? 
_citation.language                  ? 
_citation.page_first                ? 
_citation.page_last                 ? 
_citation.title                     'Cryo-EM structure of hnRAC1-2I fibril.' 
_citation.year                      ? 
_citation.database_id_CSD           ? 
_citation.pdbx_database_id_DOI      ? 
_citation.pdbx_database_id_PubMed   ? 
_citation.pdbx_database_id_patent   ? 
_citation.unpublished_flag          ? 
# 
loop_
_citation_author.citation_id 
_citation_author.name 
_citation_author.ordinal 
_citation_author.identifier_ORCID 
primary 'Li, D.N.' 1 ? 
primary 'Ma, Y.Y.' 2 ? 
primary 'Li, D.'   3 ? 
primary 'Dai, B.'  4 ? 
primary 'Liu, C.'  5 ? 
# 
_entity.id                         1 
_entity.type                       polymer 
_entity.src_method                 syn 
_entity.pdbx_description           GLY-PHI-GLY-GLY-ASN-ASP-ASN-PHE-GLY 
_entity.formula_weight             1009.760 
_entity.pdbx_number_of_molecules   28 
_entity.pdbx_ec                    ? 
_entity.pdbx_mutation              ? 
_entity.pdbx_fragment              ? 
_entity.details                    ? 
# 
_entity_poly.entity_id                      1 
_entity_poly.type                           'polypeptide(L)' 
_entity_poly.nstd_linkage                   no 
_entity_poly.nstd_monomer                   yes 
_entity_poly.pdbx_seq_one_letter_code       'G(PHI)GGNDNFG' 
_entity_poly.pdbx_seq_one_letter_code_can   GFGGNDNFG 
_entity_poly.pdbx_strand_id                 D,E,F,I,J,L,M,P,S,T,W,X,Z,a,c,d,e,i,j,m,p,q,s,t,w,x,0,3 
_entity_poly.pdbx_target_identifier         ? 
# 
loop_
_entity_poly_seq.entity_id 
_entity_poly_seq.num 
_entity_poly_seq.mon_id 
_entity_poly_seq.hetero 
1 1 GLY n 
1 2 PHI n 
1 3 GLY n 
1 4 GLY n 
1 5 ASN n 
1 6 ASP n 
1 7 ASN n 
1 8 PHE n 
1 9 GLY n 
# 
_pdbx_entity_src_syn.entity_id              1 
_pdbx_entity_src_syn.pdbx_src_id            1 
_pdbx_entity_src_syn.pdbx_alt_source_flag   sample 
_pdbx_entity_src_syn.pdbx_beg_seq_num       1 
_pdbx_entity_src_syn.pdbx_end_seq_num       9 
_pdbx_entity_src_syn.organism_scientific    'Homo sapiens' 
_pdbx_entity_src_syn.organism_common_name   ? 
_pdbx_entity_src_syn.ncbi_taxonomy_id       9606 
_pdbx_entity_src_syn.details                ? 
# 
loop_
_chem_comp.id 
_chem_comp.type 
_chem_comp.mon_nstd_flag 
_chem_comp.name 
_chem_comp.pdbx_synonyms 
_chem_comp.formula 
_chem_comp.formula_weight 
ASN 'L-peptide linking' y ASPARAGINE         ? 'C4 H8 N2 O3'   132.118 
ASP 'L-peptide linking' y 'ASPARTIC ACID'    ? 'C4 H7 N O4'    133.103 
GLY 'peptide linking'   y GLYCINE            ? 'C2 H5 N O2'    75.067  
PHE 'L-peptide linking' y PHENYLALANINE      ? 'C9 H11 N O2'   165.189 
PHI 'L-peptide linking' n IODO-PHENYLALANINE ? 'C9 H10 I N O2' 291.086 
# 
loop_
_pdbx_poly_seq_scheme.asym_id 
_pdbx_poly_seq_scheme.entity_id 
_pdbx_poly_seq_scheme.seq_id 
_pdbx_poly_seq_scheme.mon_id 
_pdbx_poly_seq_scheme.ndb_seq_num 
_pdbx_poly_seq_scheme.pdb_seq_num 
_pdbx_poly_seq_scheme.auth_seq_num 
_pdbx_poly_seq_scheme.pdb_mon_id 
_pdbx_poly_seq_scheme.auth_mon_id 
_pdbx_poly_seq_scheme.pdb_strand_id 
_pdbx_poly_seq_scheme.pdb_ins_code 
_pdbx_poly_seq_scheme.hetero 
A  1 1 GLY 1 215 215 GLY GLY D . n 
A  1 2 PHI 2 216 216 PHI PHI D . n 
A  1 3 GLY 3 217 217 GLY GLY D . n 
A  1 4 GLY 4 218 218 GLY GLY D . n 
A  1 5 ASN 5 219 219 ASN ASN D . n 
A  1 6 ASP 6 220 220 ASP ASP D . n 
A  1 7 ASN 7 221 221 ASN ASN D . n 
A  1 8 PHE 8 222 222 PHE PHE D . n 
A  1 9 GLY 9 223 223 GLY GLY D . n 
B  1 1 GLY 1 215 215 GLY GLY E . n 
B  1 2 PHI 2 216 216 PHI PHI E . n 
B  1 3 GLY 3 217 217 GLY GLY E . n 
B  1 4 GLY 4 218 218 GLY GLY E . n 
B  1 5 ASN 5 219 219 ASN ASN E . n 
B  1 6 ASP 6 220 220 ASP ASP E . n 
B  1 7 ASN 7 221 221 ASN ASN E . n 
B  1 8 PHE 8 222 222 PHE PHE E . n 
B  1 9 GLY 9 223 223 GLY GLY E . n 
C  1 1 GLY 1 215 215 GLY GLY F . n 
C  1 2 PHI 2 216 216 PHI PHI F . n 
C  1 3 GLY 3 217 217 GLY GLY F . n 
C  1 4 GLY 4 218 218 GLY GLY F . n 
C  1 5 ASN 5 219 219 ASN ASN F . n 
C  1 6 ASP 6 220 220 ASP ASP F . n 
C  1 7 ASN 7 221 221 ASN ASN F . n 
C  1 8 PHE 8 222 222 PHE PHE F . n 
C  1 9 GLY 9 223 223 GLY GLY F . n 
D  1 1 GLY 1 215 215 GLY GLY I . n 
D  1 2 PHI 2 216 216 PHI PHI I . n 
D  1 3 GLY 3 217 217 GLY GLY I . n 
D  1 4 GLY 4 218 218 GLY GLY I . n 
D  1 5 ASN 5 219 219 ASN ASN I . n 
D  1 6 ASP 6 220 220 ASP ASP I . n 
D  1 7 ASN 7 221 221 ASN ASN I . n 
D  1 8 PHE 8 222 222 PHE PHE I . n 
D  1 9 GLY 9 223 223 GLY GLY I . n 
E  1 1 GLY 1 215 215 GLY GLY J . n 
E  1 2 PHI 2 216 216 PHI PHI J . n 
E  1 3 GLY 3 217 217 GLY GLY J . n 
E  1 4 GLY 4 218 218 GLY GLY J . n 
E  1 5 ASN 5 219 219 ASN ASN J . n 
E  1 6 ASP 6 220 220 ASP ASP J . n 
E  1 7 ASN 7 221 221 ASN ASN J . n 
E  1 8 PHE 8 222 222 PHE PHE J . n 
E  1 9 GLY 9 223 223 GLY GLY J . n 
F  1 1 GLY 1 215 215 GLY GLY L . n 
F  1 2 PHI 2 216 216 PHI PHI L . n 
F  1 3 GLY 3 217 217 GLY GLY L . n 
F  1 4 GLY 4 218 218 GLY GLY L . n 
F  1 5 ASN 5 219 219 ASN ASN L . n 
F  1 6 ASP 6 220 220 ASP ASP L . n 
F  1 7 ASN 7 221 221 ASN ASN L . n 
F  1 8 PHE 8 222 222 PHE PHE L . n 
F  1 9 GLY 9 223 223 GLY GLY L . n 
G  1 1 GLY 1 215 215 GLY GLY M . n 
G  1 2 PHI 2 216 216 PHI PHI M . n 
G  1 3 GLY 3 217 217 GLY GLY M . n 
G  1 4 GLY 4 218 218 GLY GLY M . n 
G  1 5 ASN 5 219 219 ASN ASN M . n 
G  1 6 ASP 6 220 220 ASP ASP M . n 
G  1 7 ASN 7 221 221 ASN ASN M . n 
G  1 8 PHE 8 222 222 PHE PHE M . n 
G  1 9 GLY 9 223 223 GLY GLY M . n 
H  1 1 GLY 1 215 215 GLY GLY P . n 
H  1 2 PHI 2 216 216 PHI PHI P . n 
H  1 3 GLY 3 217 217 GLY GLY P . n 
H  1 4 GLY 4 218 218 GLY GLY P . n 
H  1 5 ASN 5 219 219 ASN ASN P . n 
H  1 6 ASP 6 220 220 ASP ASP P . n 
H  1 7 ASN 7 221 221 ASN ASN P . n 
H  1 8 PHE 8 222 222 PHE PHE P . n 
H  1 9 GLY 9 223 223 GLY GLY P . n 
I  1 1 GLY 1 215 215 GLY GLY S . n 
I  1 2 PHI 2 216 216 PHI PHI S . n 
I  1 3 GLY 3 217 217 GLY GLY S . n 
I  1 4 GLY 4 218 218 GLY GLY S . n 
I  1 5 ASN 5 219 219 ASN ASN S . n 
I  1 6 ASP 6 220 220 ASP ASP S . n 
I  1 7 ASN 7 221 221 ASN ASN S . n 
I  1 8 PHE 8 222 222 PHE PHE S . n 
I  1 9 GLY 9 223 223 GLY GLY S . n 
J  1 1 GLY 1 215 215 GLY GLY T . n 
J  1 2 PHI 2 216 216 PHI PHI T . n 
J  1 3 GLY 3 217 217 GLY GLY T . n 
J  1 4 GLY 4 218 218 GLY GLY T . n 
J  1 5 ASN 5 219 219 ASN ASN T . n 
J  1 6 ASP 6 220 220 ASP ASP T . n 
J  1 7 ASN 7 221 221 ASN ASN T . n 
J  1 8 PHE 8 222 222 PHE PHE T . n 
J  1 9 GLY 9 223 223 GLY GLY T . n 
K  1 1 GLY 1 215 215 GLY GLY W . n 
K  1 2 PHI 2 216 216 PHI PHI W . n 
K  1 3 GLY 3 217 217 GLY GLY W . n 
K  1 4 GLY 4 218 218 GLY GLY W . n 
K  1 5 ASN 5 219 219 ASN ASN W . n 
K  1 6 ASP 6 220 220 ASP ASP W . n 
K  1 7 ASN 7 221 221 ASN ASN W . n 
K  1 8 PHE 8 222 222 PHE PHE W . n 
K  1 9 GLY 9 223 223 GLY GLY W . n 
L  1 1 GLY 1 215 215 GLY GLY X . n 
L  1 2 PHI 2 216 216 PHI PHI X . n 
L  1 3 GLY 3 217 217 GLY GLY X . n 
L  1 4 GLY 4 218 218 GLY GLY X . n 
L  1 5 ASN 5 219 219 ASN ASN X . n 
L  1 6 ASP 6 220 220 ASP ASP X . n 
L  1 7 ASN 7 221 221 ASN ASN X . n 
L  1 8 PHE 8 222 222 PHE PHE X . n 
L  1 9 GLY 9 223 223 GLY GLY X . n 
M  1 1 GLY 1 215 215 GLY GLY Z . n 
M  1 2 PHI 2 216 216 PHI PHI Z . n 
M  1 3 GLY 3 217 217 GLY GLY Z . n 
M  1 4 GLY 4 218 218 GLY GLY Z . n 
M  1 5 ASN 5 219 219 ASN ASN Z . n 
M  1 6 ASP 6 220 220 ASP ASP Z . n 
M  1 7 ASN 7 221 221 ASN ASN Z . n 
M  1 8 PHE 8 222 222 PHE PHE Z . n 
M  1 9 GLY 9 223 223 GLY GLY Z . n 
N  1 1 GLY 1 215 215 GLY GLY a . n 
N  1 2 PHI 2 216 216 PHI PHI a . n 
N  1 3 GLY 3 217 217 GLY GLY a . n 
N  1 4 GLY 4 218 218 GLY GLY a . n 
N  1 5 ASN 5 219 219 ASN ASN a . n 
N  1 6 ASP 6 220 220 ASP ASP a . n 
N  1 7 ASN 7 221 221 ASN ASN a . n 
N  1 8 PHE 8 222 222 PHE PHE a . n 
N  1 9 GLY 9 223 223 GLY GLY a . n 
O  1 1 GLY 1 215 215 GLY GLY c . n 
O  1 2 PHI 2 216 216 PHI PHI c . n 
O  1 3 GLY 3 217 217 GLY GLY c . n 
O  1 4 GLY 4 218 218 GLY GLY c . n 
O  1 5 ASN 5 219 219 ASN ASN c . n 
O  1 6 ASP 6 220 220 ASP ASP c . n 
O  1 7 ASN 7 221 221 ASN ASN c . n 
O  1 8 PHE 8 222 222 PHE PHE c . n 
O  1 9 GLY 9 223 223 GLY GLY c . n 
P  1 1 GLY 1 215 215 GLY GLY d . n 
P  1 2 PHI 2 216 216 PHI PHI d . n 
P  1 3 GLY 3 217 217 GLY GLY d . n 
P  1 4 GLY 4 218 218 GLY GLY d . n 
P  1 5 ASN 5 219 219 ASN ASN d . n 
P  1 6 ASP 6 220 220 ASP ASP d . n 
P  1 7 ASN 7 221 221 ASN ASN d . n 
P  1 8 PHE 8 222 222 PHE PHE d . n 
P  1 9 GLY 9 223 223 GLY GLY d . n 
Q  1 1 GLY 1 215 215 GLY GLY e . n 
Q  1 2 PHI 2 216 216 PHI PHI e . n 
Q  1 3 GLY 3 217 217 GLY GLY e . n 
Q  1 4 GLY 4 218 218 GLY GLY e . n 
Q  1 5 ASN 5 219 219 ASN ASN e . n 
Q  1 6 ASP 6 220 220 ASP ASP e . n 
Q  1 7 ASN 7 221 221 ASN ASN e . n 
Q  1 8 PHE 8 222 222 PHE PHE e . n 
Q  1 9 GLY 9 223 223 GLY GLY e . n 
R  1 1 GLY 1 215 215 GLY GLY i . n 
R  1 2 PHI 2 216 216 PHI PHI i . n 
R  1 3 GLY 3 217 217 GLY GLY i . n 
R  1 4 GLY 4 218 218 GLY GLY i . n 
R  1 5 ASN 5 219 219 ASN ASN i . n 
R  1 6 ASP 6 220 220 ASP ASP i . n 
R  1 7 ASN 7 221 221 ASN ASN i . n 
R  1 8 PHE 8 222 222 PHE PHE i . n 
R  1 9 GLY 9 223 223 GLY GLY i . n 
S  1 1 GLY 1 215 215 GLY GLY j . n 
S  1 2 PHI 2 216 216 PHI PHI j . n 
S  1 3 GLY 3 217 217 GLY GLY j . n 
S  1 4 GLY 4 218 218 GLY GLY j . n 
S  1 5 ASN 5 219 219 ASN ASN j . n 
S  1 6 ASP 6 220 220 ASP ASP j . n 
S  1 7 ASN 7 221 221 ASN ASN j . n 
S  1 8 PHE 8 222 222 PHE PHE j . n 
S  1 9 GLY 9 223 223 GLY GLY j . n 
T  1 1 GLY 1 215 215 GLY GLY m . n 
T  1 2 PHI 2 216 216 PHI PHI m . n 
T  1 3 GLY 3 217 217 GLY GLY m . n 
T  1 4 GLY 4 218 218 GLY GLY m . n 
T  1 5 ASN 5 219 219 ASN ASN m . n 
T  1 6 ASP 6 220 220 ASP ASP m . n 
T  1 7 ASN 7 221 221 ASN ASN m . n 
T  1 8 PHE 8 222 222 PHE PHE m . n 
T  1 9 GLY 9 223 223 GLY GLY m . n 
U  1 1 GLY 1 215 215 GLY GLY p . n 
U  1 2 PHI 2 216 216 PHI PHI p . n 
U  1 3 GLY 3 217 217 GLY GLY p . n 
U  1 4 GLY 4 218 218 GLY GLY p . n 
U  1 5 ASN 5 219 219 ASN ASN p . n 
U  1 6 ASP 6 220 220 ASP ASP p . n 
U  1 7 ASN 7 221 221 ASN ASN p . n 
U  1 8 PHE 8 222 222 PHE PHE p . n 
U  1 9 GLY 9 223 223 GLY GLY p . n 
V  1 1 GLY 1 215 215 GLY GLY q . n 
V  1 2 PHI 2 216 216 PHI PHI q . n 
V  1 3 GLY 3 217 217 GLY GLY q . n 
V  1 4 GLY 4 218 218 GLY GLY q . n 
V  1 5 ASN 5 219 219 ASN ASN q . n 
V  1 6 ASP 6 220 220 ASP ASP q . n 
V  1 7 ASN 7 221 221 ASN ASN q . n 
V  1 8 PHE 8 222 222 PHE PHE q . n 
V  1 9 GLY 9 223 223 GLY GLY q . n 
W  1 1 GLY 1 215 215 GLY GLY s . n 
W  1 2 PHI 2 216 216 PHI PHI s . n 
W  1 3 GLY 3 217 217 GLY GLY s . n 
W  1 4 GLY 4 218 218 GLY GLY s . n 
W  1 5 ASN 5 219 219 ASN ASN s . n 
W  1 6 ASP 6 220 220 ASP ASP s . n 
W  1 7 ASN 7 221 221 ASN ASN s . n 
W  1 8 PHE 8 222 222 PHE PHE s . n 
W  1 9 GLY 9 223 223 GLY GLY s . n 
X  1 1 GLY 1 215 215 GLY GLY t . n 
X  1 2 PHI 2 216 216 PHI PHI t . n 
X  1 3 GLY 3 217 217 GLY GLY t . n 
X  1 4 GLY 4 218 218 GLY GLY t . n 
X  1 5 ASN 5 219 219 ASN ASN t . n 
X  1 6 ASP 6 220 220 ASP ASP t . n 
X  1 7 ASN 7 221 221 ASN ASN t . n 
X  1 8 PHE 8 222 222 PHE PHE t . n 
X  1 9 GLY 9 223 223 GLY GLY t . n 
Y  1 1 GLY 1 215 215 GLY GLY w . n 
Y  1 2 PHI 2 216 216 PHI PHI w . n 
Y  1 3 GLY 3 217 217 GLY GLY w . n 
Y  1 4 GLY 4 218 218 GLY GLY w . n 
Y  1 5 ASN 5 219 219 ASN ASN w . n 
Y  1 6 ASP 6 220 220 ASP ASP w . n 
Y  1 7 ASN 7 221 221 ASN ASN w . n 
Y  1 8 PHE 8 222 222 PHE PHE w . n 
Y  1 9 GLY 9 223 223 GLY GLY w . n 
Z  1 1 GLY 1 215 215 GLY GLY x . n 
Z  1 2 PHI 2 216 216 PHI PHI x . n 
Z  1 3 GLY 3 217 217 GLY GLY x . n 
Z  1 4 GLY 4 218 218 GLY GLY x . n 
Z  1 5 ASN 5 219 219 ASN ASN x . n 
Z  1 6 ASP 6 220 220 ASP ASP x . n 
Z  1 7 ASN 7 221 221 ASN ASN x . n 
Z  1 8 PHE 8 222 222 PHE PHE x . n 
Z  1 9 GLY 9 223 223 GLY GLY x . n 
AA 1 1 GLY 1 215 215 GLY GLY 0 . n 
AA 1 2 PHI 2 216 216 PHI PHI 0 . n 
AA 1 3 GLY 3 217 217 GLY GLY 0 . n 
AA 1 4 GLY 4 218 218 GLY GLY 0 . n 
AA 1 5 ASN 5 219 219 ASN ASN 0 . n 
AA 1 6 ASP 6 220 220 ASP ASP 0 . n 
AA 1 7 ASN 7 221 221 ASN ASN 0 . n 
AA 1 8 PHE 8 222 222 PHE PHE 0 . n 
AA 1 9 GLY 9 223 223 GLY GLY 0 . n 
BA 1 1 GLY 1 215 215 GLY GLY 3 . n 
BA 1 2 PHI 2 216 216 PHI PHI 3 . n 
BA 1 3 GLY 3 217 217 GLY GLY 3 . n 
BA 1 4 GLY 4 218 218 GLY GLY 3 . n 
BA 1 5 ASN 5 219 219 ASN ASN 3 . n 
BA 1 6 ASP 6 220 220 ASP ASP 3 . n 
BA 1 7 ASN 7 221 221 ASN ASN 3 . n 
BA 1 8 PHE 8 222 222 PHE PHE 3 . n 
BA 1 9 GLY 9 223 223 GLY GLY 3 . n 
# 
_exptl.absorpt_coefficient_mu     ? 
_exptl.absorpt_correction_T_max   ? 
_exptl.absorpt_correction_T_min   ? 
_exptl.absorpt_correction_type    ? 
_exptl.absorpt_process_details    ? 
_exptl.entry_id                   8IKB 
_exptl.crystals_number            ? 
_exptl.details                    ? 
_exptl.method                     'ELECTRON MICROSCOPY' 
_exptl.method_details             ? 
# 
_struct.entry_id                     8IKB 
_struct.title                        'Cryo-EM structure of hnRAC1-2I fibril.' 
_struct.pdbx_model_details           ? 
_struct.pdbx_formula_weight          ? 
_struct.pdbx_formula_weight_method   ? 
_struct.pdbx_model_type_details      ? 
_struct.pdbx_CASP_flag               N 
# 
_struct_keywords.entry_id        8IKB 
_struct_keywords.text            'reversible fibril, PROTEIN FIBRIL' 
_struct_keywords.pdbx_keywords   'PROTEIN FIBRIL' 
# 
loop_
_struct_asym.id 
_struct_asym.pdbx_blank_PDB_chainid_flag 
_struct_asym.pdbx_modified 
_struct_asym.entity_id 
_struct_asym.details 
A  N N 1 ? 
B  N N 1 ? 
C  N N 1 ? 
D  N N 1 ? 
E  N N 1 ? 
F  N N 1 ? 
G  N N 1 ? 
H  N N 1 ? 
I  N N 1 ? 
J  N N 1 ? 
K  N N 1 ? 
L  N N 1 ? 
M  N N 1 ? 
N  N N 1 ? 
O  N N 1 ? 
P  N N 1 ? 
Q  N N 1 ? 
R  N N 1 ? 
S  N N 1 ? 
T  N N 1 ? 
U  N N 1 ? 
V  N N 1 ? 
W  N N 1 ? 
X  N N 1 ? 
Y  N N 1 ? 
Z  N N 1 ? 
AA N N 1 ? 
BA N N 1 ? 
# 
_struct_ref.id                         1 
_struct_ref.db_name                    PDB 
_struct_ref.db_code                    8IKB 
_struct_ref.pdbx_db_accession          8IKB 
_struct_ref.pdbx_db_isoform            ? 
_struct_ref.entity_id                  1 
_struct_ref.pdbx_seq_one_letter_code   ? 
_struct_ref.pdbx_align_begin           1 
# 
loop_
_struct_ref_seq.align_id 
_struct_ref_seq.ref_id 
_struct_ref_seq.pdbx_PDB_id_code 
_struct_ref_seq.pdbx_strand_id 
_struct_ref_seq.seq_align_beg 
_struct_ref_seq.pdbx_seq_align_beg_ins_code 
_struct_ref_seq.seq_align_end 
_struct_ref_seq.pdbx_seq_align_end_ins_code 
_struct_ref_seq.pdbx_db_accession 
_struct_ref_seq.db_align_beg 
_struct_ref_seq.pdbx_db_align_beg_ins_code 
_struct_ref_seq.db_align_end 
_struct_ref_seq.pdbx_db_align_end_ins_code 
_struct_ref_seq.pdbx_auth_seq_align_beg 
_struct_ref_seq.pdbx_auth_seq_align_end 
1  1 8IKB D 1 ? 9 ? 8IKB 215 ? 223 ? 215 223 
2  1 8IKB E 1 ? 9 ? 8IKB 215 ? 223 ? 215 223 
3  1 8IKB F 1 ? 9 ? 8IKB 215 ? 223 ? 215 223 
4  1 8IKB I 1 ? 9 ? 8IKB 215 ? 223 ? 215 223 
5  1 8IKB J 1 ? 9 ? 8IKB 215 ? 223 ? 215 223 
6  1 8IKB L 1 ? 9 ? 8IKB 215 ? 223 ? 215 223 
7  1 8IKB M 1 ? 9 ? 8IKB 215 ? 223 ? 215 223 
8  1 8IKB P 1 ? 9 ? 8IKB 215 ? 223 ? 215 223 
9  1 8IKB S 1 ? 9 ? 8IKB 215 ? 223 ? 215 223 
10 1 8IKB T 1 ? 9 ? 8IKB 215 ? 223 ? 215 223 
11 1 8IKB W 1 ? 9 ? 8IKB 215 ? 223 ? 215 223 
12 1 8IKB X 1 ? 9 ? 8IKB 215 ? 223 ? 215 223 
13 1 8IKB Z 1 ? 9 ? 8IKB 215 ? 223 ? 215 223 
14 1 8IKB a 1 ? 9 ? 8IKB 215 ? 223 ? 215 223 
15 1 8IKB c 1 ? 9 ? 8IKB 215 ? 223 ? 215 223 
16 1 8IKB d 1 ? 9 ? 8IKB 215 ? 223 ? 215 223 
17 1 8IKB e 1 ? 9 ? 8IKB 215 ? 223 ? 215 223 
18 1 8IKB i 1 ? 9 ? 8IKB 215 ? 223 ? 215 223 
19 1 8IKB j 1 ? 9 ? 8IKB 215 ? 223 ? 215 223 
20 1 8IKB m 1 ? 9 ? 8IKB 215 ? 223 ? 215 223 
21 1 8IKB p 1 ? 9 ? 8IKB 215 ? 223 ? 215 223 
22 1 8IKB q 1 ? 9 ? 8IKB 215 ? 223 ? 215 223 
23 1 8IKB s 1 ? 9 ? 8IKB 215 ? 223 ? 215 223 
24 1 8IKB t 1 ? 9 ? 8IKB 215 ? 223 ? 215 223 
25 1 8IKB w 1 ? 9 ? 8IKB 215 ? 223 ? 215 223 
26 1 8IKB x 1 ? 9 ? 8IKB 215 ? 223 ? 215 223 
27 1 8IKB 0 1 ? 9 ? 8IKB 215 ? 223 ? 215 223 
28 1 8IKB 3 1 ? 9 ? 8IKB 215 ? 223 ? 215 223 
# 
_pdbx_struct_assembly.id                   1 
_pdbx_struct_assembly.details              author_defined_assembly 
_pdbx_struct_assembly.method_details       ? 
_pdbx_struct_assembly.oligomeric_details   28-meric 
_pdbx_struct_assembly.oligomeric_count     28 
# 
_pdbx_struct_assembly_gen.assembly_id       1 
_pdbx_struct_assembly_gen.oper_expression   1 
_pdbx_struct_assembly_gen.asym_id_list      A,B,C,D,E,F,G,H,I,J,K,L,M,N,O,P,Q,R,S,T,U,V,W,X,Y,Z,AA,BA 
# 
_pdbx_struct_assembly_auth_evidence.id                     1 
_pdbx_struct_assembly_auth_evidence.assembly_id            1 
_pdbx_struct_assembly_auth_evidence.experimental_support   'electron microscopy' 
_pdbx_struct_assembly_auth_evidence.details                ? 
# 
_pdbx_struct_oper_list.id                   1 
_pdbx_struct_oper_list.type                 'identity operation' 
_pdbx_struct_oper_list.name                 1_555 
_pdbx_struct_oper_list.symmetry_operation   ? 
_pdbx_struct_oper_list.matrix[1][1]         1.0000000000 
_pdbx_struct_oper_list.matrix[1][2]         0.0000000000 
_pdbx_struct_oper_list.matrix[1][3]         0.0000000000 
_pdbx_struct_oper_list.vector[1]            0.0000000000 
_pdbx_struct_oper_list.matrix[2][1]         0.0000000000 
_pdbx_struct_oper_list.matrix[2][2]         1.0000000000 
_pdbx_struct_oper_list.matrix[2][3]         0.0000000000 
_pdbx_struct_oper_list.vector[2]            0.0000000000 
_pdbx_struct_oper_list.matrix[3][1]         0.0000000000 
_pdbx_struct_oper_list.matrix[3][2]         0.0000000000 
_pdbx_struct_oper_list.matrix[3][3]         1.0000000000 
_pdbx_struct_oper_list.vector[3]            0.0000000000 
# 
loop_
_struct_conn.id 
_struct_conn.conn_type_id 
_struct_conn.pdbx_leaving_atom_flag 
_struct_conn.pdbx_PDB_id 
_struct_conn.ptnr1_label_asym_id 
_struct_conn.ptnr1_label_comp_id 
_struct_conn.ptnr1_label_seq_id 
_struct_conn.ptnr1_label_atom_id 
_struct_conn.pdbx_ptnr1_label_alt_id 
_struct_conn.pdbx_ptnr1_PDB_ins_code 
_struct_conn.pdbx_ptnr1_standard_comp_id 
_struct_conn.ptnr1_symmetry 
_struct_conn.ptnr2_label_asym_id 
_struct_conn.ptnr2_label_comp_id 
_struct_conn.ptnr2_label_seq_id 
_struct_conn.ptnr2_label_atom_id 
_struct_conn.pdbx_ptnr2_label_alt_id 
_struct_conn.pdbx_ptnr2_PDB_ins_code 
_struct_conn.ptnr1_auth_asym_id 
_struct_conn.ptnr1_auth_comp_id 
_struct_conn.ptnr1_auth_seq_id 
_struct_conn.ptnr2_auth_asym_id 
_struct_conn.ptnr2_auth_comp_id 
_struct_conn.ptnr2_auth_seq_id 
_struct_conn.ptnr2_symmetry 
_struct_conn.pdbx_ptnr3_label_atom_id 
_struct_conn.pdbx_ptnr3_label_seq_id 
_struct_conn.pdbx_ptnr3_label_comp_id 
_struct_conn.pdbx_ptnr3_label_asym_id 
_struct_conn.pdbx_ptnr3_label_alt_id 
_struct_conn.pdbx_ptnr3_PDB_ins_code 
_struct_conn.details 
_struct_conn.pdbx_dist_value 
_struct_conn.pdbx_value_order 
_struct_conn.pdbx_role 
covale1  covale both ? A  GLY 1 C ? ? ? 1_555 A  PHI 2 N ? ? D GLY 215 D PHI 216 1_555 ? ? ? ? ? ? ? 1.328 ? ? 
covale2  covale both ? A  PHI 2 C ? ? ? 1_555 A  GLY 3 N ? ? D PHI 216 D GLY 217 1_555 ? ? ? ? ? ? ? 1.322 ? ? 
covale3  covale both ? B  GLY 1 C ? ? ? 1_555 B  PHI 2 N ? ? E GLY 215 E PHI 216 1_555 ? ? ? ? ? ? ? 1.327 ? ? 
covale4  covale both ? B  PHI 2 C ? ? ? 1_555 B  GLY 3 N ? ? E PHI 216 E GLY 217 1_555 ? ? ? ? ? ? ? 1.325 ? ? 
covale5  covale both ? C  GLY 1 C ? ? ? 1_555 C  PHI 2 N ? ? F GLY 215 F PHI 216 1_555 ? ? ? ? ? ? ? 1.331 ? ? 
covale6  covale both ? C  PHI 2 C ? ? ? 1_555 C  GLY 3 N ? ? F PHI 216 F GLY 217 1_555 ? ? ? ? ? ? ? 1.324 ? ? 
covale7  covale both ? D  GLY 1 C ? ? ? 1_555 D  PHI 2 N ? ? I GLY 215 I PHI 216 1_555 ? ? ? ? ? ? ? 1.328 ? ? 
covale8  covale both ? D  PHI 2 C ? ? ? 1_555 D  GLY 3 N ? ? I PHI 216 I GLY 217 1_555 ? ? ? ? ? ? ? 1.326 ? ? 
covale9  covale both ? E  GLY 1 C ? ? ? 1_555 E  PHI 2 N ? ? J GLY 215 J PHI 216 1_555 ? ? ? ? ? ? ? 1.330 ? ? 
covale10 covale both ? E  PHI 2 C ? ? ? 1_555 E  GLY 3 N ? ? J PHI 216 J GLY 217 1_555 ? ? ? ? ? ? ? 1.326 ? ? 
covale11 covale both ? F  GLY 1 C ? ? ? 1_555 F  PHI 2 N ? ? L GLY 215 L PHI 216 1_555 ? ? ? ? ? ? ? 1.328 ? ? 
covale12 covale both ? F  PHI 2 C ? ? ? 1_555 F  GLY 3 N ? ? L PHI 216 L GLY 217 1_555 ? ? ? ? ? ? ? 1.328 ? ? 
covale13 covale both ? G  GLY 1 C ? ? ? 1_555 G  PHI 2 N ? ? M GLY 215 M PHI 216 1_555 ? ? ? ? ? ? ? 1.329 ? ? 
covale14 covale both ? G  PHI 2 C ? ? ? 1_555 G  GLY 3 N ? ? M PHI 216 M GLY 217 1_555 ? ? ? ? ? ? ? 1.327 ? ? 
covale15 covale both ? H  GLY 1 C ? ? ? 1_555 H  PHI 2 N ? ? P GLY 215 P PHI 216 1_555 ? ? ? ? ? ? ? 1.327 ? ? 
covale16 covale both ? H  PHI 2 C ? ? ? 1_555 H  GLY 3 N ? ? P PHI 216 P GLY 217 1_555 ? ? ? ? ? ? ? 1.325 ? ? 
covale17 covale both ? I  GLY 1 C ? ? ? 1_555 I  PHI 2 N ? ? S GLY 215 S PHI 216 1_555 ? ? ? ? ? ? ? 1.323 ? ? 
covale18 covale both ? I  PHI 2 C ? ? ? 1_555 I  GLY 3 N ? ? S PHI 216 S GLY 217 1_555 ? ? ? ? ? ? ? 1.328 ? ? 
covale19 covale both ? J  GLY 1 C ? ? ? 1_555 J  PHI 2 N ? ? T GLY 215 T PHI 216 1_555 ? ? ? ? ? ? ? 1.327 ? ? 
covale20 covale both ? J  PHI 2 C ? ? ? 1_555 J  GLY 3 N ? ? T PHI 216 T GLY 217 1_555 ? ? ? ? ? ? ? 1.326 ? ? 
covale21 covale both ? K  GLY 1 C ? ? ? 1_555 K  PHI 2 N ? ? W GLY 215 W PHI 216 1_555 ? ? ? ? ? ? ? 1.330 ? ? 
covale22 covale both ? K  PHI 2 C ? ? ? 1_555 K  GLY 3 N ? ? W PHI 216 W GLY 217 1_555 ? ? ? ? ? ? ? 1.327 ? ? 
covale23 covale both ? L  GLY 1 C ? ? ? 1_555 L  PHI 2 N ? ? X GLY 215 X PHI 216 1_555 ? ? ? ? ? ? ? 1.328 ? ? 
covale24 covale both ? L  PHI 2 C ? ? ? 1_555 L  GLY 3 N ? ? X PHI 216 X GLY 217 1_555 ? ? ? ? ? ? ? 1.327 ? ? 
covale25 covale both ? M  GLY 1 C ? ? ? 1_555 M  PHI 2 N ? ? Z GLY 215 Z PHI 216 1_555 ? ? ? ? ? ? ? 1.326 ? ? 
covale26 covale both ? M  PHI 2 C ? ? ? 1_555 M  GLY 3 N ? ? Z PHI 216 Z GLY 217 1_555 ? ? ? ? ? ? ? 1.331 ? ? 
covale27 covale both ? N  GLY 1 C ? ? ? 1_555 N  PHI 2 N ? ? a GLY 215 a PHI 216 1_555 ? ? ? ? ? ? ? 1.325 ? ? 
covale28 covale both ? N  PHI 2 C ? ? ? 1_555 N  GLY 3 N ? ? a PHI 216 a GLY 217 1_555 ? ? ? ? ? ? ? 1.328 ? ? 
covale29 covale both ? O  GLY 1 C ? ? ? 1_555 O  PHI 2 N ? ? c GLY 215 c PHI 216 1_555 ? ? ? ? ? ? ? 1.330 ? ? 
covale30 covale both ? O  PHI 2 C ? ? ? 1_555 O  GLY 3 N ? ? c PHI 216 c GLY 217 1_555 ? ? ? ? ? ? ? 1.330 ? ? 
covale31 covale both ? P  GLY 1 C ? ? ? 1_555 P  PHI 2 N ? ? d GLY 215 d PHI 216 1_555 ? ? ? ? ? ? ? 1.328 ? ? 
covale32 covale both ? P  PHI 2 C ? ? ? 1_555 P  GLY 3 N ? ? d PHI 216 d GLY 217 1_555 ? ? ? ? ? ? ? 1.327 ? ? 
covale33 covale both ? Q  GLY 1 C ? ? ? 1_555 Q  PHI 2 N ? ? e GLY 215 e PHI 216 1_555 ? ? ? ? ? ? ? 1.328 ? ? 
covale34 covale both ? Q  PHI 2 C ? ? ? 1_555 Q  GLY 3 N ? ? e PHI 216 e GLY 217 1_555 ? ? ? ? ? ? ? 1.327 ? ? 
covale35 covale both ? R  GLY 1 C ? ? ? 1_555 R  PHI 2 N ? ? i GLY 215 i PHI 216 1_555 ? ? ? ? ? ? ? 1.330 ? ? 
covale36 covale both ? R  PHI 2 C ? ? ? 1_555 R  GLY 3 N ? ? i PHI 216 i GLY 217 1_555 ? ? ? ? ? ? ? 1.325 ? ? 
covale37 covale both ? S  GLY 1 C ? ? ? 1_555 S  PHI 2 N ? ? j GLY 215 j PHI 216 1_555 ? ? ? ? ? ? ? 1.325 ? ? 
covale38 covale both ? S  PHI 2 C ? ? ? 1_555 S  GLY 3 N ? ? j PHI 216 j GLY 217 1_555 ? ? ? ? ? ? ? 1.322 ? ? 
covale39 covale both ? T  GLY 1 C ? ? ? 1_555 T  PHI 2 N ? ? m GLY 215 m PHI 216 1_555 ? ? ? ? ? ? ? 1.328 ? ? 
covale40 covale both ? T  PHI 2 C ? ? ? 1_555 T  GLY 3 N ? ? m PHI 216 m GLY 217 1_555 ? ? ? ? ? ? ? 1.327 ? ? 
covale41 covale both ? U  GLY 1 C ? ? ? 1_555 U  PHI 2 N ? ? p GLY 215 p PHI 216 1_555 ? ? ? ? ? ? ? 1.330 ? ? 
covale42 covale both ? U  PHI 2 C ? ? ? 1_555 U  GLY 3 N ? ? p PHI 216 p GLY 217 1_555 ? ? ? ? ? ? ? 1.328 ? ? 
covale43 covale both ? V  GLY 1 C ? ? ? 1_555 V  PHI 2 N ? ? q GLY 215 q PHI 216 1_555 ? ? ? ? ? ? ? 1.328 ? ? 
covale44 covale both ? V  PHI 2 C ? ? ? 1_555 V  GLY 3 N ? ? q PHI 216 q GLY 217 1_555 ? ? ? ? ? ? ? 1.328 ? ? 
covale45 covale both ? W  GLY 1 C ? ? ? 1_555 W  PHI 2 N ? ? s GLY 215 s PHI 216 1_555 ? ? ? ? ? ? ? 1.330 ? ? 
covale46 covale both ? W  PHI 2 C ? ? ? 1_555 W  GLY 3 N ? ? s PHI 216 s GLY 217 1_555 ? ? ? ? ? ? ? 1.325 ? ? 
covale47 covale both ? X  GLY 1 C ? ? ? 1_555 X  PHI 2 N ? ? t GLY 215 t PHI 216 1_555 ? ? ? ? ? ? ? 1.325 ? ? 
covale48 covale both ? X  PHI 2 C ? ? ? 1_555 X  GLY 3 N ? ? t PHI 216 t GLY 217 1_555 ? ? ? ? ? ? ? 1.324 ? ? 
covale49 covale both ? Y  GLY 1 C ? ? ? 1_555 Y  PHI 2 N ? ? w GLY 215 w PHI 216 1_555 ? ? ? ? ? ? ? 1.330 ? ? 
covale50 covale both ? Y  PHI 2 C ? ? ? 1_555 Y  GLY 3 N ? ? w PHI 216 w GLY 217 1_555 ? ? ? ? ? ? ? 1.327 ? ? 
covale51 covale both ? Z  GLY 1 C ? ? ? 1_555 Z  PHI 2 N ? ? x GLY 215 x PHI 216 1_555 ? ? ? ? ? ? ? 1.329 ? ? 
covale52 covale both ? Z  PHI 2 C ? ? ? 1_555 Z  GLY 3 N ? ? x PHI 216 x GLY 217 1_555 ? ? ? ? ? ? ? 1.324 ? ? 
covale53 covale both ? AA GLY 1 C ? ? ? 1_555 AA PHI 2 N ? ? 0 GLY 215 0 PHI 216 1_555 ? ? ? ? ? ? ? 1.329 ? ? 
covale54 covale both ? AA PHI 2 C ? ? ? 1_555 AA GLY 3 N ? ? 0 PHI 216 0 GLY 217 1_555 ? ? ? ? ? ? ? 1.324 ? ? 
covale55 covale both ? BA GLY 1 C ? ? ? 1_555 BA PHI 2 N ? ? 3 GLY 215 3 PHI 216 1_555 ? ? ? ? ? ? ? 1.328 ? ? 
covale56 covale both ? BA PHI 2 C ? ? ? 1_555 BA GLY 3 N ? ? 3 PHI 216 3 GLY 217 1_555 ? ? ? ? ? ? ? 1.328 ? ? 
# 
_struct_conn_type.id          covale 
_struct_conn_type.criteria    ? 
_struct_conn_type.reference   ? 
# 
loop_
_pdbx_validate_close_contact.id 
_pdbx_validate_close_contact.PDB_model_num 
_pdbx_validate_close_contact.auth_atom_id_1 
_pdbx_validate_close_contact.auth_asym_id_1 
_pdbx_validate_close_contact.auth_comp_id_1 
_pdbx_validate_close_contact.auth_seq_id_1 
_pdbx_validate_close_contact.PDB_ins_code_1 
_pdbx_validate_close_contact.label_alt_id_1 
_pdbx_validate_close_contact.auth_atom_id_2 
_pdbx_validate_close_contact.auth_asym_id_2 
_pdbx_validate_close_contact.auth_comp_id_2 
_pdbx_validate_close_contact.auth_seq_id_2 
_pdbx_validate_close_contact.PDB_ins_code_2 
_pdbx_validate_close_contact.label_alt_id_2 
_pdbx_validate_close_contact.dist 
1 1 C E GLY 223 ? ? OD2 F ASP 220 ? ? 1.98 
2 1 O p ASP 220 ? ? CD2 p PHE 222 ? ? 2.00 
# 
loop_
_pdbx_validate_rmsd_angle.id 
_pdbx_validate_rmsd_angle.PDB_model_num 
_pdbx_validate_rmsd_angle.auth_atom_id_1 
_pdbx_validate_rmsd_angle.auth_asym_id_1 
_pdbx_validate_rmsd_angle.auth_comp_id_1 
_pdbx_validate_rmsd_angle.auth_seq_id_1 
_pdbx_validate_rmsd_angle.PDB_ins_code_1 
_pdbx_validate_rmsd_angle.label_alt_id_1 
_pdbx_validate_rmsd_angle.auth_atom_id_2 
_pdbx_validate_rmsd_angle.auth_asym_id_2 
_pdbx_validate_rmsd_angle.auth_comp_id_2 
_pdbx_validate_rmsd_angle.auth_seq_id_2 
_pdbx_validate_rmsd_angle.PDB_ins_code_2 
_pdbx_validate_rmsd_angle.label_alt_id_2 
_pdbx_validate_rmsd_angle.auth_atom_id_3 
_pdbx_validate_rmsd_angle.auth_asym_id_3 
_pdbx_validate_rmsd_angle.auth_comp_id_3 
_pdbx_validate_rmsd_angle.auth_seq_id_3 
_pdbx_validate_rmsd_angle.PDB_ins_code_3 
_pdbx_validate_rmsd_angle.label_alt_id_3 
_pdbx_validate_rmsd_angle.angle_value 
_pdbx_validate_rmsd_angle.angle_target_value 
_pdbx_validate_rmsd_angle.angle_deviation 
_pdbx_validate_rmsd_angle.angle_standard_deviation 
_pdbx_validate_rmsd_angle.linker_flag 
1  1 CB D PHE 222 ? ? CA D PHE 222 ? ? C  D PHE 222 ? ? 129.28 110.40 18.88  2.00 N 
2  1 N  E GLY 217 ? ? CA E GLY 217 ? ? C  E GLY 217 ? ? 84.99  113.10 -28.11 2.50 N 
3  1 N  F GLY 217 ? ? CA F GLY 217 ? ? C  F GLY 217 ? ? 86.90  113.10 -26.20 2.50 N 
4  1 N  F GLY 218 ? ? CA F GLY 218 ? ? C  F GLY 218 ? ? 93.72  113.10 -19.38 2.50 N 
5  1 N  F ASN 219 ? ? CA F ASN 219 ? ? CB F ASN 219 ? ? 99.79  110.60 -10.81 1.80 N 
6  1 N  F ASN 221 ? ? CA F ASN 221 ? ? C  F ASN 221 ? ? 130.16 111.00 19.16  2.70 N 
7  1 N  F PHE 222 ? ? CA F PHE 222 ? ? CB F PHE 222 ? ? 125.65 110.60 15.05  1.80 N 
8  1 CB I ASN 219 ? ? CA I ASN 219 ? ? C  I ASN 219 ? ? 92.09  110.40 -18.31 2.00 N 
9  1 N  I ASP 220 ? ? CA I ASP 220 ? ? C  I ASP 220 ? ? 92.55  111.00 -18.45 2.70 N 
10 1 N  I ASN 221 ? ? CA I ASN 221 ? ? CB I ASN 221 ? ? 122.96 110.60 12.36  1.80 N 
11 1 N  I ASN 221 ? ? CA I ASN 221 ? ? C  I ASN 221 ? ? 91.52  111.00 -19.48 2.70 N 
12 1 N  L ASN 219 ? ? CA L ASN 219 ? ? C  L ASN 219 ? ? 87.61  111.00 -23.39 2.70 N 
13 1 N  L ASP 220 ? ? CA L ASP 220 ? ? C  L ASP 220 ? ? 93.78  111.00 -17.22 2.70 N 
14 1 N  M ASP 220 ? ? CA M ASP 220 ? ? C  M ASP 220 ? ? 129.39 111.00 18.39  2.70 N 
15 1 CB M ASN 221 ? ? CA M ASN 221 ? ? C  M ASN 221 ? ? 124.21 110.40 13.81  2.00 N 
16 1 N  M PHE 222 ? ? CA M PHE 222 ? ? C  M PHE 222 ? ? 94.67  111.00 -16.33 2.70 N 
17 1 N  P ASN 219 ? ? CA P ASN 219 ? ? C  P ASN 219 ? ? 93.75  111.00 -17.25 2.70 N 
18 1 CB P ASP 220 ? ? CA P ASP 220 ? ? C  P ASP 220 ? ? 90.38  110.40 -20.02 2.00 N 
19 1 N  P ASN 221 ? ? CA P ASN 221 ? ? CB P ASN 221 ? ? 97.64  110.60 -12.96 1.80 N 
20 1 N  P ASN 221 ? ? CA P ASN 221 ? ? C  P ASN 221 ? ? 129.26 111.00 18.26  2.70 N 
21 1 N  T GLY 217 ? ? CA T GLY 217 ? ? C  T GLY 217 ? ? 91.56  113.10 -21.54 2.50 N 
22 1 N  W GLY 218 ? ? CA W GLY 218 ? ? C  W GLY 218 ? ? 142.71 113.10 29.61  2.50 N 
23 1 N  W ASN 219 ? ? CA W ASN 219 ? ? C  W ASN 219 ? ? 83.65  111.00 -27.35 2.70 N 
24 1 N  W ASP 220 ? ? CA W ASP 220 ? ? C  W ASP 220 ? ? 87.31  111.00 -23.69 2.70 N 
25 1 N  W ASN 221 ? ? CA W ASN 221 ? ? CB W ASN 221 ? ? 122.00 110.60 11.40  1.80 N 
26 1 N  W ASN 221 ? ? CA W ASN 221 ? ? C  W ASN 221 ? ? 92.47  111.00 -18.53 2.70 N 
27 1 CB W PHE 222 ? ? CA W PHE 222 ? ? C  W PHE 222 ? ? 127.43 110.40 17.03  2.00 N 
28 1 N  Z GLY 217 ? ? CA Z GLY 217 ? ? C  Z GLY 217 ? ? 94.63  113.10 -18.47 2.50 N 
29 1 CB a ASP 220 ? ? CA a ASP 220 ? ? C  a ASP 220 ? ? 91.20  110.40 -19.20 2.00 N 
30 1 N  a ASN 221 ? ? CA a ASN 221 ? ? CB a ASN 221 ? ? 91.58  110.60 -19.02 1.80 N 
31 1 N  c GLY 217 ? ? CA c GLY 217 ? ? C  c GLY 217 ? ? 86.45  113.10 -26.65 2.50 N 
32 1 CB c ASP 220 ? ? CA c ASP 220 ? ? C  c ASP 220 ? ? 126.24 110.40 15.84  2.00 N 
33 1 N  d GLY 218 ? ? CA d GLY 218 ? ? C  d GLY 218 ? ? 129.32 113.10 16.22  2.50 N 
34 1 N  d ASN 219 ? ? CA d ASN 219 ? ? CB d ASN 219 ? ? 123.25 110.60 12.65  1.80 N 
35 1 CB d ASP 220 ? ? CA d ASP 220 ? ? C  d ASP 220 ? ? 123.98 110.40 13.58  2.00 N 
36 1 N  d ASN 221 ? ? CA d ASN 221 ? ? C  d ASN 221 ? ? 90.18  111.00 -20.82 2.70 N 
37 1 CB d PHE 222 ? ? CA d PHE 222 ? ? C  d PHE 222 ? ? 124.06 110.40 13.66  2.00 N 
38 1 N  e GLY 217 ? ? CA e GLY 217 ? ? C  e GLY 217 ? ? 95.97  113.10 -17.13 2.50 N 
39 1 N  e GLY 218 ? ? CA e GLY 218 ? ? C  e GLY 218 ? ? 96.92  113.10 -16.18 2.50 N 
40 1 N  e ASN 221 ? ? CA e ASN 221 ? ? C  e ASN 221 ? ? 94.59  111.00 -16.41 2.70 N 
41 1 N  e PHE 222 ? ? CA e PHE 222 ? ? C  e PHE 222 ? ? 93.47  111.00 -17.53 2.70 N 
42 1 N  i GLY 217 ? ? CA i GLY 217 ? ? C  i GLY 217 ? ? 92.55  113.10 -20.55 2.50 N 
43 1 CB i PHE 222 ? ? CA i PHE 222 ? ? C  i PHE 222 ? ? 127.74 110.40 17.34  2.00 N 
44 1 N  i GLY 223 ? ? CA i GLY 223 ? ? C  i GLY 223 ? ? 129.54 113.10 16.44  2.50 N 
45 1 CB j ASN 219 ? ? CA j ASN 219 ? ? C  j ASN 219 ? ? 125.32 110.40 14.92  2.00 N 
46 1 N  j ASN 219 ? ? CA j ASN 219 ? ? CB j ASN 219 ? ? 99.15  110.60 -11.45 1.80 N 
47 1 N  j ASN 219 ? ? CA j ASN 219 ? ? C  j ASN 219 ? ? 94.64  111.00 -16.36 2.70 N 
48 1 N  j ASP 220 ? ? CA j ASP 220 ? ? CB j ASP 220 ? ? 97.57  110.60 -13.03 1.80 N 
49 1 CB j PHE 222 ? ? CA j PHE 222 ? ? C  j PHE 222 ? ? 131.95 110.40 21.55  2.00 N 
50 1 N  j PHE 222 ? ? CA j PHE 222 ? ? C  j PHE 222 ? ? 88.44  111.00 -22.56 2.70 N 
51 1 N  p GLY 217 ? ? CA p GLY 217 ? ? C  p GLY 217 ? ? 95.96  113.10 -17.14 2.50 N 
52 1 CB p ASN 221 ? ? CA p ASN 221 ? ? C  p ASN 221 ? ? 126.61 110.40 16.21  2.00 N 
53 1 N  p ASN 221 ? ? CA p ASN 221 ? ? C  p ASN 221 ? ? 90.34  111.00 -20.66 2.70 N 
54 1 N  q GLY 217 ? ? CA q GLY 217 ? ? C  q GLY 217 ? ? 156.30 113.10 43.20  2.50 N 
55 1 N  q GLY 218 ? ? CA q GLY 218 ? ? C  q GLY 218 ? ? 135.05 113.10 21.95  2.50 N 
56 1 N  q ASP 220 ? ? CA q ASP 220 ? ? CB q ASP 220 ? ? 93.18  110.60 -17.42 1.80 N 
57 1 N  q ASP 220 ? ? CA q ASP 220 ? ? C  q ASP 220 ? ? 133.64 111.00 22.64  2.70 N 
58 1 N  q PHE 222 ? ? CA q PHE 222 ? ? C  q PHE 222 ? ? 87.52  111.00 -23.48 2.70 N 
59 1 N  s GLY 218 ? ? CA s GLY 218 ? ? C  s GLY 218 ? ? 93.54  113.10 -19.56 2.50 N 
60 1 N  s PHE 222 ? ? CA s PHE 222 ? ? C  s PHE 222 ? ? 87.35  111.00 -23.65 2.70 N 
61 1 N  t GLY 217 ? ? CA t GLY 217 ? ? C  t GLY 217 ? ? 98.01  113.10 -15.09 2.50 N 
62 1 CB t PHE 222 ? ? CA t PHE 222 ? ? C  t PHE 222 ? ? 122.92 110.40 12.52  2.00 N 
63 1 CB w PHE 222 ? ? CA w PHE 222 ? ? C  w PHE 222 ? ? 127.63 110.40 17.23  2.00 N 
64 1 N  x ASN 219 ? ? CA x ASN 219 ? ? CB x ASN 219 ? ? 94.39  110.60 -16.21 1.80 N 
65 1 CB 0 ASP 220 ? ? CA 0 ASP 220 ? ? C  0 ASP 220 ? ? 98.02  110.40 -12.38 2.00 N 
66 1 N  0 ASN 221 ? ? CA 0 ASN 221 ? ? C  0 ASN 221 ? ? 87.99  111.00 -23.01 2.70 N 
67 1 N  0 PHE 222 ? ? CA 0 PHE 222 ? ? CB 0 PHE 222 ? ? 123.73 110.60 13.13  1.80 N 
68 1 N  3 GLY 217 ? ? CA 3 GLY 217 ? ? C  3 GLY 217 ? ? 143.32 113.10 30.22  2.50 N 
69 1 N  3 GLY 218 ? ? CA 3 GLY 218 ? ? C  3 GLY 218 ? ? 134.40 113.10 21.30  2.50 N 
70 1 CB 3 ASP 220 ? ? CA 3 ASP 220 ? ? C  3 ASP 220 ? ? 124.09 110.40 13.69  2.00 N 
71 1 N  3 PHE 222 ? ? CA 3 PHE 222 ? ? C  3 PHE 222 ? ? 88.32  111.00 -22.68 2.70 N 
# 
loop_
_pdbx_validate_torsion.id 
_pdbx_validate_torsion.PDB_model_num 
_pdbx_validate_torsion.auth_comp_id 
_pdbx_validate_torsion.auth_asym_id 
_pdbx_validate_torsion.auth_seq_id 
_pdbx_validate_torsion.PDB_ins_code 
_pdbx_validate_torsion.label_alt_id 
_pdbx_validate_torsion.phi 
_pdbx_validate_torsion.psi 
1 1 PHI F 216 ? ? -39.78  120.48  
2 1 PHI L 216 ? ? 40.50   -125.92 
3 1 PHI M 216 ? ? 46.05   -117.14 
4 1 PHI W 216 ? ? 44.76   -126.04 
5 1 PHE Z 222 ? ? -162.40 -167.57 
6 1 PHI s 216 ? ? -37.49  123.96  
# 
_pdbx_entry_details.entry_id                 8IKB 
_pdbx_entry_details.has_ligand_of_interest   Y 
_pdbx_entry_details.compound_details         ? 
_pdbx_entry_details.source_details           ? 
_pdbx_entry_details.nonpolymer_details       ? 
_pdbx_entry_details.sequence_details         ? 
# 
_em_3d_fitting.id                1 
_em_3d_fitting.entry_id          8IKB 
_em_3d_fitting.method            ? 
_em_3d_fitting.target_criteria   ? 
_em_3d_fitting.details           ? 
_em_3d_fitting.overall_b_value   ? 
_em_3d_fitting.ref_space         ? 
_em_3d_fitting.ref_protocol      ? 
# 
_em_3d_reconstruction.entry_id                    8IKB 
_em_3d_reconstruction.id                          1 
_em_3d_reconstruction.method                      ? 
_em_3d_reconstruction.algorithm                   ? 
_em_3d_reconstruction.citation_id                 ? 
_em_3d_reconstruction.details                     ? 
_em_3d_reconstruction.resolution                  3.71 
_em_3d_reconstruction.resolution_method           'FSC 0.143 CUT-OFF' 
_em_3d_reconstruction.magnification_calibration   ? 
_em_3d_reconstruction.nominal_pixel_size          ? 
_em_3d_reconstruction.actual_pixel_size           ? 
_em_3d_reconstruction.num_particles               6826 
_em_3d_reconstruction.euler_angles_details        ? 
_em_3d_reconstruction.num_class_averages          ? 
_em_3d_reconstruction.refinement_type             ? 
_em_3d_reconstruction.image_processing_id         1 
_em_3d_reconstruction.symmetry_type               HELICAL 
# 
_em_buffer.id            1 
_em_buffer.specimen_id   1 
_em_buffer.name          ? 
_em_buffer.details       ? 
_em_buffer.pH            7.0 
# 
_em_entity_assembly.id                   1 
_em_entity_assembly.parent_id            0 
_em_entity_assembly.source               RECOMBINANT 
_em_entity_assembly.type                 'ORGANELLE OR CELLULAR COMPONENT' 
_em_entity_assembly.name                 'Cryo-EM structure of hnRAC1-2I fibril.' 
_em_entity_assembly.details              ? 
_em_entity_assembly.synonym              ? 
_em_entity_assembly.oligomeric_details   ? 
_em_entity_assembly.entity_id_list       1 
# 
_em_imaging.entry_id                        8IKB 
_em_imaging.id                              1 
_em_imaging.astigmatism                     ? 
_em_imaging.electron_beam_tilt_params       ? 
_em_imaging.residual_tilt                   ? 
_em_imaging.microscope_model                'FEI TITAN KRIOS' 
_em_imaging.specimen_holder_type            ? 
_em_imaging.specimen_holder_model           ? 
_em_imaging.details                         ? 
_em_imaging.date                            ? 
_em_imaging.accelerating_voltage            300 
_em_imaging.illumination_mode               'FLOOD BEAM' 
_em_imaging.mode                            'BRIGHT FIELD' 
_em_imaging.nominal_cs                      ? 
_em_imaging.nominal_defocus_min             1000 
_em_imaging.nominal_defocus_max             2000 
_em_imaging.calibrated_defocus_min          ? 
_em_imaging.calibrated_defocus_max          ? 
_em_imaging.tilt_angle_min                  ? 
_em_imaging.tilt_angle_max                  ? 
_em_imaging.nominal_magnification           ? 
_em_imaging.calibrated_magnification        ? 
_em_imaging.electron_source                 'FIELD EMISSION GUN' 
_em_imaging.citation_id                     ? 
_em_imaging.temperature                     ? 
_em_imaging.detector_distance               ? 
_em_imaging.recording_temperature_minimum   ? 
_em_imaging.recording_temperature_maximum   ? 
_em_imaging.alignment_procedure             ? 
_em_imaging.c2_aperture_diameter            ? 
_em_imaging.specimen_id                     1 
_em_imaging.cryogen                         ? 
# 
_em_vitrification.entry_id              8IKB 
_em_vitrification.id                    1 
_em_vitrification.specimen_id           1 
_em_vitrification.cryogen_name          ETHANE 
_em_vitrification.humidity              ? 
_em_vitrification.temp                  ? 
_em_vitrification.chamber_temperature   ? 
_em_vitrification.instrument            ? 
_em_vitrification.method                ? 
_em_vitrification.time_resolved_state   ? 
_em_vitrification.citation_id           ? 
_em_vitrification.details               ? 
# 
_em_experiment.entry_id                8IKB 
_em_experiment.id                      1 
_em_experiment.reconstruction_method   HELICAL 
_em_experiment.aggregation_state       FILAMENT 
_em_experiment.entity_assembly_id      1 
# 
loop_
_chem_comp_atom.comp_id 
_chem_comp_atom.atom_id 
_chem_comp_atom.type_symbol 
_chem_comp_atom.pdbx_aromatic_flag 
_chem_comp_atom.pdbx_stereo_config 
_chem_comp_atom.pdbx_ordinal 
ASN N    N N N 1  
ASN CA   C N S 2  
ASN C    C N N 3  
ASN O    O N N 4  
ASN CB   C N N 5  
ASN CG   C N N 6  
ASN OD1  O N N 7  
ASN ND2  N N N 8  
ASN OXT  O N N 9  
ASN H    H N N 10 
ASN H2   H N N 11 
ASN HA   H N N 12 
ASN HB2  H N N 13 
ASN HB3  H N N 14 
ASN HD21 H N N 15 
ASN HD22 H N N 16 
ASN HXT  H N N 17 
ASP N    N N N 18 
ASP CA   C N S 19 
ASP C    C N N 20 
ASP O    O N N 21 
ASP CB   C N N 22 
ASP CG   C N N 23 
ASP OD1  O N N 24 
ASP OD2  O N N 25 
ASP OXT  O N N 26 
ASP H    H N N 27 
ASP H2   H N N 28 
ASP HA   H N N 29 
ASP HB2  H N N 30 
ASP HB3  H N N 31 
ASP HD2  H N N 32 
ASP HXT  H N N 33 
GLY N    N N N 34 
GLY CA   C N N 35 
GLY C    C N N 36 
GLY O    O N N 37 
GLY OXT  O N N 38 
GLY H    H N N 39 
GLY H2   H N N 40 
GLY HA2  H N N 41 
GLY HA3  H N N 42 
GLY HXT  H N N 43 
PHE N    N N N 44 
PHE CA   C N S 45 
PHE C    C N N 46 
PHE O    O N N 47 
PHE CB   C N N 48 
PHE CG   C Y N 49 
PHE CD1  C Y N 50 
PHE CD2  C Y N 51 
PHE CE1  C Y N 52 
PHE CE2  C Y N 53 
PHE CZ   C Y N 54 
PHE OXT  O N N 55 
PHE H    H N N 56 
PHE H2   H N N 57 
PHE HA   H N N 58 
PHE HB2  H N N 59 
PHE HB3  H N N 60 
PHE HD1  H N N 61 
PHE HD2  H N N 62 
PHE HE1  H N N 63 
PHE HE2  H N N 64 
PHE HZ   H N N 65 
PHE HXT  H N N 66 
PHI N    N N N 67 
PHI CA   C N S 68 
PHI CB   C N N 69 
PHI CG   C Y N 70 
PHI CD1  C Y N 71 
PHI CD2  C Y N 72 
PHI CE1  C Y N 73 
PHI CE2  C Y N 74 
PHI CZ   C Y N 75 
PHI I    I N N 76 
PHI C    C N N 77 
PHI O    O N N 78 
PHI OXT  O N N 79 
PHI H    H N N 80 
PHI H2   H N N 81 
PHI HA   H N N 82 
PHI HB2  H N N 83 
PHI HB3  H N N 84 
PHI HD1  H N N 85 
PHI HD2  H N N 86 
PHI HE1  H N N 87 
PHI HE2  H N N 88 
PHI HXT  H N N 89 
# 
loop_
_chem_comp_bond.comp_id 
_chem_comp_bond.atom_id_1 
_chem_comp_bond.atom_id_2 
_chem_comp_bond.value_order 
_chem_comp_bond.pdbx_aromatic_flag 
_chem_comp_bond.pdbx_stereo_config 
_chem_comp_bond.pdbx_ordinal 
ASN N   CA   sing N N 1  
ASN N   H    sing N N 2  
ASN N   H2   sing N N 3  
ASN CA  C    sing N N 4  
ASN CA  CB   sing N N 5  
ASN CA  HA   sing N N 6  
ASN C   O    doub N N 7  
ASN C   OXT  sing N N 8  
ASN CB  CG   sing N N 9  
ASN CB  HB2  sing N N 10 
ASN CB  HB3  sing N N 11 
ASN CG  OD1  doub N N 12 
ASN CG  ND2  sing N N 13 
ASN ND2 HD21 sing N N 14 
ASN ND2 HD22 sing N N 15 
ASN OXT HXT  sing N N 16 
ASP N   CA   sing N N 17 
ASP N   H    sing N N 18 
ASP N   H2   sing N N 19 
ASP CA  C    sing N N 20 
ASP CA  CB   sing N N 21 
ASP CA  HA   sing N N 22 
ASP C   O    doub N N 23 
ASP C   OXT  sing N N 24 
ASP CB  CG   sing N N 25 
ASP CB  HB2  sing N N 26 
ASP CB  HB3  sing N N 27 
ASP CG  OD1  doub N N 28 
ASP CG  OD2  sing N N 29 
ASP OD2 HD2  sing N N 30 
ASP OXT HXT  sing N N 31 
GLY N   CA   sing N N 32 
GLY N   H    sing N N 33 
GLY N   H2   sing N N 34 
GLY CA  C    sing N N 35 
GLY CA  HA2  sing N N 36 
GLY CA  HA3  sing N N 37 
GLY C   O    doub N N 38 
GLY C   OXT  sing N N 39 
GLY OXT HXT  sing N N 40 
PHE N   CA   sing N N 41 
PHE N   H    sing N N 42 
PHE N   H2   sing N N 43 
PHE CA  C    sing N N 44 
PHE CA  CB   sing N N 45 
PHE CA  HA   sing N N 46 
PHE C   O    doub N N 47 
PHE C   OXT  sing N N 48 
PHE CB  CG   sing N N 49 
PHE CB  HB2  sing N N 50 
PHE CB  HB3  sing N N 51 
PHE CG  CD1  doub Y N 52 
PHE CG  CD2  sing Y N 53 
PHE CD1 CE1  sing Y N 54 
PHE CD1 HD1  sing N N 55 
PHE CD2 CE2  doub Y N 56 
PHE CD2 HD2  sing N N 57 
PHE CE1 CZ   doub Y N 58 
PHE CE1 HE1  sing N N 59 
PHE CE2 CZ   sing Y N 60 
PHE CE2 HE2  sing N N 61 
PHE CZ  HZ   sing N N 62 
PHE OXT HXT  sing N N 63 
PHI N   CA   sing N N 64 
PHI N   H    sing N N 65 
PHI N   H2   sing N N 66 
PHI CA  CB   sing N N 67 
PHI CA  C    sing N N 68 
PHI CA  HA   sing N N 69 
PHI CB  CG   sing N N 70 
PHI CB  HB2  sing N N 71 
PHI CB  HB3  sing N N 72 
PHI CG  CD1  doub Y N 73 
PHI CG  CD2  sing Y N 74 
PHI CD1 CE1  sing Y N 75 
PHI CD1 HD1  sing N N 76 
PHI CD2 CE2  doub Y N 77 
PHI CD2 HD2  sing N N 78 
PHI CE1 CZ   doub Y N 79 
PHI CE1 HE1  sing N N 80 
PHI CE2 CZ   sing Y N 81 
PHI CE2 HE2  sing N N 82 
PHI CZ  I    sing N N 83 
PHI C   O    doub N N 84 
PHI C   OXT  sing N N 85 
PHI OXT HXT  sing N N 86 
# 
_em_ctf_correction.details                  ? 
_em_ctf_correction.em_image_processing_id   1 
_em_ctf_correction.id                       1 
_em_ctf_correction.type                     NONE 
# 
_em_entity_assembly_naturalsource.cell                 ? 
_em_entity_assembly_naturalsource.cellular_location    ? 
_em_entity_assembly_naturalsource.entity_assembly_id   1 
_em_entity_assembly_naturalsource.id                   2 
_em_entity_assembly_naturalsource.ncbi_tax_id          9606 
_em_entity_assembly_naturalsource.organism             'Homo sapiens' 
_em_entity_assembly_naturalsource.organelle            ? 
_em_entity_assembly_naturalsource.organ                ? 
_em_entity_assembly_naturalsource.strain               ? 
_em_entity_assembly_naturalsource.tissue               ? 
# 
_em_entity_assembly_recombinant.cell                 ? 
_em_entity_assembly_recombinant.entity_assembly_id   1 
_em_entity_assembly_recombinant.id                   2 
_em_entity_assembly_recombinant.ncbi_tax_id          9606 
_em_entity_assembly_recombinant.organism             'Homo sapiens' 
_em_entity_assembly_recombinant.plasmid              ? 
_em_entity_assembly_recombinant.strain               ? 
# 
_em_helical_entity.id                             1 
_em_helical_entity.image_processing_id            1 
_em_helical_entity.details                        ? 
_em_helical_entity.axial_symmetry                 C1 
_em_helical_entity.angular_rotation_per_subunit   179.55 
_em_helical_entity.axial_rise_per_subunit         2.40 
# 
_em_image_processing.details              ? 
_em_image_processing.id                   1 
_em_image_processing.image_recording_id   1 
# 
_em_image_recording.average_exposure_time               ? 
_em_image_recording.avg_electron_dose_per_subtomogram   ? 
_em_image_recording.avg_electron_dose_per_image         55 
_em_image_recording.details                             ? 
_em_image_recording.detector_mode                       ? 
_em_image_recording.film_or_detector_model              'GATAN K3 BIOQUANTUM (6k x 4k)' 
_em_image_recording.id                                  1 
_em_image_recording.imaging_id                          1 
_em_image_recording.num_diffraction_images              ? 
_em_image_recording.num_grids_imaged                    ? 
_em_image_recording.num_real_images                     ? 
# 
loop_
_em_software.category 
_em_software.details 
_em_software.id 
_em_software.image_processing_id 
_em_software.fitting_id 
_em_software.imaging_id 
_em_software.name 
_em_software.version 
'PARTICLE SELECTION'       ? 1  1 ? ? ? ? 
'IMAGE ACQUISITION'        ? 2  ? ? 1 ? ? 
MASKING                    ? 3  ? ? ? ? ? 
'CTF CORRECTION'           ? 4  1 ? ? ? ? 
'LAYERLINE INDEXING'       ? 5  ? ? ? ? ? 
'DIFFRACTION INDEXING'     ? 6  ? ? ? ? ? 
'MODEL FITTING'            ? 7  ? ? ? ? ? 
'MODEL REFINEMENT'         ? 8  ? ? ? ? ? 
OTHER                      ? 9  ? ? ? ? ? 
'INITIAL EULER ASSIGNMENT' ? 10 1 ? ? ? ? 
'FINAL EULER ASSIGNMENT'   ? 11 1 ? ? ? ? 
CLASSIFICATION             ? 12 1 ? ? ? ? 
RECONSTRUCTION             ? 13 1 ? ? ? ? 
# 
_em_specimen.concentration           ? 
_em_specimen.details                 ? 
_em_specimen.embedding_applied       NO 
_em_specimen.experiment_id           1 
_em_specimen.id                      1 
_em_specimen.shadowing_applied       NO 
_em_specimen.staining_applied        NO 
_em_specimen.vitrification_applied   YES 
# 
_pdbx_audit_support.funding_organization   'Not funded' 
_pdbx_audit_support.country                ? 
_pdbx_audit_support.grant_number           ? 
_pdbx_audit_support.ordinal                1 
# 
_pdbx_entity_instance_feature.ordinal        1 
_pdbx_entity_instance_feature.comp_id        PHI 
_pdbx_entity_instance_feature.asym_id        ? 
_pdbx_entity_instance_feature.seq_num        ? 
_pdbx_entity_instance_feature.auth_comp_id   PHI 
_pdbx_entity_instance_feature.auth_asym_id   ? 
_pdbx_entity_instance_feature.auth_seq_num   ? 
_pdbx_entity_instance_feature.feature_type   'SUBJECT OF INVESTIGATION' 
_pdbx_entity_instance_feature.details        ? 
# 
_atom_sites.entry_id                    8IKB 
_atom_sites.Cartn_transf_matrix[1][1]   ? 
_atom_sites.Cartn_transf_matrix[1][2]   ? 
_atom_sites.Cartn_transf_matrix[1][3]   ? 
_atom_sites.Cartn_transf_matrix[2][1]   ? 
_atom_sites.Cartn_transf_matrix[2][2]   ? 
_atom_sites.Cartn_transf_matrix[2][3]   ? 
_atom_sites.Cartn_transf_matrix[3][1]   ? 
_atom_sites.Cartn_transf_matrix[3][2]   ? 
_atom_sites.Cartn_transf_matrix[3][3]   ? 
_atom_sites.Cartn_transf_vector[1]      ? 
_atom_sites.Cartn_transf_vector[2]      ? 
_atom_sites.Cartn_transf_vector[3]      ? 
_atom_sites.fract_transf_matrix[1][1]   1.000000 
_atom_sites.fract_transf_matrix[1][2]   0.000000 
_atom_sites.fract_transf_matrix[1][3]   0.000000 
_atom_sites.fract_transf_matrix[2][1]   0.000000 
_atom_sites.fract_transf_matrix[2][2]   1.000000 
_atom_sites.fract_transf_matrix[2][3]   0.000000 
_atom_sites.fract_transf_matrix[3][1]   0.000000 
_atom_sites.fract_transf_matrix[3][2]   0.000000 
_atom_sites.fract_transf_matrix[3][3]   1.000000 
_atom_sites.fract_transf_vector[1]      0.00000 
_atom_sites.fract_transf_vector[2]      0.00000 
_atom_sites.fract_transf_vector[3]      0.00000 
_atom_sites.solution_primary            ? 
_atom_sites.solution_secondary          ? 
_atom_sites.solution_hydrogens          ? 
_atom_sites.special_details             ? 
# 
loop_
_atom_type.symbol 
C 
I 
N 
O 
# 
loop_
_atom_site.group_PDB 
_atom_site.id 
_atom_site.type_symbol 
_atom_site.label_atom_id 
_atom_site.label_alt_id 
_atom_site.label_comp_id 
_atom_site.label_asym_id 
_atom_site.label_entity_id 
_atom_site.label_seq_id 
_atom_site.pdbx_PDB_ins_code 
_atom_site.Cartn_x 
_atom_site.Cartn_y 
_atom_site.Cartn_z 
_atom_site.occupancy 
_atom_site.B_iso_or_equiv 
_atom_site.pdbx_formal_charge 
_atom_site.auth_seq_id 
_atom_site.auth_comp_id 
_atom_site.auth_asym_id 
_atom_site.auth_atom_id 
_atom_site.pdbx_PDB_model_num 
ATOM   1    N N   . GLY A  1 1 ? -36.605 -22.329 -13.522 1.00 55.98 ? 215 GLY D N   1 
ATOM   2    C CA  . GLY A  1 1 ? -36.293 -20.962 -13.148 1.00 55.98 ? 215 GLY D CA  1 
ATOM   3    C C   . GLY A  1 1 ? -34.825 -20.771 -12.846 1.00 55.98 ? 215 GLY D C   1 
ATOM   4    O O   . GLY A  1 1 ? -34.094 -21.741 -12.660 1.00 55.98 ? 215 GLY D O   1 
HETATM 5    N N   . PHI A  1 2 ? -34.383 -19.520 -12.789 1.00 59.14 ? 216 PHI D N   1 
HETATM 6    C CA  . PHI A  1 2 ? -32.990 -19.252 -12.528 1.00 59.14 ? 216 PHI D CA  1 
HETATM 7    C CB  . PHI A  1 2 ? -32.695 -17.758 -12.326 1.00 59.14 ? 216 PHI D CB  1 
HETATM 8    C CG  . PHI A  1 2 ? -31.265 -17.372 -12.247 1.00 59.14 ? 216 PHI D CG  1 
HETATM 9    C CD1 . PHI A  1 2 ? -30.561 -17.505 -11.058 1.00 59.14 ? 216 PHI D CD1 1 
HETATM 10   C CD2 . PHI A  1 2 ? -30.613 -16.822 -13.346 1.00 59.14 ? 216 PHI D CD2 1 
HETATM 11   C CE1 . PHI A  1 2 ? -29.226 -17.130 -10.974 1.00 59.14 ? 216 PHI D CE1 1 
HETATM 12   C CE2 . PHI A  1 2 ? -29.275 -16.446 -13.266 1.00 59.14 ? 216 PHI D CE2 1 
HETATM 13   C CZ  . PHI A  1 2 ? -28.578 -16.600 -12.077 1.00 59.14 ? 216 PHI D CZ  1 
HETATM 14   I I   . PHI A  1 2 ? -26.648 -16.059 -11.925 1.00 59.14 ? 216 PHI D I   1 
HETATM 15   C C   . PHI A  1 2 ? -32.572 -20.037 -11.313 1.00 59.14 ? 216 PHI D C   1 
HETATM 16   O O   . PHI A  1 2 ? -33.165 -20.015 -10.247 1.00 59.14 ? 216 PHI D O   1 
ATOM   17   N N   . GLY A  1 3 ? -31.495 -20.786 -11.485 1.00 54.20 ? 217 GLY D N   1 
ATOM   18   C CA  . GLY A  1 3 ? -30.921 -21.533 -10.390 1.00 54.20 ? 217 GLY D CA  1 
ATOM   19   C C   . GLY A  1 3 ? -29.434 -21.289 -10.360 1.00 54.20 ? 217 GLY D C   1 
ATOM   20   O O   . GLY A  1 3 ? -28.708 -21.806 -11.195 1.00 54.20 ? 217 GLY D O   1 
ATOM   21   N N   . GLY A  1 4 ? -28.977 -20.500 -9.394  1.00 52.49 ? 218 GLY D N   1 
ATOM   22   C CA  . GLY A  1 4 ? -27.580 -20.111 -9.365  1.00 52.49 ? 218 GLY D CA  1 
ATOM   23   C C   . GLY A  1 4 ? -26.713 -21.333 -9.564  1.00 52.49 ? 218 GLY D C   1 
ATOM   24   O O   . GLY A  1 4 ? -25.796 -21.320 -10.383 1.00 52.49 ? 218 GLY D O   1 
ATOM   25   N N   . ASN A  1 5 ? -26.991 -22.401 -8.837  1.00 52.33 ? 219 ASN D N   1 
ATOM   26   C CA  . ASN A  1 5 ? -26.233 -23.632 -8.959  1.00 52.33 ? 219 ASN D CA  1 
ATOM   27   C C   . ASN A  1 5 ? -26.935 -24.711 -9.753  1.00 52.33 ? 219 ASN D C   1 
ATOM   28   O O   . ASN A  1 5 ? -26.306 -25.301 -10.633 1.00 52.33 ? 219 ASN D O   1 
ATOM   29   C CB  . ASN A  1 5 ? -25.799 -23.988 -7.534  1.00 52.33 ? 219 ASN D CB  1 
ATOM   30   C CG  . ASN A  1 5 ? -24.957 -25.231 -7.478  1.00 52.33 ? 219 ASN D CG  1 
ATOM   31   O OD1 . ASN A  1 5 ? -24.130 -25.470 -8.349  1.00 52.33 ? 219 ASN D OD1 1 
ATOM   32   N ND2 . ASN A  1 5 ? -25.160 -26.034 -6.448  1.00 52.33 ? 219 ASN D ND2 1 
ATOM   33   N N   . ASP A  1 6 ? -28.209 -24.977 -9.496  1.00 52.61 ? 220 ASP D N   1 
ATOM   34   C CA  . ASP A  1 6 ? -28.949 -25.999 -10.215 1.00 52.61 ? 220 ASP D CA  1 
ATOM   35   C C   . ASP A  1 6 ? -30.375 -25.571 -10.491 1.00 52.61 ? 220 ASP D C   1 
ATOM   36   O O   . ASP A  1 6 ? -30.912 -24.701 -9.810  1.00 52.61 ? 220 ASP D O   1 
ATOM   37   C CB  . ASP A  1 6 ? -28.965 -27.193 -9.274  1.00 52.61 ? 220 ASP D CB  1 
ATOM   38   C CG  . ASP A  1 6 ? -27.820 -28.113 -9.505  1.00 52.61 ? 220 ASP D CG  1 
ATOM   39   O OD1 . ASP A  1 6 ? -27.315 -28.154 -10.638 1.00 52.61 ? 220 ASP D OD1 1 
ATOM   40   O OD2 . ASP A  1 6 ? -27.424 -28.800 -8.553  1.00 52.61 ? 220 ASP D OD2 1 
ATOM   41   N N   . ASN A  1 7 ? -30.989 -26.190 -11.489 1.00 53.96 ? 221 ASN D N   1 
ATOM   42   C CA  . ASN A  1 7 ? -32.388 -25.907 -11.773 1.00 53.96 ? 221 ASN D CA  1 
ATOM   43   C C   . ASN A  1 7 ? -32.775 -27.305 -12.228 1.00 53.96 ? 221 ASN D C   1 
ATOM   44   O O   . ASN A  1 7 ? -32.084 -27.896 -13.056 1.00 53.96 ? 221 ASN D O   1 
ATOM   45   C CB  . ASN A  1 7 ? -32.514 -24.720 -12.705 1.00 53.96 ? 221 ASN D CB  1 
ATOM   46   C CG  . ASN A  1 7 ? -33.890 -24.597 -13.283 1.00 53.96 ? 221 ASN D CG  1 
ATOM   47   O OD1 . ASN A  1 7 ? -34.878 -24.759 -12.583 1.00 53.96 ? 221 ASN D OD1 1 
ATOM   48   N ND2 . ASN A  1 7 ? -33.968 -24.313 -14.573 1.00 53.96 ? 221 ASN D ND2 1 
ATOM   49   N N   . PHE A  1 8 ? -33.876 -27.819 -11.702 1.00 55.09 ? 222 PHE D N   1 
ATOM   50   C CA  . PHE A  1 8 ? -34.318 -29.159 -12.063 1.00 55.09 ? 222 PHE D CA  1 
ATOM   51   C C   . PHE A  1 8 ? -35.358 -28.921 -13.147 1.00 55.09 ? 222 PHE D C   1 
ATOM   52   O O   . PHE A  1 8 ? -35.413 -29.634 -14.142 1.00 55.09 ? 222 PHE D O   1 
ATOM   53   C CB  . PHE A  1 8 ? -34.288 -30.220 -10.977 1.00 55.09 ? 222 PHE D CB  1 
ATOM   54   C CG  . PHE A  1 8 ? -32.933 -30.497 -10.441 1.00 55.09 ? 222 PHE D CG  1 
ATOM   55   C CD1 . PHE A  1 8 ? -32.208 -31.563 -10.903 1.00 55.09 ? 222 PHE D CD1 1 
ATOM   56   C CD2 . PHE A  1 8 ? -32.393 -29.712 -9.456  1.00 55.09 ? 222 PHE D CD2 1 
ATOM   57   C CE1 . PHE A  1 8 ? -30.964 -31.829 -10.405 1.00 55.09 ? 222 PHE D CE1 1 
ATOM   58   C CE2 . PHE A  1 8 ? -31.150 -29.978 -8.955  1.00 55.09 ? 222 PHE D CE2 1 
ATOM   59   C CZ  . PHE A  1 8 ? -30.435 -31.037 -9.428  1.00 55.09 ? 222 PHE D CZ  1 
ATOM   60   N N   . GLY A  1 9 ? -36.179 -27.896 -12.957 1.00 58.46 ? 223 GLY D N   1 
ATOM   61   C CA  . GLY A  1 9 ? -37.183 -27.568 -13.953 1.00 58.46 ? 223 GLY D CA  1 
ATOM   62   C C   . GLY A  1 9 ? -36.631 -26.620 -14.997 1.00 58.46 ? 223 GLY D C   1 
ATOM   63   O O   . GLY A  1 9 ? -35.422 -26.571 -15.226 1.00 58.46 ? 223 GLY D O   1 
ATOM   64   N N   . GLY B  1 1 ? -20.068 -12.425 -5.254  1.00 70.97 ? 215 GLY E N   1 
ATOM   65   C CA  . GLY B  1 1 ? -21.236 -11.676 -4.829  1.00 70.97 ? 215 GLY E CA  1 
ATOM   66   C C   . GLY B  1 1 ? -22.159 -11.353 -5.982  1.00 70.97 ? 215 GLY E C   1 
ATOM   67   O O   . GLY B  1 1 ? -21.714 -11.161 -7.112  1.00 70.97 ? 215 GLY E O   1 
HETATM 68   N N   . PHI B  1 2 ? -23.456 -11.294 -5.707  1.00 75.34 ? 216 PHI E N   1 
HETATM 69   C CA  . PHI B  1 2 ? -24.404 -10.963 -6.748  1.00 75.34 ? 216 PHI E CA  1 
HETATM 70   C CB  . PHI B  1 2 ? -25.832 -11.082 -6.246  1.00 75.34 ? 216 PHI E CB  1 
HETATM 71   C CG  . PHI B  1 2 ? -26.711 -11.062 -7.469  1.00 75.34 ? 216 PHI E CG  1 
HETATM 72   C CD1 . PHI B  1 2 ? -26.618 -12.106 -8.378  1.00 75.34 ? 216 PHI E CD1 1 
HETATM 73   C CD2 . PHI B  1 2 ? -27.589 -10.010 -7.691  1.00 75.34 ? 216 PHI E CD2 1 
HETATM 74   C CE1 . PHI B  1 2 ? -27.417 -12.106 -9.513  1.00 75.34 ? 216 PHI E CE1 1 
HETATM 75   C CE2 . PHI B  1 2 ? -28.388 -10.009 -8.828  1.00 75.34 ? 216 PHI E CE2 1 
HETATM 76   C CZ  . PHI B  1 2 ? -28.300 -11.057 -9.738  1.00 75.34 ? 216 PHI E CZ  1 
HETATM 77   I I   . PHI B  1 2 ? -29.495 -11.069 -11.450 1.00 75.34 ? 216 PHI E I   1 
HETATM 78   C C   . PHI B  1 2 ? -23.916 -9.597  -7.093  1.00 75.34 ? 216 PHI E C   1 
HETATM 79   O O   . PHI B  1 2 ? -23.627 -8.793  -6.181  1.00 75.34 ? 216 PHI E O   1 
ATOM   80   N N   . GLY B  1 3 ? -23.816 -9.304  -8.381  1.00 73.05 ? 217 GLY E N   1 
ATOM   81   C CA  . GLY B  1 3 ? -23.304 -8.019  -8.807  1.00 73.05 ? 217 GLY E CA  1 
ATOM   82   C C   . GLY B  1 3 ? -24.489 -8.003  -9.737  1.00 73.05 ? 217 GLY E C   1 
ATOM   83   O O   . GLY B  1 3 ? -24.482 -8.704  -10.745 1.00 73.05 ? 217 GLY E O   1 
ATOM   84   N N   . GLY B  1 4 ? -25.501 -7.204  -9.416  1.00 72.43 ? 218 GLY E N   1 
ATOM   85   C CA  . GLY B  1 4 ? -26.706 -7.198  -10.220 1.00 72.43 ? 218 GLY E CA  1 
ATOM   86   C C   . GLY B  1 4 ? -26.476 -6.116  -11.248 1.00 72.43 ? 218 GLY E C   1 
ATOM   87   O O   . GLY B  1 4 ? -26.789 -6.296  -12.424 1.00 72.43 ? 218 GLY E O   1 
ATOM   88   N N   . ASN B  1 5 ? -25.909 -4.995  -10.822 1.00 70.70 ? 219 ASN E N   1 
ATOM   89   C CA  . ASN B  1 5 ? -25.597 -3.924  -11.756 1.00 70.70 ? 219 ASN E CA  1 
ATOM   90   C C   . ASN B  1 5 ? -24.108 -4.089  -11.988 1.00 70.70 ? 219 ASN E C   1 
ATOM   91   O O   . ASN B  1 5 ? -23.667 -4.075  -13.141 1.00 70.70 ? 219 ASN E O   1 
ATOM   92   C CB  . ASN B  1 5 ? -25.872 -2.520  -11.229 1.00 70.70 ? 219 ASN E CB  1 
ATOM   93   C CG  . ASN B  1 5 ? -25.273 -1.461  -12.113 1.00 70.70 ? 219 ASN E CG  1 
ATOM   94   O OD1 . ASN B  1 5 ? -25.276 -1.589  -13.333 1.00 70.70 ? 219 ASN E OD1 1 
ATOM   95   N ND2 . ASN B  1 5 ? -24.738 -0.415  -11.505 1.00 70.70 ? 219 ASN E ND2 1 
ATOM   96   N N   . ASP B  1 6 ? -23.318 -4.228  -10.927 1.00 69.17 ? 220 ASP E N   1 
ATOM   97   C CA  . ASP B  1 6 ? -21.917 -4.593  -11.054 1.00 69.17 ? 220 ASP E CA  1 
ATOM   98   C C   . ASP B  1 6 ? -21.550 -5.134  -9.688  1.00 69.17 ? 220 ASP E C   1 
ATOM   99   O O   . ASP B  1 6 ? -22.215 -4.835  -8.698  1.00 69.17 ? 220 ASP E O   1 
ATOM   100  C CB  . ASP B  1 6 ? -21.080 -3.468  -11.665 1.00 69.17 ? 220 ASP E CB  1 
ATOM   101  C CG  . ASP B  1 6 ? -21.461 -2.120  -11.143 1.00 69.17 ? 220 ASP E CG  1 
ATOM   102  O OD1 . ASP B  1 6 ? -22.547 -2.012  -10.541 1.00 69.17 ? 220 ASP E OD1 1 
ATOM   103  O OD2 . ASP B  1 6 ? -20.676 -1.170  -11.330 1.00 69.17 ? 220 ASP E OD2 1 
ATOM   104  N N   . ASN B  1 7 ? -20.483 -5.915  -9.650  1.00 66.92 ? 221 ASN E N   1 
ATOM   105  C CA  . ASN B  1 7 ? -19.982 -6.553  -8.448  1.00 66.92 ? 221 ASN E CA  1 
ATOM   106  C C   . ASN B  1 7 ? -18.465 -6.475  -8.374  1.00 66.92 ? 221 ASN E C   1 
ATOM   107  O O   . ASN B  1 7 ? -17.763 -6.913  -9.286  1.00 66.92 ? 221 ASN E O   1 
ATOM   108  C CB  . ASN B  1 7 ? -20.156 -8.068  -8.400  1.00 66.92 ? 221 ASN E CB  1 
ATOM   109  C CG  . ASN B  1 7 ? -19.461 -8.698  -7.230  1.00 66.92 ? 221 ASN E CG  1 
ATOM   110  O OD1 . ASN B  1 7 ? -18.962 -8.013  -6.348  1.00 66.92 ? 221 ASN E OD1 1 
ATOM   111  N ND2 . ASN B  1 7 ? -19.412 -10.019 -7.218  1.00 66.92 ? 221 ASN E ND2 1 
ATOM   112  N N   . PHE B  1 8 ? -17.962 -5.916  -7.277  1.00 65.41 ? 222 PHE E N   1 
ATOM   113  C CA  . PHE B  1 8 ? -16.528 -5.857  -6.999  1.00 65.41 ? 222 PHE E CA  1 
ATOM   114  C C   . PHE B  1 8 ? -16.383 -7.088  -6.120  1.00 65.41 ? 222 PHE E C   1 
ATOM   115  O O   . PHE B  1 8 ? -17.091 -7.225  -5.121  1.00 65.41 ? 222 PHE E O   1 
ATOM   116  C CB  . PHE B  1 8 ? -16.272 -4.477  -6.439  1.00 65.41 ? 222 PHE E CB  1 
ATOM   117  C CG  . PHE B  1 8 ? -16.618 -3.382  -7.385  1.00 65.41 ? 222 PHE E CG  1 
ATOM   118  C CD1 . PHE B  1 8 ? -15.654 -2.821  -8.185  1.00 65.41 ? 222 PHE E CD1 1 
ATOM   119  C CD2 . PHE B  1 8 ? -17.910 -2.924  -7.483  1.00 65.41 ? 222 PHE E CD2 1 
ATOM   120  C CE1 . PHE B  1 8 ? -15.974 -1.821  -9.057  1.00 65.41 ? 222 PHE E CE1 1 
ATOM   121  C CE2 . PHE B  1 8 ? -18.232 -1.927  -8.352  1.00 65.41 ? 222 PHE E CE2 1 
ATOM   122  C CZ  . PHE B  1 8 ? -17.264 -1.374  -9.140  1.00 65.41 ? 222 PHE E CZ  1 
ATOM   123  N N   . GLY B  1 9 ? -15.466 -7.971  -6.497  1.00 63.93 ? 223 GLY E N   1 
ATOM   124  C CA  . GLY B  1 9 ? -15.331 -9.279  -5.888  1.00 63.93 ? 223 GLY E CA  1 
ATOM   125  C C   . GLY B  1 9 ? -14.439 -9.096  -4.683  1.00 63.93 ? 223 GLY E C   1 
ATOM   126  O O   . GLY B  1 9 ? -14.608 -9.782  -3.675  1.00 63.93 ? 223 GLY E O   1 
ATOM   127  N N   . GLY C  1 1 ? -1.587  -5.936  2.395   1.00 58.29 ? 215 GLY F N   1 
ATOM   128  C CA  . GLY C  1 1 ? -2.844  -6.035  1.679   1.00 58.29 ? 215 GLY F CA  1 
ATOM   129  C C   . GLY C  1 1 ? -3.237  -7.467  1.401   1.00 58.29 ? 215 GLY F C   1 
ATOM   130  O O   . GLY C  1 1 ? -4.038  -7.728  0.510   1.00 58.29 ? 215 GLY F O   1 
HETATM 131  N N   . PHI C  1 2 ? -2.689  -8.399  2.177   1.00 58.59 ? 216 PHI F N   1 
HETATM 132  C CA  . PHI C  1 2 ? -3.027  -9.801  2.015   1.00 58.59 ? 216 PHI F CA  1 
HETATM 133  C CB  . PHI C  1 2 ? -2.693  -10.545 3.296   1.00 58.59 ? 216 PHI F CB  1 
HETATM 134  C CG  . PHI C  1 2 ? -2.792  -12.025 3.031   1.00 58.59 ? 216 PHI F CG  1 
HETATM 135  C CD1 . PHI C  1 2 ? -1.692  -12.705 2.528   1.00 58.59 ? 216 PHI F CD1 1 
HETATM 136  C CD2 . PHI C  1 2 ? -3.978  -12.701 3.285   1.00 58.59 ? 216 PHI F CD2 1 
HETATM 137  C CE1 . PHI C  1 2 ? -1.780  -14.068 2.278   1.00 58.59 ? 216 PHI F CE1 1 
HETATM 138  C CE2 . PHI C  1 2 ? -4.065  -14.064 3.037   1.00 58.59 ? 216 PHI F CE2 1 
HETATM 139  C CZ  . PHI C  1 2 ? -2.964  -14.746 2.534   1.00 58.59 ? 216 PHI F CZ  1 
HETATM 140  I I   . PHI C  1 2 ? -3.090  -16.797 2.160   1.00 58.59 ? 216 PHI F I   1 
HETATM 141  C C   . PHI C  1 2 ? -4.491  -9.889  1.744   1.00 58.59 ? 216 PHI F C   1 
HETATM 142  O O   . PHI C  1 2 ? -5.297  -9.449  2.590   1.00 58.59 ? 216 PHI F O   1 
ATOM   143  N N   . GLY C  1 3 ? -4.862  -10.448 0.602   1.00 57.26 ? 217 GLY F N   1 
ATOM   144  C CA  . GLY C  1 3 ? -6.260  -10.509 0.238   1.00 57.26 ? 217 GLY F CA  1 
ATOM   145  C C   . GLY C  1 3 ? -6.076  -12.001 0.107   1.00 57.26 ? 217 GLY F C   1 
ATOM   146  O O   . GLY C  1 3 ? -5.079  -12.453 -0.453  1.00 57.26 ? 217 GLY F O   1 
ATOM   147  N N   . GLY C  1 4 ? -7.019  -12.779 0.624   1.00 55.38 ? 218 GLY F N   1 
ATOM   148  C CA  . GLY C  1 4 ? -6.871  -14.224 0.608   1.00 55.38 ? 218 GLY F CA  1 
ATOM   149  C C   . GLY C  1 4 ? -7.538  -14.375 -0.741  1.00 55.38 ? 218 GLY F C   1 
ATOM   150  O O   . GLY C  1 4 ? -7.048  -15.109 -1.599  1.00 55.38 ? 218 GLY F O   1 
ATOM   151  N N   . ASN C  1 5 ? -8.658  -13.687 -0.937  1.00 56.94 ? 219 ASN F N   1 
ATOM   152  C CA  . ASN C  1 5 ? -9.358  -13.734 -2.212  1.00 56.94 ? 219 ASN F CA  1 
ATOM   153  C C   . ASN C  1 5 ? -9.201  -12.626 -3.235  1.00 56.94 ? 219 ASN F C   1 
ATOM   154  O O   . ASN C  1 5 ? -9.063  -12.895 -4.427  1.00 56.94 ? 219 ASN F O   1 
ATOM   155  C CB  . ASN C  1 5 ? -10.798 -13.758 -1.716  1.00 56.94 ? 219 ASN F CB  1 
ATOM   156  C CG  . ASN C  1 5 ? -11.764 -14.254 -2.771  1.00 56.94 ? 219 ASN F CG  1 
ATOM   157  O OD1 . ASN C  1 5 ? -11.411 -15.077 -3.614  1.00 56.94 ? 219 ASN F OD1 1 
ATOM   158  N ND2 . ASN C  1 5 ? -12.995 -13.760 -2.724  1.00 56.94 ? 219 ASN F ND2 1 
ATOM   159  N N   . ASP C  1 6 ? -9.214  -11.379 -2.781  1.00 59.62 ? 220 ASP F N   1 
ATOM   160  C CA  . ASP C  1 6 ? -9.021  -10.251 -3.689  1.00 59.62 ? 220 ASP F CA  1 
ATOM   161  C C   . ASP C  1 6 ? -8.559  -9.042  -2.897  1.00 59.62 ? 220 ASP F C   1 
ATOM   162  O O   . ASP C  1 6 ? -9.031  -8.806  -1.786  1.00 59.62 ? 220 ASP F O   1 
ATOM   163  C CB  . ASP C  1 6 ? -10.280 -9.952  -4.505  1.00 59.62 ? 220 ASP F CB  1 
ATOM   164  C CG  . ASP C  1 6 ? -11.464 -9.582  -3.640  1.00 59.62 ? 220 ASP F CG  1 
ATOM   165  O OD1 . ASP C  1 6 ? -11.326 -9.632  -2.401  1.00 59.62 ? 220 ASP F OD1 1 
ATOM   166  O OD2 . ASP C  1 6 ? -12.529 -9.242  -4.196  1.00 59.62 ? 220 ASP F OD2 1 
ATOM   167  N N   . ASN C  1 7 ? -7.637  -8.274  -3.464  1.00 62.64 ? 221 ASN F N   1 
ATOM   168  C CA  . ASN C  1 7 ? -7.155  -7.073  -2.794  1.00 62.64 ? 221 ASN F CA  1 
ATOM   169  C C   . ASN C  1 7 ? -7.527  -5.620  -3.005  1.00 62.64 ? 221 ASN F C   1 
ATOM   170  O O   . ASN C  1 7 ? -7.729  -4.880  -2.044  1.00 62.64 ? 221 ASN F O   1 
ATOM   171  C CB  . ASN C  1 7 ? -5.785  -7.269  -2.150  1.00 62.64 ? 221 ASN F CB  1 
ATOM   172  C CG  . ASN C  1 7 ? -5.123  -5.954  -1.791  1.00 62.64 ? 221 ASN F CG  1 
ATOM   173  O OD1 . ASN C  1 7 ? -5.498  -5.303  -0.817  1.00 62.64 ? 221 ASN F OD1 1 
ATOM   174  N ND2 . ASN C  1 7 ? -4.134  -5.554  -2.582  1.00 62.64 ? 221 ASN F ND2 1 
ATOM   175  N N   . PHE C  1 8 ? -7.619  -5.206  -4.261  1.00 65.32 ? 222 PHE F N   1 
ATOM   176  C CA  . PHE C  1 8 ? -7.985  -3.832  -4.563  1.00 65.32 ? 222 PHE F CA  1 
ATOM   177  C C   . PHE C  1 8 ? -7.052  -2.744  -4.070  1.00 65.32 ? 222 PHE F C   1 
ATOM   178  O O   . PHE C  1 8 ? -7.466  -1.598  -3.896  1.00 65.32 ? 222 PHE F O   1 
ATOM   179  C CB  . PHE C  1 8 ? -9.408  -3.309  -4.742  1.00 65.32 ? 222 PHE F CB  1 
ATOM   180  C CG  . PHE C  1 8 ? -10.334 -4.295  -5.399  1.00 65.32 ? 222 PHE F CG  1 
ATOM   181  C CD1 . PHE C  1 8 ? -10.368 -4.424  -6.778  1.00 65.32 ? 222 PHE F CD1 1 
ATOM   182  C CD2 . PHE C  1 8 ? -11.166 -5.099  -4.638  1.00 65.32 ? 222 PHE F CD2 1 
ATOM   183  C CE1 . PHE C  1 8 ? -11.213 -5.333  -7.385  1.00 65.32 ? 222 PHE F CE1 1 
ATOM   184  C CE2 . PHE C  1 8 ? -12.015 -6.009  -5.239  1.00 65.32 ? 222 PHE F CE2 1 
ATOM   185  C CZ  . PHE C  1 8 ? -12.040 -6.126  -6.614  1.00 65.32 ? 222 PHE F CZ  1 
ATOM   186  N N   . GLY C  1 9 ? -5.790  -3.095  -3.839  1.00 65.94 ? 223 GLY F N   1 
ATOM   187  C CA  . GLY C  1 9 ? -4.838  -2.139  -3.316  1.00 65.94 ? 223 GLY F CA  1 
ATOM   188  C C   . GLY C  1 9 ? -5.025  -1.936  -1.823  1.00 65.94 ? 223 GLY F C   1 
ATOM   189  O O   . GLY C  1 9 ? -6.011  -2.387  -1.239  1.00 65.94 ? 223 GLY F O   1 
ATOM   190  N N   . GLY D  1 1 ? -30.803 -1.967  -14.998 1.00 83.83 ? 215 GLY I N   1 
ATOM   191  C CA  . GLY D  1 1 ? -30.144 -2.691  -13.929 1.00 83.83 ? 215 GLY I CA  1 
ATOM   192  C C   . GLY D  1 1 ? -30.484 -4.165  -13.948 1.00 83.83 ? 215 GLY I C   1 
ATOM   193  O O   . GLY D  1 1 ? -29.617 -5.009  -13.721 1.00 83.83 ? 215 GLY I O   1 
HETATM 194  N N   . PHI D  1 2 ? -31.744 -4.490  -14.212 1.00 88.05 ? 216 PHI I N   1 
HETATM 195  C CA  . PHI D  1 2 ? -32.143 -5.881  -14.276 1.00 88.05 ? 216 PHI I CA  1 
HETATM 196  C CB  . PHI D  1 2 ? -32.407 -6.424  -12.880 1.00 88.05 ? 216 PHI I CB  1 
HETATM 197  C CG  . PHI D  1 2 ? -32.408 -7.925  -13.016 1.00 88.05 ? 216 PHI I CG  1 
HETATM 198  C CD1 . PHI D  1 2 ? -31.245 -8.567  -13.417 1.00 88.05 ? 216 PHI I CD1 1 
HETATM 199  C CD2 . PHI D  1 2 ? -33.560 -8.656  -12.761 1.00 88.05 ? 216 PHI I CD2 1 
HETATM 200  C CE1 . PHI D  1 2 ? -31.230 -9.947  -13.554 1.00 88.05 ? 216 PHI I CE1 1 
HETATM 201  C CE2 . PHI D  1 2 ? -33.546 -10.038 -12.900 1.00 88.05 ? 216 PHI I CE2 1 
HETATM 202  C CZ  . PHI D  1 2 ? -32.380 -10.682 -13.296 1.00 88.05 ? 216 PHI I CZ  1 
HETATM 203  I I   . PHI D  1 2 ? -32.346 -12.762 -13.506 1.00 88.05 ? 216 PHI I I   1 
HETATM 204  C C   . PHI D  1 2 ? -33.278 -5.953  -15.245 1.00 88.05 ? 216 PHI I C   1 
HETATM 205  O O   . PHI D  1 2 ? -33.941 -4.928  -15.506 1.00 88.05 ? 216 PHI I O   1 
ATOM   206  N N   . GLY D  1 3 ? -33.531 -7.141  -15.779 1.00 88.38 ? 217 GLY I N   1 
ATOM   207  C CA  . GLY D  1 3 ? -34.619 -7.316  -16.718 1.00 88.38 ? 217 GLY I CA  1 
ATOM   208  C C   . GLY D  1 3 ? -35.832 -7.587  -15.862 1.00 88.38 ? 217 GLY I C   1 
ATOM   209  O O   . GLY D  1 3 ? -35.731 -8.245  -14.828 1.00 88.38 ? 217 GLY I O   1 
ATOM   210  N N   . GLY D  1 4 ? -36.984 -7.076  -16.277 1.00 88.07 ? 218 GLY I N   1 
ATOM   211  C CA  . GLY D  1 4 ? -38.210 -7.335  -15.548 1.00 88.07 ? 218 GLY I CA  1 
ATOM   212  C C   . GLY D  1 4 ? -39.108 -8.200  -16.402 1.00 88.07 ? 218 GLY I C   1 
ATOM   213  O O   . GLY D  1 4 ? -38.732 -8.536  -17.525 1.00 88.07 ? 218 GLY I O   1 
ATOM   214  N N   . ASN D  1 5 ? -40.275 -8.573  -15.881 1.00 86.98 ? 219 ASN I N   1 
ATOM   215  C CA  . ASN D  1 5 ? -41.240 -9.388  -16.635 1.00 86.98 ? 219 ASN I CA  1 
ATOM   216  C C   . ASN D  1 5 ? -40.590 -10.717 -17.023 1.00 86.98 ? 219 ASN I C   1 
ATOM   217  O O   . ASN D  1 5 ? -40.849 -11.229 -18.111 1.00 86.98 ? 219 ASN I O   1 
ATOM   218  C CB  . ASN D  1 5 ? -41.396 -8.970  -18.105 1.00 86.98 ? 219 ASN I CB  1 
ATOM   219  C CG  . ASN D  1 5 ? -42.183 -7.684  -18.267 1.00 86.98 ? 219 ASN I CG  1 
ATOM   220  O OD1 . ASN D  1 5 ? -42.965 -7.307  -17.395 1.00 86.98 ? 219 ASN I OD1 1 
ATOM   221  N ND2 . ASN D  1 5 ? -41.980 -7.003  -19.389 1.00 86.98 ? 219 ASN I ND2 1 
ATOM   222  N N   . ASP D  1 6 ? -39.748 -11.267 -16.152 1.00 84.65 ? 220 ASP I N   1 
ATOM   223  C CA  . ASP D  1 6 ? -39.092 -12.538 -16.433 1.00 84.65 ? 220 ASP I CA  1 
ATOM   224  C C   . ASP D  1 6 ? -40.034 -13.299 -15.532 1.00 84.65 ? 220 ASP I C   1 
ATOM   225  O O   . ASP D  1 6 ? -40.121 -13.014 -14.339 1.00 84.65 ? 220 ASP I O   1 
ATOM   226  C CB  . ASP D  1 6 ? -37.668 -12.582 -15.894 1.00 84.65 ? 220 ASP I CB  1 
ATOM   227  C CG  . ASP D  1 6 ? -36.653 -12.078 -16.898 1.00 84.65 ? 220 ASP I CG  1 
ATOM   228  O OD1 . ASP D  1 6 ? -37.003 -11.964 -18.091 1.00 84.65 ? 220 ASP I OD1 1 
ATOM   229  O OD2 . ASP D  1 6 ? -35.505 -11.805 -16.493 1.00 84.65 ? 220 ASP I OD2 1 
ATOM   230  N N   . ASN D  1 7 ? -40.747 -14.268 -16.089 1.00 80.38 ? 221 ASN I N   1 
ATOM   231  C CA  . ASN D  1 7 ? -41.740 -14.977 -15.302 1.00 80.38 ? 221 ASN I CA  1 
ATOM   232  C C   . ASN D  1 7 ? -40.760 -16.087 -14.992 1.00 80.38 ? 221 ASN I C   1 
ATOM   233  O O   . ASN D  1 7 ? -40.034 -16.542 -15.874 1.00 80.38 ? 221 ASN I O   1 
ATOM   234  C CB  . ASN D  1 7 ? -43.009 -15.571 -15.906 1.00 80.38 ? 221 ASN I CB  1 
ATOM   235  C CG  . ASN D  1 7 ? -44.011 -14.506 -16.313 1.00 80.38 ? 221 ASN I CG  1 
ATOM   236  O OD1 . ASN D  1 7 ? -43.989 -13.388 -15.799 1.00 80.38 ? 221 ASN I OD1 1 
ATOM   237  N ND2 . ASN D  1 7 ? -44.904 -14.853 -17.232 1.00 80.38 ? 221 ASN I ND2 1 
ATOM   238  N N   . PHE D  1 8 ? -40.731 -16.531 -13.744 1.00 77.86 ? 222 PHE I N   1 
ATOM   239  C CA  . PHE D  1 8 ? -39.868 -17.651 -13.389 1.00 77.86 ? 222 PHE I CA  1 
ATOM   240  C C   . PHE D  1 8 ? -40.517 -19.028 -13.378 1.00 77.86 ? 222 PHE I C   1 
ATOM   241  O O   . PHE D  1 8 ? -39.821 -20.021 -13.587 1.00 77.86 ? 222 PHE I O   1 
ATOM   242  C CB  . PHE D  1 8 ? -38.960 -17.233 -12.226 1.00 77.86 ? 222 PHE I CB  1 
ATOM   243  C CG  . PHE D  1 8 ? -38.014 -16.127 -12.576 1.00 77.86 ? 222 PHE I CG  1 
ATOM   244  C CD1 . PHE D  1 8 ? -36.820 -16.404 -13.218 1.00 77.86 ? 222 PHE I CD1 1 
ATOM   245  C CD2 . PHE D  1 8 ? -38.319 -14.814 -12.273 1.00 77.86 ? 222 PHE I CD2 1 
ATOM   246  C CE1 . PHE D  1 8 ? -35.945 -15.390 -13.548 1.00 77.86 ? 222 PHE I CE1 1 
ATOM   247  C CE2 . PHE D  1 8 ? -37.448 -13.794 -12.597 1.00 77.86 ? 222 PHE I CE2 1 
ATOM   248  C CZ  . PHE D  1 8 ? -36.258 -14.083 -13.234 1.00 77.86 ? 222 PHE I CZ  1 
ATOM   249  N N   . GLY D  1 9 ? -41.823 -19.083 -13.148 1.00 75.50 ? 223 GLY I N   1 
ATOM   250  C CA  . GLY D  1 9 ? -42.524 -20.351 -13.125 1.00 75.50 ? 223 GLY I CA  1 
ATOM   251  C C   . GLY D  1 9 ? -43.726 -20.530 -14.030 1.00 75.50 ? 223 GLY I C   1 
ATOM   252  O O   . GLY D  1 9 ? -43.656 -20.264 -15.228 1.00 75.50 ? 223 GLY I O   1 
ATOM   253  N N   . GLY E  1 1 ? -13.217 -20.475 -2.300  1.00 48.39 ? 215 GLY J N   1 
ATOM   254  C CA  . GLY E  1 1 ? -12.356 -19.395 -1.854  1.00 48.39 ? 215 GLY J CA  1 
ATOM   255  C C   . GLY E  1 1 ? -10.954 -19.876 -1.551  1.00 48.39 ? 215 GLY J C   1 
ATOM   256  O O   . GLY E  1 1 ? -10.452 -20.790 -2.203  1.00 48.39 ? 215 GLY J O   1 
HETATM 257  N N   . PHI E  1 2 ? -10.312 -19.272 -0.556  1.00 52.37 ? 216 PHI J N   1 
HETATM 258  C CA  . PHI E  1 2 ? -8.976  -19.681 -0.188  1.00 52.37 ? 216 PHI J CA  1 
HETATM 259  C CB  . PHI E  1 2 ? -8.358  -18.701 0.799   1.00 52.37 ? 216 PHI J CB  1 
HETATM 260  C CG  . PHI E  1 2 ? -6.897  -19.055 0.948   1.00 52.37 ? 216 PHI J CG  1 
HETATM 261  C CD1 . PHI E  1 2 ? -6.488  -19.960 1.921   1.00 52.37 ? 216 PHI J CD1 1 
HETATM 262  C CD2 . PHI E  1 2 ? -5.961  -18.474 0.102   1.00 52.37 ? 216 PHI J CD2 1 
HETATM 263  C CE1 . PHI E  1 2 ? -5.145  -20.286 2.052   1.00 52.37 ? 216 PHI J CE1 1 
HETATM 264  C CE2 . PHI E  1 2 ? -4.617  -18.799 0.234   1.00 52.37 ? 216 PHI J CE2 1 
HETATM 265  C CZ  . PHI E  1 2 ? -4.209  -19.703 1.207   1.00 52.37 ? 216 PHI J CZ  1 
HETATM 266  I I   . PHI E  1 2 ? -2.185  -20.187 1.401   1.00 52.37 ? 216 PHI J I   1 
HETATM 267  C C   . PHI E  1 2 ? -9.280  -21.071 0.272   1.00 52.37 ? 216 PHI J C   1 
HETATM 268  O O   . PHI E  1 2 ? -10.263 -21.269 1.016   1.00 52.37 ? 216 PHI J O   1 
ATOM   269  N N   . GLY E  1 3 ? -8.479  -22.041 -0.146  1.00 48.28 ? 217 GLY J N   1 
ATOM   270  C CA  . GLY E  1 3 ? -8.666  -23.401 0.302   1.00 48.28 ? 217 GLY J CA  1 
ATOM   271  C C   . GLY E  1 3 ? -9.894  -24.204 -0.030  1.00 48.28 ? 217 GLY J C   1 
ATOM   272  O O   . GLY E  1 3 ? -10.141 -25.246 0.568   1.00 48.28 ? 217 GLY J O   1 
ATOM   273  N N   . GLY E  1 4 ? -10.671 -23.730 -0.996  1.00 45.87 ? 218 GLY J N   1 
ATOM   274  C CA  . GLY E  1 4 ? -11.922 -24.384 -1.313  1.00 45.87 ? 218 GLY J CA  1 
ATOM   275  C C   . GLY E  1 4 ? -12.377 -23.939 -2.680  1.00 45.87 ? 218 GLY J C   1 
ATOM   276  O O   . GLY E  1 4 ? -11.915 -22.935 -3.219  1.00 45.87 ? 218 GLY J O   1 
ATOM   277  N N   . ASN E  1 5 ? -13.305 -24.703 -3.232  1.00 44.24 ? 219 ASN J N   1 
ATOM   278  C CA  . ASN E  1 5 ? -13.757 -24.498 -4.595  1.00 44.24 ? 219 ASN J CA  1 
ATOM   279  C C   . ASN E  1 5 ? -15.066 -23.722 -4.629  1.00 44.24 ? 219 ASN J C   1 
ATOM   280  O O   . ASN E  1 5 ? -15.832 -23.712 -3.669  1.00 44.24 ? 219 ASN J O   1 
ATOM   281  C CB  . ASN E  1 5 ? -13.909 -25.844 -5.289  1.00 44.24 ? 219 ASN J CB  1 
ATOM   282  C CG  . ASN E  1 5 ? -14.743 -26.791 -4.498  1.00 44.24 ? 219 ASN J CG  1 
ATOM   283  O OD1 . ASN E  1 5 ? -15.257 -26.436 -3.443  1.00 44.24 ? 219 ASN J OD1 1 
ATOM   284  N ND2 . ASN E  1 5 ? -14.891 -28.007 -4.992  1.00 44.24 ? 219 ASN J ND2 1 
ATOM   285  N N   . ASP E  1 6 ? -15.332 -23.032 -5.732  1.00 43.76 ? 220 ASP J N   1 
ATOM   286  C CA  . ASP E  1 6 ? -16.529 -22.192 -5.768  1.00 43.76 ? 220 ASP J CA  1 
ATOM   287  C C   . ASP E  1 6 ? -17.002 -22.000 -7.197  1.00 43.76 ? 220 ASP J C   1 
ATOM   288  O O   . ASP E  1 6 ? -16.211 -22.074 -8.135  1.00 43.76 ? 220 ASP J O   1 
ATOM   289  C CB  . ASP E  1 6 ? -16.313 -20.927 -4.925  1.00 43.76 ? 220 ASP J CB  1 
ATOM   290  C CG  . ASP E  1 6 ? -15.164 -20.068 -5.429  1.00 43.76 ? 220 ASP J CG  1 
ATOM   291  O OD1 . ASP E  1 6 ? -14.470 -20.468 -6.387  1.00 43.76 ? 220 ASP J OD1 1 
ATOM   292  O OD2 . ASP E  1 6 ? -14.960 -18.974 -4.866  1.00 43.76 ? 220 ASP J OD2 1 
ATOM   293  N N   . ASN E  1 7 ? -18.285 -21.719 -7.370  1.00 42.81 ? 221 ASN J N   1 
ATOM   294  C CA  . ASN E  1 7 ? -18.781 -21.434 -8.705  1.00 42.81 ? 221 ASN J CA  1 
ATOM   295  C C   . ASN E  1 7 ? -19.309 -20.017 -8.650  1.00 42.81 ? 221 ASN J C   1 
ATOM   296  O O   . ASN E  1 7 ? -19.906 -19.611 -7.655  1.00 42.81 ? 221 ASN J O   1 
ATOM   297  C CB  . ASN E  1 7 ? -20.060 -22.174 -9.077  1.00 42.81 ? 221 ASN J CB  1 
ATOM   298  C CG  . ASN E  1 7 ? -21.231 -21.790 -8.195  1.00 42.81 ? 221 ASN J CG  1 
ATOM   299  O OD1 . ASN E  1 7 ? -21.059 -21.156 -7.155  1.00 42.81 ? 221 ASN J OD1 1 
ATOM   300  N ND2 . ASN E  1 7 ? -22.432 -22.177 -8.607  1.00 42.81 ? 221 ASN J ND2 1 
ATOM   301  N N   . PHE E  1 8 ? -19.091 -19.254 -9.712  1.00 42.68 ? 222 PHE J N   1 
ATOM   302  C CA  . PHE E  1 8 ? -19.623 -17.902 -9.776  1.00 42.68 ? 222 PHE J CA  1 
ATOM   303  C C   . PHE E  1 8 ? -20.739 -18.062 -10.774 1.00 42.68 ? 222 PHE J C   1 
ATOM   304  O O   . PHE E  1 8 ? -20.537 -18.625 -11.848 1.00 42.68 ? 222 PHE J O   1 
ATOM   305  C CB  . PHE E  1 8 ? -18.418 -17.052 -10.145 1.00 42.68 ? 222 PHE J CB  1 
ATOM   306  C CG  . PHE E  1 8 ? -17.298 -17.127 -9.156  1.00 42.68 ? 222 PHE J CG  1 
ATOM   307  C CD1 . PHE E  1 8 ? -17.313 -16.343 -8.018  1.00 42.68 ? 222 PHE J CD1 1 
ATOM   308  C CD2 . PHE E  1 8 ? -16.232 -17.983 -9.364  1.00 42.68 ? 222 PHE J CD2 1 
ATOM   309  C CE1 . PHE E  1 8 ? -16.282 -16.408 -7.104  1.00 42.68 ? 222 PHE J CE1 1 
ATOM   310  C CE2 . PHE E  1 8 ? -15.198 -18.053 -8.455  1.00 42.68 ? 222 PHE J CE2 1 
ATOM   311  C CZ  . PHE E  1 8 ? -15.222 -17.262 -7.327  1.00 42.68 ? 222 PHE J CZ  1 
ATOM   312  N N   . GLY E  1 9 ? -21.926 -17.583 -10.421 1.00 42.24 ? 223 GLY J N   1 
ATOM   313  C CA  . GLY E  1 9 ? -23.064 -17.692 -11.313 1.00 42.24 ? 223 GLY J CA  1 
ATOM   314  C C   . GLY E  1 9 ? -22.770 -17.094 -12.674 1.00 42.24 ? 223 GLY J C   1 
ATOM   315  O O   . GLY E  1 9 ? -22.066 -16.090 -12.783 1.00 42.24 ? 223 GLY J O   1 
ATOM   316  N N   . GLY F  1 1 ? -4.512  1.196   -2.637  1.00 74.44 ? 215 GLY L N   1 
ATOM   317  C CA  . GLY F  1 1 ? -4.901  2.490   -2.109  1.00 74.44 ? 215 GLY L CA  1 
ATOM   318  C C   . GLY F  1 1 ? -6.322  2.858   -2.475  1.00 74.44 ? 215 GLY L C   1 
ATOM   319  O O   . GLY F  1 1 ? -6.949  3.661   -1.784  1.00 74.44 ? 215 GLY L O   1 
HETATM 320  N N   . PHI F  1 2 ? -6.832  2.278   -3.556  1.00 75.80 ? 216 PHI L N   1 
HETATM 321  C CA  . PHI F  1 2 ? -8.188  2.562   -3.988  1.00 75.80 ? 216 PHI L CA  1 
HETATM 322  C CB  . PHI F  1 2 ? -9.163  1.801   -3.100  1.00 75.80 ? 216 PHI L CB  1 
HETATM 323  C CG  . PHI F  1 2 ? -10.336 1.371   -3.942  1.00 75.80 ? 216 PHI L CG  1 
HETATM 324  C CD1 . PHI F  1 2 ? -10.407 0.065   -4.410  1.00 75.80 ? 216 PHI L CD1 1 
HETATM 325  C CD2 . PHI F  1 2 ? -11.338 2.281   -4.251  1.00 75.80 ? 216 PHI L CD2 1 
HETATM 326  C CE1 . PHI F  1 2 ? -11.486 -0.334  -5.187  1.00 75.80 ? 216 PHI L CE1 1 
HETATM 327  C CE2 . PHI F  1 2 ? -12.417 1.883   -5.029  1.00 75.80 ? 216 PHI L CE2 1 
HETATM 328  C CZ  . PHI F  1 2 ? -12.490 0.577   -5.495  1.00 75.80 ? 216 PHI L CZ  1 
HETATM 329  I I   . PHI F  1 2 ? -14.115 -0.019  -6.664  1.00 75.80 ? 216 PHI L I   1 
HETATM 330  C C   . PHI F  1 2 ? -8.363  4.035   -3.788  1.00 75.80 ? 216 PHI L C   1 
HETATM 331  O O   . PHI F  1 2 ? -7.546  4.828   -4.301  1.00 75.80 ? 216 PHI L O   1 
ATOM   332  N N   . GLY F  1 3 ? -9.400  4.428   -3.057  1.00 70.10 ? 217 GLY L N   1 
ATOM   333  C CA  . GLY F  1 3 ? -9.640  5.832   -2.788  1.00 70.10 ? 217 GLY L CA  1 
ATOM   334  C C   . GLY F  1 3 ? -10.055 6.517   -4.071  1.00 70.10 ? 217 GLY L C   1 
ATOM   335  O O   . GLY F  1 3 ? -10.474 5.859   -5.025  1.00 70.10 ? 217 GLY L O   1 
ATOM   336  N N   . GLY F  1 4 ? -9.946  7.842   -4.102  1.00 64.79 ? 218 GLY L N   1 
ATOM   337  C CA  . GLY F  1 4 ? -10.330 8.593   -5.283  1.00 64.79 ? 218 GLY L CA  1 
ATOM   338  C C   . GLY F  1 4 ? -11.733 9.117   -5.069  1.00 64.79 ? 218 GLY L C   1 
ATOM   339  O O   . GLY F  1 4 ? -12.313 8.931   -4.001  1.00 64.79 ? 218 GLY L O   1 
ATOM   340  N N   . ASN F  1 5 ? -12.282 9.778   -6.080  1.00 62.39 ? 219 ASN L N   1 
ATOM   341  C CA  . ASN F  1 5 ? -13.641 10.285  -5.981  1.00 62.39 ? 219 ASN L CA  1 
ATOM   342  C C   . ASN F  1 5 ? -14.043 9.224   -6.981  1.00 62.39 ? 219 ASN L C   1 
ATOM   343  O O   . ASN F  1 5 ? -13.410 9.077   -8.026  1.00 62.39 ? 219 ASN L O   1 
ATOM   344  C CB  . ASN F  1 5 ? -13.836 11.753  -6.340  1.00 62.39 ? 219 ASN L CB  1 
ATOM   345  C CG  . ASN F  1 5 ? -13.247 12.685  -5.302  1.00 62.39 ? 219 ASN L CG  1 
ATOM   346  O OD1 . ASN F  1 5 ? -13.070 12.311  -4.145  1.00 62.39 ? 219 ASN L OD1 1 
ATOM   347  N ND2 . ASN F  1 5 ? -12.933 13.907  -5.717  1.00 62.39 ? 219 ASN L ND2 1 
ATOM   348  N N   . ASP F  1 6 ? -15.088 8.467   -6.672  1.00 62.11 ? 220 ASP L N   1 
ATOM   349  C CA  . ASP F  1 6 ? -15.490 7.377   -7.555  1.00 62.11 ? 220 ASP L CA  1 
ATOM   350  C C   . ASP F  1 6 ? -16.974 7.680   -7.418  1.00 62.11 ? 220 ASP L C   1 
ATOM   351  O O   . ASP F  1 6 ? -17.518 7.645   -6.317  1.00 62.11 ? 220 ASP L O   1 
ATOM   352  C CB  . ASP F  1 6 ? -14.986 5.959   -7.279  1.00 62.11 ? 220 ASP L CB  1 
ATOM   353  C CG  . ASP F  1 6 ? -13.528 5.778   -7.645  1.00 62.11 ? 220 ASP L CG  1 
ATOM   354  O OD1 . ASP F  1 6 ? -12.983 6.640   -8.365  1.00 62.11 ? 220 ASP L OD1 1 
ATOM   355  O OD2 . ASP F  1 6 ? -12.927 4.772   -7.215  1.00 62.11 ? 220 ASP L OD2 1 
ATOM   356  N N   . ASN F  1 7 ? -17.633 7.973   -8.533  1.00 61.02 ? 221 ASN L N   1 
ATOM   357  C CA  . ASN F  1 7 ? -19.069 8.221   -8.496  1.00 61.02 ? 221 ASN L CA  1 
ATOM   358  C C   . ASN F  1 7 ? -19.590 6.860   -8.928  1.00 61.02 ? 221 ASN L C   1 
ATOM   359  O O   . ASN F  1 7 ? -18.943 6.166   -9.710  1.00 61.02 ? 221 ASN L O   1 
ATOM   360  C CB  . ASN F  1 7 ? -19.529 9.298   -9.475  1.00 61.02 ? 221 ASN L CB  1 
ATOM   361  C CG  . ASN F  1 7 ? -21.035 9.472   -9.489  1.00 61.02 ? 221 ASN L CG  1 
ATOM   362  O OD1 . ASN F  1 7 ? -21.777 8.584   -9.068  1.00 61.02 ? 221 ASN L OD1 1 
ATOM   363  N ND2 . ASN F  1 7 ? -21.496 10.623  -9.967  1.00 61.02 ? 221 ASN L ND2 1 
ATOM   364  N N   . PHE F  1 8 ? -20.761 6.478   -8.428  1.00 61.61 ? 222 PHE L N   1 
ATOM   365  C CA  . PHE F  1 8 ? -21.320 5.174   -8.765  1.00 61.61 ? 222 PHE L CA  1 
ATOM   366  C C   . PHE F  1 8 ? -22.816 5.203   -9.036  1.00 61.61 ? 222 PHE L C   1 
ATOM   367  O O   . PHE F  1 8 ? -23.545 5.974   -8.416  1.00 61.61 ? 222 PHE L O   1 
ATOM   368  C CB  . PHE F  1 8 ? -21.047 4.182   -7.634  1.00 61.61 ? 222 PHE L CB  1 
ATOM   369  C CG  . PHE F  1 8 ? -19.599 3.822   -7.483  1.00 61.61 ? 222 PHE L CG  1 
ATOM   370  C CD1 . PHE F  1 8 ? -18.876 3.349   -8.563  1.00 61.61 ? 222 PHE L CD1 1 
ATOM   371  C CD2 . PHE F  1 8 ? -18.963 3.956   -6.264  1.00 61.61 ? 222 PHE L CD2 1 
ATOM   372  C CE1 . PHE F  1 8 ? -17.542 3.018   -8.429  1.00 61.61 ? 222 PHE L CE1 1 
ATOM   373  C CE2 . PHE F  1 8 ? -17.630 3.626   -6.122  1.00 61.61 ? 222 PHE L CE2 1 
ATOM   374  C CZ  . PHE F  1 8 ? -16.919 3.155   -7.206  1.00 61.61 ? 222 PHE L CZ  1 
ATOM   375  N N   . GLY F  1 9 ? -23.276 4.367   -9.961  1.00 61.37 ? 223 GLY L N   1 
ATOM   376  C CA  . GLY F  1 9 ? -24.690 4.280   -10.272 1.00 61.37 ? 223 GLY L CA  1 
ATOM   377  C C   . GLY F  1 9 ? -25.272 5.560   -10.837 1.00 61.37 ? 223 GLY L C   1 
ATOM   378  O O   . GLY F  1 9 ? -24.541 6.476   -11.214 1.00 61.37 ? 223 GLY L O   1 
ATOM   379  N N   . GLY G  1 1 ? 4.092   -26.659 7.482   1.00 57.65 ? 215 GLY M N   1 
ATOM   380  C CA  . GLY G  1 1 ? 3.536   -25.472 6.859   1.00 57.65 ? 215 GLY M CA  1 
ATOM   381  C C   . GLY G  1 1 ? 4.064   -24.204 7.491   1.00 57.65 ? 215 GLY M C   1 
ATOM   382  O O   . GLY G  1 1 ? 4.251   -24.157 8.706   1.00 57.65 ? 215 GLY M O   1 
HETATM 383  N N   . PHI G  1 2 ? 4.298   -23.177 6.679   1.00 59.95 ? 216 PHI M N   1 
HETATM 384  C CA  . PHI G  1 2 ? 4.809   -21.918 7.190   1.00 59.95 ? 216 PHI M CA  1 
HETATM 385  C CB  . PHI G  1 2 ? 3.716   -21.190 7.959   1.00 59.95 ? 216 PHI M CB  1 
HETATM 386  C CG  . PHI G  1 2 ? 2.473   -21.157 7.109   1.00 59.95 ? 216 PHI M CG  1 
HETATM 387  C CD1 . PHI G  1 2 ? 2.443   -20.356 5.977   1.00 59.95 ? 216 PHI M CD1 1 
HETATM 388  C CD2 . PHI G  1 2 ? 1.370   -21.927 7.456   1.00 59.95 ? 216 PHI M CD2 1 
HETATM 389  C CE1 . PHI G  1 2 ? 1.302   -20.324 5.188   1.00 59.95 ? 216 PHI M CE1 1 
HETATM 390  C CE2 . PHI G  1 2 ? 0.228   -21.894 6.666   1.00 59.95 ? 216 PHI M CE2 1 
HETATM 391  C CZ  . PHI G  1 2 ? 0.197   -21.090 5.534   1.00 59.95 ? 216 PHI M CZ  1 
HETATM 392  I I   . PHI G  1 2 ? -1.514  -21.030 4.339   1.00 59.95 ? 216 PHI M I   1 
HETATM 393  C C   . PHI G  1 2 ? 5.932   -22.246 8.119   1.00 59.95 ? 216 PHI M C   1 
HETATM 394  O O   . PHI G  1 2 ? 6.950   -22.816 7.677   1.00 59.95 ? 216 PHI M O   1 
ATOM   395  N N   . GLY G  1 3 ? 5.783   -21.904 9.393   1.00 57.59 ? 217 GLY M N   1 
ATOM   396  C CA  . GLY G  1 3 ? 6.812   -22.192 10.372  1.00 57.59 ? 217 GLY M CA  1 
ATOM   397  C C   . GLY G  1 3 ? 7.910   -21.152 10.390  1.00 57.59 ? 217 GLY M C   1 
ATOM   398  O O   . GLY G  1 3 ? 8.817   -21.218 11.217  1.00 57.59 ? 217 GLY M O   1 
ATOM   399  N N   . GLY G  1 4 ? 7.835   -20.186 9.482   1.00 57.46 ? 218 GLY M N   1 
ATOM   400  C CA  . GLY G  1 4 ? 8.846   -19.149 9.419   1.00 57.46 ? 218 GLY M CA  1 
ATOM   401  C C   . GLY G  1 4 ? 8.154   -17.889 9.883   1.00 57.46 ? 218 GLY M C   1 
ATOM   402  O O   . GLY G  1 4 ? 6.973   -17.910 10.224  1.00 57.46 ? 218 GLY M O   1 
ATOM   403  N N   . ASN G  1 5 ? 8.885   -16.783 9.904   1.00 57.98 ? 219 ASN M N   1 
ATOM   404  C CA  . ASN G  1 5 ? 8.298   -15.507 10.303  1.00 57.98 ? 219 ASN M CA  1 
ATOM   405  C C   . ASN G  1 5 ? 6.996   -15.203 9.617   1.00 57.98 ? 219 ASN M C   1 
ATOM   406  O O   . ASN G  1 5 ? 6.013   -14.887 10.288  1.00 57.98 ? 219 ASN M O   1 
ATOM   407  C CB  . ASN G  1 5 ? 9.238   -14.352 10.017  1.00 57.98 ? 219 ASN M CB  1 
ATOM   408  C CG  . ASN G  1 5 ? 10.491  -14.399 10.866  1.00 57.98 ? 219 ASN M CG  1 
ATOM   409  O OD1 . ASN G  1 5 ? 10.507  -15.008 11.936  1.00 57.98 ? 219 ASN M OD1 1 
ATOM   410  N ND2 . ASN G  1 5 ? 11.551  -13.753 10.395  1.00 57.98 ? 219 ASN M ND2 1 
ATOM   411  N N   . ASP G  1 6 ? 6.960   -15.343 8.295   1.00 56.96 ? 220 ASP M N   1 
ATOM   412  C CA  . ASP G  1 6 ? 5.718   -15.146 7.542   1.00 56.96 ? 220 ASP M CA  1 
ATOM   413  C C   . ASP G  1 6 ? 4.757   -13.967 7.557   1.00 56.96 ? 220 ASP M C   1 
ATOM   414  O O   . ASP G  1 6 ? 3.543   -14.146 7.484   1.00 56.96 ? 220 ASP M O   1 
ATOM   415  C CB  . ASP G  1 6 ? 4.879   -16.422 7.692   1.00 56.96 ? 220 ASP M CB  1 
ATOM   416  C CG  . ASP G  1 6 ? 5.461   -17.598 6.930   1.00 56.96 ? 220 ASP M CG  1 
ATOM   417  O OD1 . ASP G  1 6 ? 6.335   -17.376 6.066   1.00 56.96 ? 220 ASP M OD1 1 
ATOM   418  O OD2 . ASP G  1 6 ? 5.046   -18.744 7.195   1.00 56.96 ? 220 ASP M OD2 1 
ATOM   419  N N   . ASN G  1 7 ? 5.300   -12.759 7.630   1.00 58.27 ? 221 ASN M N   1 
ATOM   420  C CA  . ASN G  1 7 ? 4.460   -11.569 7.652   1.00 58.27 ? 221 ASN M CA  1 
ATOM   421  C C   . ASN G  1 7 ? 3.569   -11.819 6.445   1.00 58.27 ? 221 ASN M C   1 
ATOM   422  O O   . ASN G  1 7 ? 4.060   -12.100 5.353   1.00 58.27 ? 221 ASN M O   1 
ATOM   423  C CB  . ASN G  1 7 ? 5.419   -10.384 7.783   1.00 58.27 ? 221 ASN M CB  1 
ATOM   424  C CG  . ASN G  1 7 ? 6.276   -10.459 9.034   1.00 58.27 ? 221 ASN M CG  1 
ATOM   425  O OD1 . ASN G  1 7 ? 5.911   -11.117 10.005  1.00 58.27 ? 221 ASN M OD1 1 
ATOM   426  N ND2 . ASN G  1 7 ? 7.424   -9.789  9.012   1.00 58.27 ? 221 ASN M ND2 1 
ATOM   427  N N   . PHE G  1 8 ? 2.259   -11.720 6.639   1.00 56.43 ? 222 PHE M N   1 
ATOM   428  C CA  . PHE G  1 8 ? 1.319   -11.947 5.544   1.00 56.43 ? 222 PHE M CA  1 
ATOM   429  C C   . PHE G  1 8 ? 0.792   -10.524 5.537   1.00 56.43 ? 222 PHE M C   1 
ATOM   430  O O   . PHE G  1 8 ? 0.412   -9.995  6.580   1.00 56.43 ? 222 PHE M O   1 
ATOM   431  C CB  . PHE G  1 8 ? 0.160   -12.898 5.828   1.00 56.43 ? 222 PHE M CB  1 
ATOM   432  C CG  . PHE G  1 8 ? 0.521   -14.346 5.693   1.00 56.43 ? 222 PHE M CG  1 
ATOM   433  C CD1 . PHE G  1 8 ? 0.522   -14.957 4.453   1.00 56.43 ? 222 PHE M CD1 1 
ATOM   434  C CD2 . PHE G  1 8 ? 0.860   -15.096 6.806   1.00 56.43 ? 222 PHE M CD2 1 
ATOM   435  C CE1 . PHE G  1 8 ? 0.855   -16.290 4.323   1.00 56.43 ? 222 PHE M CE1 1 
ATOM   436  C CE2 . PHE G  1 8 ? 1.195   -16.429 6.685   1.00 56.43 ? 222 PHE M CE2 1 
ATOM   437  C CZ  . PHE G  1 8 ? 1.191   -17.027 5.441   1.00 56.43 ? 222 PHE M CZ  1 
ATOM   438  N N   . GLY G  1 9 ? 0.767   -9.903  4.364   1.00 55.63 ? 223 GLY M N   1 
ATOM   439  C CA  . GLY G  1 9 ? 0.281   -8.538  4.255   1.00 55.63 ? 223 GLY M CA  1 
ATOM   440  C C   . GLY G  1 9 ? 0.962   -7.619  5.249   1.00 55.63 ? 223 GLY M C   1 
ATOM   441  O O   . GLY G  1 9 ? 2.172   -7.703  5.460   1.00 55.63 ? 223 GLY M O   1 
ATOM   442  N N   . GLY H  1 1 ? -3.313  26.279  -5.902  1.00 57.73 ? 215 GLY P N   1 
ATOM   443  C CA  . GLY H  1 1 ? -4.614  26.650  -6.428  1.00 57.73 ? 215 GLY P CA  1 
ATOM   444  C C   . GLY H  1 1 ? -5.590  25.501  -6.352  1.00 57.73 ? 215 GLY P C   1 
ATOM   445  O O   . GLY H  1 1 ? -6.689  25.585  -6.898  1.00 57.73 ? 215 GLY P O   1 
HETATM 446  N N   . PHI H  1 2 ? -5.194  24.421  -5.689  1.00 60.98 ? 216 PHI P N   1 
HETATM 447  C CA  . PHI H  1 2 ? -6.064  23.272  -5.527  1.00 60.98 ? 216 PHI P CA  1 
HETATM 448  C CB  . PHI H  1 2 ? -5.536  22.417  -4.386  1.00 60.98 ? 216 PHI P CB  1 
HETATM 449  C CG  . PHI H  1 2 ? -4.113  22.034  -4.696  1.00 60.98 ? 216 PHI P CG  1 
HETATM 450  C CD1 . PHI H  1 2 ? -3.063  22.870  -4.329  1.00 60.98 ? 216 PHI P CD1 1 
HETATM 451  C CD2 . PHI H  1 2 ? -3.862  20.839  -5.353  1.00 60.98 ? 216 PHI P CD2 1 
HETATM 452  C CE1 . PHI H  1 2 ? -1.756  22.512  -4.623  1.00 60.98 ? 216 PHI P CE1 1 
HETATM 453  C CE2 . PHI H  1 2 ? -2.554  20.484  -5.640  1.00 60.98 ? 216 PHI P CE2 1 
HETATM 454  C CZ  . PHI H  1 2 ? -1.502  21.315  -5.279  1.00 60.98 ? 216 PHI P CZ  1 
HETATM 455  I I   . PHI H  1 2 ? 0.463   20.766  -5.724  1.00 60.98 ? 216 PHI P I   1 
HETATM 456  C C   . PHI H  1 2 ? -7.412  23.847  -5.252  1.00 60.98 ? 216 PHI P C   1 
HETATM 457  O O   . PHI H  1 2 ? -7.571  24.607  -4.273  1.00 60.98 ? 216 PHI P O   1 
ATOM   458  N N   . GLY H  1 3 ? -8.390  23.513  -6.081  1.00 57.21 ? 217 GLY P N   1 
ATOM   459  C CA  . GLY H  1 3 ? -9.740  23.996  -5.880  1.00 57.21 ? 217 GLY P CA  1 
ATOM   460  C C   . GLY H  1 3 ? -10.768 22.891  -5.892  1.00 57.21 ? 217 GLY P C   1 
ATOM   461  O O   . GLY H  1 3 ? -11.968 23.154  -5.966  1.00 57.21 ? 217 GLY P O   1 
ATOM   462  N N   . GLY H  1 4 ? -10.306 21.648  -5.829  1.00 56.25 ? 218 GLY P N   1 
ATOM   463  C CA  . GLY H  1 4 ? -11.220 20.525  -5.870  1.00 56.25 ? 218 GLY P CA  1 
ATOM   464  C C   . GLY H  1 4 ? -11.484 19.594  -4.712  1.00 56.25 ? 218 GLY P C   1 
ATOM   465  O O   . GLY H  1 4 ? -11.104 19.880  -3.578  1.00 56.25 ? 218 GLY P O   1 
ATOM   466  N N   . ASN H  1 5 ? -12.141 18.480  -4.992  1.00 56.90 ? 219 ASN P N   1 
ATOM   467  C CA  . ASN H  1 5 ? -12.455 17.497  -3.963  1.00 56.90 ? 219 ASN P CA  1 
ATOM   468  C C   . ASN H  1 5 ? -11.122 16.781  -4.099  1.00 56.90 ? 219 ASN P C   1 
ATOM   469  O O   . ASN H  1 5 ? -10.892 16.086  -5.089  1.00 56.90 ? 219 ASN P O   1 
ATOM   470  C CB  . ASN H  1 5 ? -13.653 16.642  -4.353  1.00 56.90 ? 219 ASN P CB  1 
ATOM   471  C CG  . ASN H  1 5 ? -14.951 17.401  -4.313  1.00 56.90 ? 219 ASN P CG  1 
ATOM   472  O OD1 . ASN H  1 5 ? -15.066 18.407  -3.622  1.00 56.90 ? 219 ASN P OD1 1 
ATOM   473  N ND2 . ASN H  1 5 ? -15.941 16.925  -5.048  1.00 56.90 ? 219 ASN P ND2 1 
ATOM   474  N N   . ASP H  1 6 ? -10.257 16.916  -3.099  1.00 55.71 ? 220 ASP P N   1 
ATOM   475  C CA  . ASP H  1 6 ? -8.883  16.462  -3.203  1.00 55.71 ? 220 ASP P CA  1 
ATOM   476  C C   . ASP H  1 6 ? -8.543  15.513  -2.064  1.00 55.71 ? 220 ASP P C   1 
ATOM   477  O O   . ASP H  1 6 ? -8.493  15.893  -0.898  1.00 55.71 ? 220 ASP P O   1 
ATOM   478  C CB  . ASP H  1 6 ? -7.772  17.402  -2.765  1.00 55.71 ? 220 ASP P CB  1 
ATOM   479  C CG  . ASP H  1 6 ? -7.407  18.403  -3.825  1.00 55.71 ? 220 ASP P CG  1 
ATOM   480  O OD1 . ASP H  1 6 ? -7.800  18.203  -4.989  1.00 55.71 ? 220 ASP P OD1 1 
ATOM   481  O OD2 . ASP H  1 6 ? -6.727  19.390  -3.492  1.00 55.71 ? 220 ASP P OD2 1 
ATOM   482  N N   . ASN H  1 7 ? -8.312  14.272  -2.406  1.00 56.97 ? 221 ASN P N   1 
ATOM   483  C CA  . ASN H  1 7 ? -8.000  13.341  -1.333  1.00 56.97 ? 221 ASN P CA  1 
ATOM   484  C C   . ASN H  1 7 ? -6.818  13.331  -0.383  1.00 56.97 ? 221 ASN P C   1 
ATOM   485  O O   . ASN H  1 7 ? -7.018  13.193  0.821   1.00 56.97 ? 221 ASN P O   1 
ATOM   486  C CB  . ASN H  1 7 ? -8.151  12.057  -2.131  1.00 56.97 ? 221 ASN P CB  1 
ATOM   487  C CG  . ASN H  1 7 ? -9.582  11.766  -2.474  1.00 56.97 ? 221 ASN P CG  1 
ATOM   488  O OD1 . ASN H  1 7 ? -10.491 12.241  -1.805  1.00 56.97 ? 221 ASN P OD1 1 
ATOM   489  N ND2 . ASN H  1 7 ? -9.798  10.968  -3.506  1.00 56.97 ? 221 ASN P ND2 1 
ATOM   490  N N   . PHE H  1 8 ? -5.595  13.457  -0.895  1.00 55.87 ? 222 PHE P N   1 
ATOM   491  C CA  . PHE H  1 8 ? -4.402  13.700  -0.076  1.00 55.87 ? 222 PHE P CA  1 
ATOM   492  C C   . PHE H  1 8 ? -4.219  12.524  0.871   1.00 55.87 ? 222 PHE P C   1 
ATOM   493  O O   . PHE H  1 8 ? -3.838  12.707  2.025   1.00 55.87 ? 222 PHE P O   1 
ATOM   494  C CB  . PHE H  1 8 ? -4.481  14.983  0.742   1.00 55.87 ? 222 PHE P CB  1 
ATOM   495  C CG  . PHE H  1 8 ? -4.113  16.199  -0.024  1.00 55.87 ? 222 PHE P CG  1 
ATOM   496  C CD1 . PHE H  1 8 ? -5.052  16.875  -0.753  1.00 55.87 ? 222 PHE P CD1 1 
ATOM   497  C CD2 . PHE H  1 8 ? -2.822  16.661  -0.021  1.00 55.87 ? 222 PHE P CD2 1 
ATOM   498  C CE1 . PHE H  1 8 ? -4.711  17.991  -1.457  1.00 55.87 ? 222 PHE P CE1 1 
ATOM   499  C CE2 . PHE H  1 8 ? -2.479  17.773  -0.727  1.00 55.87 ? 222 PHE P CE2 1 
ATOM   500  C CZ  . PHE H  1 8 ? -3.424  18.439  -1.443  1.00 55.87 ? 222 PHE P CZ  1 
ATOM   501  N N   . GLY H  1 9 ? -4.489  11.315  0.402   1.00 54.29 ? 223 GLY P N   1 
ATOM   502  C CA  . GLY H  1 9 ? -4.365  10.136  1.238   1.00 54.29 ? 223 GLY P CA  1 
ATOM   503  C C   . GLY H  1 9 ? -2.935  9.882   1.669   1.00 54.29 ? 223 GLY P C   1 
ATOM   504  O O   . GLY H  1 9 ? -2.474  8.743   1.693   1.00 54.29 ? 223 GLY P O   1 
ATOM   505  N N   . GLY I  1 1 ? 16.733  42.076  0.909   1.00 65.48 ? 215 GLY S N   1 
ATOM   506  C CA  . GLY I  1 1 ? 16.656  43.294  0.128   1.00 65.48 ? 215 GLY S CA  1 
ATOM   507  C C   . GLY I  1 1 ? 15.679  43.160  -1.008  1.00 65.48 ? 215 GLY S C   1 
ATOM   508  O O   . GLY I  1 1 ? 16.068  43.132  -2.172  1.00 65.48 ? 215 GLY S O   1 
HETATM 509  N N   . PHI I  1 2 ? 14.402  43.049  -0.678  1.00 69.58 ? 216 PHI S N   1 
HETATM 510  C CA  . PHI I  1 2 ? 13.385  42.980  -1.694  1.00 69.58 ? 216 PHI S CA  1 
HETATM 511  C CB  . PHI I  1 2 ? 12.238  42.089  -1.268  1.00 69.58 ? 216 PHI S CB  1 
HETATM 512  C CG  . PHI I  1 2 ? 11.064  42.335  -2.182  1.00 69.58 ? 216 PHI S CG  1 
HETATM 513  C CD1 . PHI I  1 2 ? 11.092  41.853  -3.483  1.00 69.58 ? 216 PHI S CD1 1 
HETATM 514  C CD2 . PHI I  1 2 ? 9.959   43.043  -1.724  1.00 69.58 ? 216 PHI S CD2 1 
HETATM 515  C CE1 . PHI I  1 2 ? 10.011  42.077  -4.327  1.00 69.58 ? 216 PHI S CE1 1 
HETATM 516  C CE2 . PHI I  1 2 ? 8.880   43.266  -2.568  1.00 69.58 ? 216 PHI S CE2 1 
HETATM 517  C CZ  . PHI I  1 2 ? 8.906   42.784  -3.870  1.00 69.58 ? 216 PHI S CZ  1 
HETATM 518  I I   . PHI I  1 2 ? 7.282   43.117  -5.142  1.00 69.58 ? 216 PHI S I   1 
HETATM 519  C C   . PHI I  1 2 ? 12.950  44.397  -1.753  1.00 69.58 ? 216 PHI S C   1 
HETATM 520  O O   . PHI I  1 2 ? 12.619  44.980  -0.701  1.00 69.58 ? 216 PHI S O   1 
ATOM   521  N N   . GLY I  1 3 ? 12.977  45.009  -2.932  1.00 69.54 ? 217 GLY S N   1 
ATOM   522  C CA  . GLY I  1 3 ? 12.660  46.421  -3.030  1.00 69.54 ? 217 GLY S CA  1 
ATOM   523  C C   . GLY I  1 3 ? 11.422  46.455  -3.895  1.00 69.54 ? 217 GLY S C   1 
ATOM   524  O O   . GLY I  1 3 ? 11.287  45.661  -4.824  1.00 69.54 ? 217 GLY S O   1 
ATOM   525  N N   . GLY I  1 4 ? 10.515  47.380  -3.601  1.00 70.82 ? 218 GLY S N   1 
ATOM   526  C CA  . GLY I  1 4 ? 9.289   47.489  -4.371  1.00 70.82 ? 218 GLY S CA  1 
ATOM   527  C C   . GLY I  1 4 ? 9.420   48.638  -5.348  1.00 70.82 ? 218 GLY S C   1 
ATOM   528  O O   . GLY I  1 4 ? 9.044   48.510  -6.511  1.00 70.82 ? 218 GLY S O   1 
ATOM   529  N N   . ASN I  1 5 ? 9.952   49.763  -4.887  1.00 71.36 ? 219 ASN S N   1 
ATOM   530  C CA  . ASN I  1 5 ? 10.075  50.928  -5.742  1.00 71.36 ? 219 ASN S CA  1 
ATOM   531  C C   . ASN I  1 5 ? 11.529  50.871  -6.162  1.00 71.36 ? 219 ASN S C   1 
ATOM   532  O O   . ASN I  1 5 ? 11.825  51.098  -7.334  1.00 71.36 ? 219 ASN S O   1 
ATOM   533  C CB  . ASN I  1 5 ? 9.716   52.257  -5.068  1.00 71.36 ? 219 ASN S CB  1 
ATOM   534  C CG  . ASN I  1 5 ? 9.589   53.398  -6.053  1.00 71.36 ? 219 ASN S CG  1 
ATOM   535  O OD1 . ASN I  1 5 ? 9.207   53.202  -7.201  1.00 71.36 ? 219 ASN S OD1 1 
ATOM   536  N ND2 . ASN I  1 5 ? 9.907   54.600  -5.607  1.00 71.36 ? 219 ASN S ND2 1 
ATOM   537  N N   . ASP I  1 6 ? 12.434  50.558  -5.241  1.00 70.71 ? 220 ASP S N   1 
ATOM   538  C CA  . ASP I  1 6 ? 13.853  50.348  -5.495  1.00 70.71 ? 220 ASP S CA  1 
ATOM   539  C C   . ASP I  1 6 ? 14.453  49.762  -4.230  1.00 70.71 ? 220 ASP S C   1 
ATOM   540  O O   . ASP I  1 6 ? 13.834  49.789  -3.165  1.00 70.71 ? 220 ASP S O   1 
ATOM   541  C CB  . ASP I  1 6 ? 14.542  51.665  -5.798  1.00 70.71 ? 220 ASP S CB  1 
ATOM   542  C CG  . ASP I  1 6 ? 14.647  52.542  -4.581  1.00 70.71 ? 220 ASP S CG  1 
ATOM   543  O OD1 . ASP I  1 6 ? 13.693  52.554  -3.781  1.00 70.71 ? 220 ASP S OD1 1 
ATOM   544  O OD2 . ASP I  1 6 ? 15.680  53.213  -4.414  1.00 70.71 ? 220 ASP S OD2 1 
ATOM   545  N N   . ASN I  1 7 ? 15.672  49.252  -4.348  1.00 70.10 ? 221 ASN S N   1 
ATOM   546  C CA  . ASN I  1 7 ? 16.430  48.864  -3.168  1.00 70.10 ? 221 ASN S CA  1 
ATOM   547  C C   . ASN I  1 7 ? 17.915  48.922  -3.495  1.00 70.10 ? 221 ASN S C   1 
ATOM   548  O O   . ASN I  1 7 ? 18.307  48.982  -4.662  1.00 70.10 ? 221 ASN S O   1 
ATOM   549  C CB  . ASN I  1 7 ? 16.182  47.392  -2.819  1.00 70.10 ? 221 ASN S CB  1 
ATOM   550  C CG  . ASN I  1 7 ? 16.818  46.438  -3.792  1.00 70.10 ? 221 ASN S CG  1 
ATOM   551  O OD1 . ASN I  1 7 ? 17.446  46.838  -4.762  1.00 70.10 ? 221 ASN S OD1 1 
ATOM   552  N ND2 . ASN I  1 7 ? 16.663  45.155  -3.528  1.00 70.10 ? 221 ASN S ND2 1 
ATOM   553  N N   . PHE I  1 8 ? 18.744  48.916  -2.458  1.00 71.03 ? 222 PHE S N   1 
ATOM   554  C CA  . PHE I  1 8 ? 20.191  48.909  -2.648  1.00 71.03 ? 222 PHE S CA  1 
ATOM   555  C C   . PHE I  1 8 ? 20.588  47.581  -2.002  1.00 71.03 ? 222 PHE S C   1 
ATOM   556  O O   . PHE I  1 8 ? 20.201  47.288  -0.871  1.00 71.03 ? 222 PHE S O   1 
ATOM   557  C CB  . PHE I  1 8 ? 20.651  50.238  -2.076  1.00 71.03 ? 222 PHE S CB  1 
ATOM   558  C CG  . PHE I  1 8 ? 19.941  51.416  -2.653  1.00 71.03 ? 222 PHE S CG  1 
ATOM   559  C CD1 . PHE I  1 8 ? 20.399  52.018  -3.796  1.00 71.03 ? 222 PHE S CD1 1 
ATOM   560  C CD2 . PHE I  1 8 ? 18.806  51.915  -2.057  1.00 71.03 ? 222 PHE S CD2 1 
ATOM   561  C CE1 . PHE I  1 8 ? 19.746  53.098  -4.326  1.00 71.03 ? 222 PHE S CE1 1 
ATOM   562  C CE2 . PHE I  1 8 ? 18.150  52.995  -2.590  1.00 71.03 ? 222 PHE S CE2 1 
ATOM   563  C CZ  . PHE I  1 8 ? 18.623  53.586  -3.723  1.00 71.03 ? 222 PHE S CZ  1 
ATOM   564  N N   . GLY I  1 9 ? 21.376  46.801  -2.726  1.00 69.53 ? 223 GLY S N   1 
ATOM   565  C CA  . GLY I  1 9 ? 21.864  45.534  -2.220  1.00 69.53 ? 223 GLY S CA  1 
ATOM   566  C C   . GLY I  1 9 ? 21.131  44.830  -1.099  1.00 69.53 ? 223 GLY S C   1 
ATOM   567  O O   . GLY I  1 9 ? 19.940  45.050  -0.893  1.00 69.53 ? 223 GLY S O   1 
ATOM   568  N N   . GLY J  1 1 ? 36.060  49.110  7.585   1.00 73.35 ? 215 GLY T N   1 
ATOM   569  C CA  . GLY J  1 1 ? 34.788  49.171  6.892   1.00 73.35 ? 215 GLY T CA  1 
ATOM   570  C C   . GLY J  1 1 ? 34.268  47.792  6.551   1.00 73.35 ? 215 GLY T C   1 
ATOM   571  O O   . GLY J  1 1 ? 33.853  47.542  5.422   1.00 73.35 ? 215 GLY T O   1 
HETATM 572  N N   . PHI J  1 2 ? 34.293  46.889  7.524   1.00 76.80 ? 216 PHI T N   1 
HETATM 573  C CA  . PHI J  1 2 ? 33.785  45.552  7.294   1.00 76.80 ? 216 PHI T CA  1 
HETATM 574  C CB  . PHI J  1 2 ? 34.232  44.613  8.406   1.00 76.80 ? 216 PHI T CB  1 
HETATM 575  C CG  . PHI J  1 2 ? 33.883  43.209  7.981   1.00 76.80 ? 216 PHI T CG  1 
HETATM 576  C CD1 . PHI J  1 2 ? 34.409  42.705  6.801   1.00 76.80 ? 216 PHI T CD1 1 
HETATM 577  C CD2 . PHI J  1 2 ? 33.024  42.437  8.753   1.00 76.80 ? 216 PHI T CD2 1 
HETATM 578  C CE1 . PHI J  1 2 ? 34.088  41.418  6.396   1.00 76.80 ? 216 PHI T CE1 1 
HETATM 579  C CE2 . PHI J  1 2 ? 32.703  41.149  8.346   1.00 76.80 ? 216 PHI T CE2 1 
HETATM 580  C CZ  . PHI J  1 2 ? 33.236  40.640  7.168   1.00 76.80 ? 216 PHI T CZ  1 
HETATM 581  I I   . PHI J  1 2 ? 32.760  38.703  6.551   1.00 76.80 ? 216 PHI T I   1 
HETATM 582  C C   . PHI J  1 2 ? 32.299  45.478  7.453   1.00 76.80 ? 216 PHI T C   1 
HETATM 583  O O   . PHI J  1 2 ? 31.730  46.162  8.330   1.00 76.80 ? 216 PHI T O   1 
ATOM   584  N N   . GLY J  1 3 ? 31.648  44.664  6.633   1.00 72.84 ? 217 GLY T N   1 
ATOM   585  C CA  . GLY J  1 3 ? 30.205  44.535  6.702   1.00 72.84 ? 217 GLY T CA  1 
ATOM   586  C C   . GLY J  1 3 ? 30.272  43.085  6.273   1.00 72.84 ? 217 GLY T C   1 
ATOM   587  O O   . GLY J  1 3 ? 31.069  42.735  5.404   1.00 72.84 ? 217 GLY T O   1 
ATOM   588  N N   . GLY J  1 4 ? 29.443  42.239  6.875   1.00 70.83 ? 218 GLY T N   1 
ATOM   589  C CA  . GLY J  1 4 ? 29.444  40.827  6.537   1.00 70.83 ? 218 GLY T CA  1 
ATOM   590  C C   . GLY J  1 4 ? 28.557  40.737  5.314   1.00 70.83 ? 218 GLY T C   1 
ATOM   591  O O   . GLY J  1 4 ? 28.881  40.031  4.361   1.00 70.83 ? 218 GLY T O   1 
ATOM   592  N N   . ASN J  1 5 ? 27.437  41.448  5.331   1.00 71.35 ? 219 ASN T N   1 
ATOM   593  C CA  . ASN J  1 5 ? 26.527  41.440  4.197   1.00 71.35 ? 219 ASN T CA  1 
ATOM   594  C C   . ASN J  1 5 ? 26.315  42.734  3.434   1.00 71.35 ? 219 ASN T C   1 
ATOM   595  O O   . ASN J  1 5 ? 25.814  42.702  2.314   1.00 71.35 ? 219 ASN T O   1 
ATOM   596  C CB  . ASN J  1 5 ? 25.154  41.100  4.765   1.00 71.35 ? 219 ASN T CB  1 
ATOM   597  C CG  . ASN J  1 5 ? 24.046  41.322  3.775   1.00 71.35 ? 219 ASN T CG  1 
ATOM   598  O OD1 . ASN J  1 5 ? 24.152  40.940  2.617   1.00 71.35 ? 219 ASN T OD1 1 
ATOM   599  N ND2 . ASN J  1 5 ? 22.971  41.944  4.225   1.00 71.35 ? 219 ASN T ND2 1 
ATOM   600  N N   . ASP J  1 6 ? 26.683  43.870  4.011   1.00 72.38 ? 220 ASP T N   1 
ATOM   601  C CA  . ASP J  1 6 ? 26.691  45.137  3.300   1.00 72.38 ? 220 ASP T CA  1 
ATOM   602  C C   . ASP J  1 6 ? 27.521  46.093  4.134   1.00 72.38 ? 220 ASP T C   1 
ATOM   603  O O   . ASP J  1 6 ? 27.559  45.994  5.358   1.00 72.38 ? 220 ASP T O   1 
ATOM   604  C CB  . ASP J  1 6 ? 25.341  45.825  3.102   1.00 72.38 ? 220 ASP T CB  1 
ATOM   605  C CG  . ASP J  1 6 ? 24.407  45.033  2.232   1.00 72.38 ? 220 ASP T CG  1 
ATOM   606  O OD1 . ASP J  1 6 ? 24.816  44.627  1.130   1.00 72.38 ? 220 ASP T OD1 1 
ATOM   607  O OD2 . ASP J  1 6 ? 23.255  44.816  2.648   1.00 72.38 ? 220 ASP T OD2 1 
ATOM   608  N N   . ASN J  1 7 ? 28.198  47.015  3.463   1.00 73.74 ? 221 ASN T N   1 
ATOM   609  C CA  . ASN J  1 7 ? 28.918  48.063  4.176   1.00 73.74 ? 221 ASN T CA  1 
ATOM   610  C C   . ASN J  1 7 ? 28.686  49.282  3.299   1.00 73.74 ? 221 ASN T C   1 
ATOM   611  O O   . ASN J  1 7 ? 29.050  49.276  2.123   1.00 73.74 ? 221 ASN T O   1 
ATOM   612  C CB  . ASN J  1 7 ? 30.355  47.620  4.364   1.00 73.74 ? 221 ASN T CB  1 
ATOM   613  C CG  . ASN J  1 7 ? 31.220  48.726  4.888   1.00 73.74 ? 221 ASN T CG  1 
ATOM   614  O OD1 . ASN J  1 7 ? 31.167  49.061  6.065   1.00 73.74 ? 221 ASN T OD1 1 
ATOM   615  N ND2 . ASN J  1 7 ? 32.016  49.318  4.015   1.00 73.74 ? 221 ASN T ND2 1 
ATOM   616  N N   . PHE J  1 8 ? 28.112  50.321  3.880   1.00 75.22 ? 222 PHE T N   1 
ATOM   617  C CA  . PHE J  1 8 ? 27.768  51.521  3.144   1.00 75.22 ? 222 PHE T CA  1 
ATOM   618  C C   . PHE J  1 8 ? 28.979  52.413  3.245   1.00 75.22 ? 222 PHE T C   1 
ATOM   619  O O   . PHE J  1 8 ? 29.247  53.173  2.314   1.00 75.22 ? 222 PHE T O   1 
ATOM   620  C CB  . PHE J  1 8 ? 26.359  52.030  3.430   1.00 75.22 ? 222 PHE T CB  1 
ATOM   621  C CG  . PHE J  1 8 ? 25.280  51.202  2.807   1.00 75.22 ? 222 PHE T CG  1 
ATOM   622  C CD1 . PHE J  1 8 ? 24.468  51.731  1.828   1.00 75.22 ? 222 PHE T CD1 1 
ATOM   623  C CD2 . PHE J  1 8 ? 25.070  49.900  3.204   1.00 75.22 ? 222 PHE T CD2 1 
ATOM   624  C CE1 . PHE J  1 8 ? 23.473  50.983  1.257   1.00 75.22 ? 222 PHE T CE1 1 
ATOM   625  C CE2 . PHE J  1 8 ? 24.077  49.148  2.636   1.00 75.22 ? 222 PHE T CE2 1 
ATOM   626  C CZ  . PHE J  1 8 ? 23.277  49.692  1.659   1.00 75.22 ? 222 PHE T CZ  1 
ATOM   627  N N   . GLY J  1 9 ? 29.720  52.352  4.342   1.00 75.00 ? 223 GLY T N   1 
ATOM   628  C CA  . GLY J  1 9 ? 30.898  53.183  4.495   1.00 75.00 ? 223 GLY T CA  1 
ATOM   629  C C   . GLY J  1 9 ? 32.245  52.555  4.769   1.00 75.00 ? 223 GLY T C   1 
ATOM   630  O O   . GLY J  1 9 ? 32.330  51.494  5.386   1.00 75.00 ? 223 GLY T O   1 
ATOM   631  N N   . GLY K  1 1 ? 5.440   51.718  -6.910  1.00 85.24 ? 215 GLY W N   1 
ATOM   632  C CA  . GLY K  1 1 ? 4.056   51.491  -6.538  1.00 85.24 ? 215 GLY W CA  1 
ATOM   633  C C   . GLY K  1 1 ? 3.605   50.079  -6.833  1.00 85.24 ? 215 GLY W C   1 
ATOM   634  O O   . GLY K  1 1 ? 2.403   49.816  -6.895  1.00 85.24 ? 215 GLY W O   1 
HETATM 635  N N   . PHI K  1 2 ? 4.548   49.173  -7.073  1.00 87.05 ? 216 PHI W N   1 
HETATM 636  C CA  . PHI K  1 2 ? 4.200   47.804  -7.426  1.00 87.05 ? 216 PHI W CA  1 
HETATM 637  C CB  . PHI K  1 2 ? 3.810   47.041  -6.163  1.00 87.05 ? 216 PHI W CB  1 
HETATM 638  C CG  . PHI K  1 2 ? 3.806   45.559  -6.458  1.00 87.05 ? 216 PHI W CG  1 
HETATM 639  C CD1 . PHI K  1 2 ? 2.849   44.739  -5.873  1.00 87.05 ? 216 PHI W CD1 1 
HETATM 640  C CD2 . PHI K  1 2 ? 4.747   45.026  -7.328  1.00 87.05 ? 216 PHI W CD2 1 
HETATM 641  C CE1 . PHI K  1 2 ? 2.843   43.379  -6.151  1.00 87.05 ? 216 PHI W CE1 1 
HETATM 642  C CE2 . PHI K  1 2 ? 4.739   43.666  -7.606  1.00 87.05 ? 216 PHI W CE2 1 
HETATM 643  C CZ  . PHI K  1 2 ? 3.787   42.843  -7.019  1.00 87.05 ? 216 PHI W CZ  1 
HETATM 644  I I   . PHI K  1 2 ? 3.778   40.796  -7.440  1.00 87.05 ? 216 PHI W I   1 
HETATM 645  C C   . PHI K  1 2 ? 3.096   47.752  -8.450  1.00 87.05 ? 216 PHI W C   1 
HETATM 646  O O   . PHI K  1 2 ? 3.216   48.408  -9.507  1.00 87.05 ? 216 PHI W O   1 
ATOM   647  N N   . GLY K  1 3 ? 2.027   47.022  -8.157  1.00 83.63 ? 217 GLY W N   1 
ATOM   648  C CA  . GLY K  1 3 ? 0.899   46.938  -9.064  1.00 83.63 ? 217 GLY W CA  1 
ATOM   649  C C   . GLY K  1 3 ? -0.299  46.683  -8.177  1.00 83.63 ? 217 GLY W C   1 
ATOM   650  O O   . GLY K  1 3 ? -0.315  45.711  -7.422  1.00 83.63 ? 217 GLY W O   1 
ATOM   651  N N   . GLY K  1 4 ? -1.306  47.544  -8.268  1.00 80.90 ? 218 GLY W N   1 
ATOM   652  C CA  . GLY K  1 4 ? -2.501  47.373  -7.465  1.00 80.90 ? 218 GLY W CA  1 
ATOM   653  C C   . GLY K  1 4 ? -3.815  46.627  -7.407  1.00 80.90 ? 218 GLY W C   1 
ATOM   654  O O   . GLY K  1 4 ? -4.518  46.676  -6.400  1.00 80.90 ? 218 GLY W O   1 
ATOM   655  N N   . ASN K  1 5 ? -4.154  45.936  -8.486  1.00 77.98 ? 219 ASN W N   1 
ATOM   656  C CA  . ASN K  1 5 ? -5.408  45.198  -8.531  1.00 77.98 ? 219 ASN W CA  1 
ATOM   657  C C   . ASN K  1 5 ? -4.536  44.079  -9.067  1.00 77.98 ? 219 ASN W C   1 
ATOM   658  O O   . ASN K  1 5 ? -4.455  43.883  -10.278 1.00 77.98 ? 219 ASN W O   1 
ATOM   659  C CB  . ASN K  1 5 ? -6.331  45.499  -9.708  1.00 77.98 ? 219 ASN W CB  1 
ATOM   660  C CG  . ASN K  1 5 ? -7.112  46.782  -9.518  1.00 77.98 ? 219 ASN W CG  1 
ATOM   661  O OD1 . ASN K  1 5 ? -7.311  47.239  -8.393  1.00 77.98 ? 219 ASN W OD1 1 
ATOM   662  N ND2 . ASN K  1 5 ? -7.554  47.375  -10.620 1.00 77.98 ? 219 ASN W ND2 1 
ATOM   663  N N   . ASP K  1 6 ? -3.878  43.349  -8.172  1.00 77.19 ? 220 ASP W N   1 
ATOM   664  C CA  . ASP K  1 6 ? -3.034  42.237  -8.591  1.00 77.19 ? 220 ASP W CA  1 
ATOM   665  C C   . ASP K  1 6 ? -3.753  41.397  -7.567  1.00 77.19 ? 220 ASP W C   1 
ATOM   666  O O   . ASP K  1 6 ? -3.489  41.512  -6.372  1.00 77.19 ? 220 ASP W O   1 
ATOM   667  C CB  . ASP K  1 6 ? -1.531  42.254  -8.306  1.00 77.19 ? 220 ASP W CB  1 
ATOM   668  C CG  . ASP K  1 6 ? -0.720  42.855  -9.441  1.00 77.19 ? 220 ASP W CG  1 
ATOM   669  O OD1 . ASP K  1 6 ? -1.255  43.006  -10.560 1.00 77.19 ? 220 ASP W OD1 1 
ATOM   670  O OD2 . ASP K  1 6 ? 0.458   43.188  -9.203  1.00 77.19 ? 220 ASP W OD2 1 
ATOM   671  N N   . ASN K  1 7 ? -4.670  40.551  -8.016  1.00 74.56 ? 221 ASN W N   1 
ATOM   672  C CA  . ASN K  1 7 ? -5.467  39.800  -7.062  1.00 74.56 ? 221 ASN W CA  1 
ATOM   673  C C   . ASN K  1 7 ? -4.719  38.525  -7.343  1.00 74.56 ? 221 ASN W C   1 
ATOM   674  O O   . ASN K  1 7 ? -4.680  38.054  -8.478  1.00 74.56 ? 221 ASN W O   1 
ATOM   675  C CB  . ASN K  1 7 ? -6.972  39.627  -7.225  1.00 74.56 ? 221 ASN W CB  1 
ATOM   676  C CG  . ASN K  1 7 ? -7.347  39.113  -8.599  1.00 74.56 ? 221 ASN W CG  1 
ATOM   677  O OD1 . ASN K  1 7 ? -6.615  38.328  -9.200  1.00 74.56 ? 221 ASN W OD1 1 
ATOM   678  N ND2 . ASN K  1 7 ? -8.487  39.563  -9.108  1.00 74.56 ? 221 ASN W ND2 1 
ATOM   679  N N   . PHE K  1 8 ? -4.126  37.958  -6.309  1.00 71.39 ? 222 PHE W N   1 
ATOM   680  C CA  . PHE K  1 8 ? -3.354  36.735  -6.458  1.00 71.39 ? 222 PHE W CA  1 
ATOM   681  C C   . PHE K  1 8 ? -4.248  35.562  -6.812  1.00 71.39 ? 222 PHE W C   1 
ATOM   682  O O   . PHE K  1 8 ? -3.877  34.725  -7.637  1.00 71.39 ? 222 PHE W O   1 
ATOM   683  C CB  . PHE K  1 8 ? -2.128  36.725  -5.552  1.00 71.39 ? 222 PHE W CB  1 
ATOM   684  C CG  . PHE K  1 8 ? -1.361  38.007  -5.554  1.00 71.39 ? 222 PHE W CG  1 
ATOM   685  C CD1 . PHE K  1 8 ? -0.215  38.135  -6.302  1.00 71.39 ? 222 PHE W CD1 1 
ATOM   686  C CD2 . PHE K  1 8 ? -1.774  39.080  -4.799  1.00 71.39 ? 222 PHE W CD2 1 
ATOM   687  C CE1 . PHE K  1 8 ? 0.493   39.312  -6.304  1.00 71.39 ? 222 PHE W CE1 1 
ATOM   688  C CE2 . PHE K  1 8 ? -1.069  40.253  -4.799  1.00 71.39 ? 222 PHE W CE2 1 
ATOM   689  C CZ  . PHE K  1 8 ? 0.066   40.369  -5.550  1.00 71.39 ? 222 PHE W CZ  1 
ATOM   690  N N   . GLY K  1 9 ? -5.416  35.489  -6.184  1.00 69.77 ? 223 GLY W N   1 
ATOM   691  C CA  . GLY K  1 9 ? -6.339  34.405  -6.457  1.00 69.77 ? 223 GLY W CA  1 
ATOM   692  C C   . GLY K  1 9 ? -5.887  33.120  -7.121  1.00 69.77 ? 223 GLY W C   1 
ATOM   693  O O   . GLY K  1 9 ? -5.037  32.403  -6.595  1.00 69.77 ? 223 GLY W O   1 
ATOM   694  N N   . GLY L  1 1 ? 23.177  34.572  4.573   1.00 65.45 ? 215 GLY X N   1 
ATOM   695  C CA  . GLY L  1 1 ? 24.133  35.543  4.074   1.00 65.45 ? 215 GLY X CA  1 
ATOM   696  C C   . GLY L  1 1 ? 25.548  35.007  4.082   1.00 65.45 ? 215 GLY X C   1 
ATOM   697  O O   . GLY L  1 1 ? 25.878  34.106  3.312   1.00 65.45 ? 215 GLY X O   1 
HETATM 698  N N   . PHI L  1 2 ? 26.391  35.558  4.947   1.00 68.33 ? 216 PHI X N   1 
HETATM 699  C CA  . PHI L  1 2 ? 27.761  35.096  5.036   1.00 68.33 ? 216 PHI X CA  1 
HETATM 700  C CB  . PHI L  1 2 ? 28.464  35.779  6.196   1.00 68.33 ? 216 PHI X CB  1 
HETATM 701  C CG  . PHI L  1 2 ? 29.947  35.692  5.944   1.00 68.33 ? 216 PHI X CG  1 
HETATM 702  C CD1 . PHI L  1 2 ? 30.653  34.568  6.353   1.00 68.33 ? 216 PHI X CD1 1 
HETATM 703  C CD2 . PHI L  1 2 ? 30.599  36.732  5.296   1.00 68.33 ? 216 PHI X CD2 1 
HETATM 704  C CE1 . PHI L  1 2 ? 32.018  34.485  6.116   1.00 68.33 ? 216 PHI X CE1 1 
HETATM 705  C CE2 . PHI L  1 2 ? 31.966  36.650  5.061   1.00 68.33 ? 216 PHI X CE2 1 
HETATM 706  C CZ  . PHI L  1 2 ? 32.673  35.527  5.471   1.00 68.33 ? 216 PHI X CZ  1 
HETATM 707  I I   . PHI L  1 2 ? 34.729  35.395  5.120   1.00 68.33 ? 216 PHI X I   1 
HETATM 708  C C   . PHI L  1 2 ? 27.786  33.626  5.302   1.00 68.33 ? 216 PHI X C   1 
HETATM 709  O O   . PHI L  1 2 ? 27.162  33.175  6.286   1.00 68.33 ? 216 PHI X O   1 
ATOM   710  N N   . GLY L  1 3 ? 28.487  32.865  4.471   1.00 62.83 ? 217 GLY X N   1 
ATOM   711  C CA  . GLY L  1 3 ? 28.502  31.421  4.624   1.00 62.83 ? 217 GLY X CA  1 
ATOM   712  C C   . GLY L  1 3 ? 27.095  30.885  4.753   1.00 62.83 ? 217 GLY X C   1 
ATOM   713  O O   . GLY L  1 3 ? 26.862  29.911  5.467   1.00 62.83 ? 217 GLY X O   1 
ATOM   714  N N   . GLY L  1 4 ? 26.148  31.518  4.071   1.00 59.39 ? 218 GLY X N   1 
ATOM   715  C CA  . GLY L  1 4 ? 24.767  31.084  4.148   1.00 59.39 ? 218 GLY X CA  1 
ATOM   716  C C   . GLY L  1 4 ? 24.363  31.277  2.705   1.00 59.39 ? 218 GLY X C   1 
ATOM   717  O O   . GLY L  1 4 ? 24.941  32.105  2.000   1.00 59.39 ? 218 GLY X O   1 
ATOM   718  N N   . ASN L  1 5 ? 23.370  30.520  2.256   1.00 57.51 ? 219 ASN X N   1 
ATOM   719  C CA  . ASN L  1 5 ? 22.879  30.674  0.895   1.00 57.51 ? 219 ASN X CA  1 
ATOM   720  C C   . ASN L  1 5 ? 21.539  31.248  1.304   1.00 57.51 ? 219 ASN X C   1 
ATOM   721  O O   . ASN L  1 5 ? 20.939  30.796  2.279   1.00 57.51 ? 219 ASN X O   1 
ATOM   722  C CB  . ASN L  1 5 ? 22.656  29.369  0.139   1.00 57.51 ? 219 ASN X CB  1 
ATOM   723  C CG  . ASN L  1 5 ? 21.574  28.515  0.765   1.00 57.51 ? 219 ASN X CG  1 
ATOM   724  O OD1 . ASN L  1 5 ? 20.597  29.030  1.308   1.00 57.51 ? 219 ASN X OD1 1 
ATOM   725  N ND2 . ASN L  1 5 ? 21.745  27.200  0.698   1.00 57.51 ? 219 ASN X ND2 1 
ATOM   726  N N   . ASP L  1 6 ? 21.068  32.248  0.566   1.00 56.39 ? 220 ASP X N   1 
ATOM   727  C CA  . ASP L  1 6 ? 19.798  32.894  0.892   1.00 56.39 ? 220 ASP X CA  1 
ATOM   728  C C   . ASP L  1 6 ? 19.200  33.586  -0.328  1.00 56.39 ? 220 ASP X C   1 
ATOM   729  O O   . ASP L  1 6 ? 19.853  33.686  -1.366  1.00 56.39 ? 220 ASP X O   1 
ATOM   730  C CB  . ASP L  1 6 ? 19.970  33.891  2.042   1.00 56.39 ? 220 ASP X CB  1 
ATOM   731  C CG  . ASP L  1 6 ? 21.193  34.780  1.883   1.00 56.39 ? 220 ASP X CG  1 
ATOM   732  O OD1 . ASP L  1 6 ? 22.159  34.387  1.196   1.00 56.39 ? 220 ASP X OD1 1 
ATOM   733  O OD2 . ASP L  1 6 ? 21.190  35.887  2.459   1.00 56.39 ? 220 ASP X OD2 1 
ATOM   734  N N   . ASN L  1 7 ? 17.975  34.102  -0.216  1.00 55.73 ? 221 ASN X N   1 
ATOM   735  C CA  . ASN L  1 7 ? 17.298  34.713  -1.379  1.00 55.73 ? 221 ASN X CA  1 
ATOM   736  C C   . ASN L  1 7 ? 17.008  36.213  -1.263  1.00 55.73 ? 221 ASN X C   1 
ATOM   737  O O   . ASN L  1 7 ? 17.159  36.945  -2.241  1.00 55.73 ? 221 ASN X O   1 
ATOM   738  C CB  . ASN L  1 7 ? 15.987  33.967  -1.670  1.00 55.73 ? 221 ASN X CB  1 
ATOM   739  C CG  . ASN L  1 7 ? 15.384  34.342  -3.012  1.00 55.73 ? 221 ASN X CG  1 
ATOM   740  O OD1 . ASN L  1 7 ? 16.099  34.668  -3.960  1.00 55.73 ? 221 ASN X OD1 1 
ATOM   741  N ND2 . ASN L  1 7 ? 14.059  34.298  -3.098  1.00 55.73 ? 221 ASN X ND2 1 
ATOM   742  N N   . PHE L  1 8 ? 16.576  36.667  -0.092  1.00 56.77 ? 222 PHE X N   1 
ATOM   743  C CA  . PHE L  1 8 ? 16.250  38.092  0.125   1.00 56.77 ? 222 PHE X CA  1 
ATOM   744  C C   . PHE L  1 8 ? 15.511  38.783  -1.028  1.00 56.77 ? 222 PHE X C   1 
ATOM   745  O O   . PHE L  1 8 ? 15.813  39.931  -1.354  1.00 56.77 ? 222 PHE X O   1 
ATOM   746  C CB  . PHE L  1 8 ? 17.511  38.894  0.503   1.00 56.77 ? 222 PHE X CB  1 
ATOM   747  C CG  . PHE L  1 8 ? 18.661  38.713  -0.442  1.00 56.77 ? 222 PHE X CG  1 
ATOM   748  C CD1 . PHE L  1 8 ? 18.780  39.508  -1.568  1.00 56.77 ? 222 PHE X CD1 1 
ATOM   749  C CD2 . PHE L  1 8 ? 19.625  37.750  -0.202  1.00 56.77 ? 222 PHE X CD2 1 
ATOM   750  C CE1 . PHE L  1 8 ? 19.837  39.341  -2.441  1.00 56.77 ? 222 PHE X CE1 1 
ATOM   751  C CE2 . PHE L  1 8 ? 20.682  37.576  -1.071  1.00 56.77 ? 222 PHE X CE2 1 
ATOM   752  C CZ  . PHE L  1 8 ? 20.790  38.374  -2.191  1.00 56.77 ? 222 PHE X CZ  1 
ATOM   753  N N   . GLY L  1 9 ? 14.536  38.111  -1.631  1.00 59.02 ? 223 GLY X N   1 
ATOM   754  C CA  . GLY L  1 9 ? 13.744  38.741  -2.672  1.00 59.02 ? 223 GLY X CA  1 
ATOM   755  C C   . GLY L  1 9 ? 12.315  38.240  -2.689  1.00 59.02 ? 223 GLY X C   1 
ATOM   756  O O   . GLY L  1 9 ? 11.680  38.119  -1.642  1.00 59.02 ? 223 GLY X O   1 
ATOM   757  N N   . GLY M  1 1 ? 33.049  56.116  1.079   1.00 85.74 ? 215 GLY Z N   1 
ATOM   758  C CA  . GLY M  1 1 ? 32.076  56.788  1.919   1.00 85.74 ? 215 GLY Z CA  1 
ATOM   759  C C   . GLY M  1 1 ? 30.846  57.219  1.157   1.00 85.74 ? 215 GLY Z C   1 
ATOM   760  O O   . GLY M  1 1 ? 30.880  58.198  0.421   1.00 85.74 ? 215 GLY Z O   1 
HETATM 761  N N   . PHI M  1 2 ? 29.756  56.485  1.341   1.00 86.55 ? 216 PHI Z N   1 
HETATM 762  C CA  . PHI M  1 2 ? 28.509  56.714  0.645   1.00 86.55 ? 216 PHI Z CA  1 
HETATM 763  C CB  . PHI M  1 2 ? 27.421  55.764  1.181   1.00 86.55 ? 216 PHI Z CB  1 
HETATM 764  C CG  . PHI M  1 2 ? 26.268  55.404  0.325   1.00 86.55 ? 216 PHI Z CG  1 
HETATM 765  C CD1 . PHI M  1 2 ? 26.339  54.373  -0.607  1.00 86.55 ? 216 PHI Z CD1 1 
HETATM 766  C CD2 . PHI M  1 2 ? 25.060  56.072  0.496   1.00 86.55 ? 216 PHI Z CD2 1 
HETATM 767  C CE1 . PHI M  1 2 ? 25.222  54.050  -1.371  1.00 86.55 ? 216 PHI Z CE1 1 
HETATM 768  C CE2 . PHI M  1 2 ? 23.946  55.751  -0.264  1.00 86.55 ? 216 PHI Z CE2 1 
HETATM 769  C CZ  . PHI M  1 2 ? 24.025  54.737  -1.199  1.00 86.55 ? 216 PHI Z CZ  1 
HETATM 770  I I   . PHI M  1 2 ? 22.398  54.292  -2.290  1.00 86.55 ? 216 PHI Z I   1 
HETATM 771  C C   . PHI M  1 2 ? 28.530  58.133  1.185   1.00 86.55 ? 216 PHI Z C   1 
HETATM 772  O O   . PHI M  1 2 ? 28.695  58.401  2.372   1.00 86.55 ? 216 PHI Z O   1 
ATOM   773  N N   . GLY M  1 3 ? 28.342  59.091  0.280   1.00 86.66 ? 217 GLY Z N   1 
ATOM   774  C CA  . GLY M  1 3 ? 28.529  60.486  0.630   1.00 86.66 ? 217 GLY Z CA  1 
ATOM   775  C C   . GLY M  1 3 ? 27.425  60.984  -0.262  1.00 86.66 ? 217 GLY Z C   1 
ATOM   776  O O   . GLY M  1 3 ? 27.433  60.717  -1.458  1.00 86.66 ? 217 GLY Z O   1 
ATOM   777  N N   . GLY M  1 4 ? 26.484  61.729  0.303   1.00 87.30 ? 218 GLY Z N   1 
ATOM   778  C CA  . GLY M  1 4 ? 25.384  62.204  -0.508  1.00 87.30 ? 218 GLY Z CA  1 
ATOM   779  C C   . GLY M  1 4 ? 24.405  63.128  0.178   1.00 87.30 ? 218 GLY Z C   1 
ATOM   780  O O   . GLY M  1 4 ? 23.926  62.848  1.279   1.00 87.30 ? 218 GLY Z O   1 
ATOM   781  N N   . ASN M  1 5 ? 24.091  64.231  -0.489  1.00 87.20 ? 219 ASN Z N   1 
ATOM   782  C CA  . ASN M  1 5 ? 23.077  65.177  -0.048  1.00 87.20 ? 219 ASN Z CA  1 
ATOM   783  C C   . ASN M  1 5 ? 21.820  65.011  -0.887  1.00 87.20 ? 219 ASN Z C   1 
ATOM   784  O O   . ASN M  1 5 ? 21.134  65.981  -1.208  1.00 87.20 ? 219 ASN Z O   1 
ATOM   785  C CB  . ASN M  1 5 ? 23.593  66.607  -0.145  1.00 87.20 ? 219 ASN Z CB  1 
ATOM   786  C CG  . ASN M  1 5 ? 24.799  66.851  0.733   1.00 87.20 ? 219 ASN Z CG  1 
ATOM   787  O OD1 . ASN M  1 5 ? 24.886  66.340  1.845   1.00 87.20 ? 219 ASN Z OD1 1 
ATOM   788  N ND2 . ASN M  1 5 ? 25.735  67.645  0.239   1.00 87.20 ? 219 ASN Z ND2 1 
ATOM   789  N N   . ASP M  1 6 ? 21.518  63.773  -1.258  1.00 85.53 ? 220 ASP Z N   1 
ATOM   790  C CA  . ASP M  1 6 ? 20.563  63.501  -2.318  1.00 85.53 ? 220 ASP Z CA  1 
ATOM   791  C C   . ASP M  1 6 ? 19.149  63.346  -1.780  1.00 85.53 ? 220 ASP Z C   1 
ATOM   792  O O   . ASP M  1 6 ? 18.920  63.188  -0.583  1.00 85.53 ? 220 ASP Z O   1 
ATOM   793  C CB  . ASP M  1 6 ? 20.968  62.244  -3.087  1.00 85.53 ? 220 ASP Z CB  1 
ATOM   794  C CG  . ASP M  1 6 ? 21.006  61.007  -2.214  1.00 85.53 ? 220 ASP Z CG  1 
ATOM   795  O OD1 . ASP M  1 6 ? 20.791  61.133  -0.988  1.00 85.53 ? 220 ASP Z OD1 1 
ATOM   796  O OD2 . ASP M  1 6 ? 21.252  59.910  -2.750  1.00 85.53 ? 220 ASP Z OD2 1 
ATOM   797  N N   . ASN M  1 7 ? 18.193  63.384  -2.696  1.00 84.14 ? 221 ASN Z N   1 
ATOM   798  C CA  . ASN M  1 7 ? 16.800  63.117  -2.392  1.00 84.14 ? 221 ASN Z CA  1 
ATOM   799  C C   . ASN M  1 7 ? 16.590  61.610  -2.416  1.00 84.14 ? 221 ASN Z C   1 
ATOM   800  O O   . ASN M  1 7 ? 17.546  60.836  -2.466  1.00 84.14 ? 221 ASN Z O   1 
ATOM   801  C CB  . ASN M  1 7 ? 15.895  63.834  -3.384  1.00 84.14 ? 221 ASN Z CB  1 
ATOM   802  C CG  . ASN M  1 7 ? 15.888  65.331  -3.182  1.00 84.14 ? 221 ASN Z CG  1 
ATOM   803  O OD1 . ASN M  1 7 ? 16.191  65.823  -2.096  1.00 84.14 ? 221 ASN Z OD1 1 
ATOM   804  N ND2 . ASN M  1 7 ? 15.541  66.066  -4.228  1.00 84.14 ? 221 ASN Z ND2 1 
ATOM   805  N N   . PHE M  1 8 ? 15.335  61.178  -2.381  1.00 82.76 ? 222 PHE Z N   1 
ATOM   806  C CA  . PHE M  1 8 ? 14.991  59.762  -2.418  1.00 82.76 ? 222 PHE Z CA  1 
ATOM   807  C C   . PHE M  1 8 ? 13.526  59.639  -2.802  1.00 82.76 ? 222 PHE Z C   1 
ATOM   808  O O   . PHE M  1 8 ? 12.902  60.603  -3.256  1.00 82.76 ? 222 PHE Z O   1 
ATOM   809  C CB  . PHE M  1 8 ? 15.278  59.083  -1.077  1.00 82.76 ? 222 PHE Z CB  1 
ATOM   810  C CG  . PHE M  1 8 ? 16.722  59.073  -0.711  1.00 82.76 ? 222 PHE Z CG  1 
ATOM   811  C CD1 . PHE M  1 8 ? 17.564  58.110  -1.211  1.00 82.76 ? 222 PHE Z CD1 1 
ATOM   812  C CD2 . PHE M  1 8 ? 17.241  60.030  0.126   1.00 82.76 ? 222 PHE Z CD2 1 
ATOM   813  C CE1 . PHE M  1 8 ? 18.893  58.105  -0.875  1.00 82.76 ? 222 PHE Z CE1 1 
ATOM   814  C CE2 . PHE M  1 8 ? 18.570  60.025  0.461   1.00 82.76 ? 222 PHE Z CE2 1 
ATOM   815  C CZ  . PHE M  1 8 ? 19.395  59.064  -0.041  1.00 82.76 ? 222 PHE Z CZ  1 
ATOM   816  N N   . GLY M  1 9 ? 12.979  58.442  -2.636  1.00 81.44 ? 223 GLY Z N   1 
ATOM   817  C CA  . GLY M  1 9 ? 11.561  58.220  -2.831  1.00 81.44 ? 223 GLY Z CA  1 
ATOM   818  C C   . GLY M  1 9 ? 11.134  58.188  -4.282  1.00 81.44 ? 223 GLY Z C   1 
ATOM   819  O O   . GLY M  1 9 ? 9.945   58.088  -4.581  1.00 81.44 ? 223 GLY Z O   1 
ATOM   820  N N   . GLY N  1 1 ? 40.627  26.987  14.149  1.00 72.62 ? 215 GLY a N   1 
ATOM   821  C CA  . GLY N  1 1 ? 39.891  28.182  13.778  1.00 72.62 ? 215 GLY a CA  1 
ATOM   822  C C   . GLY N  1 1 ? 40.796  29.339  13.418  1.00 72.62 ? 215 GLY a C   1 
ATOM   823  O O   . GLY N  1 1 ? 41.931  29.138  12.996  1.00 72.62 ? 215 GLY a O   1 
HETATM 824  N N   . PHI N  1 2 ? 40.289  30.552  13.582  1.00 73.01 ? 216 PHI a N   1 
HETATM 825  C CA  . PHI N  1 2 ? 41.043  31.739  13.280  1.00 73.01 ? 216 PHI a CA  1 
HETATM 826  C CB  . PHI N  1 2 ? 40.192  33.021  13.316  1.00 73.01 ? 216 PHI a CB  1 
HETATM 827  C CG  . PHI N  1 2 ? 39.345  33.197  12.106  1.00 73.01 ? 216 PHI a CG  1 
HETATM 828  C CD1 . PHI N  1 2 ? 38.552  32.174  11.588  1.00 73.01 ? 216 PHI a CD1 1 
HETATM 829  C CD2 . PHI N  1 2 ? 39.317  34.431  11.465  1.00 73.01 ? 216 PHI a CD2 1 
HETATM 830  C CE1 . PHI N  1 2 ? 37.772  32.385  10.450  1.00 73.01 ? 216 PHI a CE1 1 
HETATM 831  C CE2 . PHI N  1 2 ? 38.536  34.645  10.335  1.00 73.01 ? 216 PHI a CE2 1 
HETATM 832  C CZ  . PHI N  1 2 ? 37.759  33.624  9.818   1.00 73.01 ? 216 PHI a CZ  1 
HETATM 833  I I   . PHI N  1 2 ? 36.641  33.967  8.173   1.00 73.01 ? 216 PHI a I   1 
HETATM 834  C C   . PHI N  1 2 ? 41.385  32.021  14.738  1.00 73.01 ? 216 PHI a C   1 
HETATM 835  O O   . PHI N  1 2 ? 40.603  31.853  15.674  1.00 73.01 ? 216 PHI a O   1 
ATOM   836  N N   . GLY N  1 3 ? 42.596  32.526  14.942  1.00 68.96 ? 217 GLY a N   1 
ATOM   837  C CA  . GLY N  1 3 ? 42.988  32.909  16.288  1.00 68.96 ? 217 GLY a CA  1 
ATOM   838  C C   . GLY N  1 3 ? 44.138  33.847  16.021  1.00 68.96 ? 217 GLY a C   1 
ATOM   839  O O   . GLY N  1 3 ? 44.322  34.315  14.898  1.00 68.96 ? 217 GLY a O   1 
ATOM   840  N N   . GLY N  1 4 ? 44.917  34.128  17.058  1.00 63.99 ? 218 GLY a N   1 
ATOM   841  C CA  . GLY N  1 4 ? 46.074  34.986  16.900  1.00 63.99 ? 218 GLY a CA  1 
ATOM   842  C C   . GLY N  1 4 ? 45.596  36.413  16.774  1.00 63.99 ? 218 GLY a C   1 
ATOM   843  O O   . GLY N  1 4 ? 44.524  36.760  17.266  1.00 63.99 ? 218 GLY a O   1 
ATOM   844  N N   . ASN N  1 5 ? 46.386  37.269  16.116  1.00 61.97 ? 219 ASN a N   1 
ATOM   845  C CA  . ASN N  1 5 ? 46.047  38.703  15.995  1.00 61.97 ? 219 ASN a CA  1 
ATOM   846  C C   . ASN N  1 5 ? 45.062  39.195  14.945  1.00 61.97 ? 219 ASN a C   1 
ATOM   847  O O   . ASN N  1 5 ? 45.342  39.062  13.758  1.00 61.97 ? 219 ASN a O   1 
ATOM   848  C CB  . ASN N  1 5 ? 47.393  39.395  15.797  1.00 61.97 ? 219 ASN a CB  1 
ATOM   849  C CG  . ASN N  1 5 ? 48.293  39.266  17.008  1.00 61.97 ? 219 ASN a CG  1 
ATOM   850  O OD1 . ASN N  1 5 ? 47.822  39.049  18.124  1.00 61.97 ? 219 ASN a OD1 1 
ATOM   851  N ND2 . ASN N  1 5 ? 49.596  39.389  16.792  1.00 61.97 ? 219 ASN a ND2 1 
ATOM   852  N N   . ASP N  1 6 ? 43.930  39.750  15.391  1.00 61.37 ? 220 ASP a N   1 
ATOM   853  C CA  . ASP N  1 6 ? 42.896  40.252  14.480  1.00 61.37 ? 220 ASP a CA  1 
ATOM   854  C C   . ASP N  1 6 ? 41.905  41.197  15.172  1.00 61.37 ? 220 ASP a C   1 
ATOM   855  O O   . ASP N  1 6 ? 41.689  41.078  16.378  1.00 61.37 ? 220 ASP a O   1 
ATOM   856  C CB  . ASP N  1 6 ? 41.805  39.201  14.283  1.00 61.37 ? 220 ASP a CB  1 
ATOM   857  C CG  . ASP N  1 6 ? 42.277  38.018  13.455  1.00 61.37 ? 220 ASP a CG  1 
ATOM   858  O OD1 . ASP N  1 6 ? 43.335  38.132  12.802  1.00 61.37 ? 220 ASP a OD1 1 
ATOM   859  O OD2 . ASP N  1 6 ? 41.596  36.972  13.466  1.00 61.37 ? 220 ASP a OD2 1 
ATOM   860  N N   . ASN N  1 7 ? 41.339  42.161  14.443  1.00 58.80 ? 221 ASN a N   1 
ATOM   861  C CA  . ASN N  1 7 ? 40.460  43.154  15.083  1.00 58.80 ? 221 ASN a CA  1 
ATOM   862  C C   . ASN N  1 7 ? 38.937  43.203  15.004  1.00 58.80 ? 221 ASN a C   1 
ATOM   863  O O   . ASN N  1 7 ? 38.290  43.530  15.998  1.00 58.80 ? 221 ASN a O   1 
ATOM   864  C CB  . ASN N  1 7 ? 41.051  44.283  14.239  1.00 58.80 ? 221 ASN a CB  1 
ATOM   865  C CG  . ASN N  1 7 ? 42.498  44.565  14.580  1.00 58.80 ? 221 ASN a CG  1 
ATOM   866  O OD1 . ASN N  1 7 ? 42.960  44.255  15.678  1.00 58.80 ? 221 ASN a OD1 1 
ATOM   867  N ND2 . ASN N  1 7 ? 43.224  45.152  13.637  1.00 58.80 ? 221 ASN a ND2 1 
ATOM   868  N N   . PHE N  1 8 ? 38.378  42.836  13.855  1.00 56.48 ? 222 PHE a N   1 
ATOM   869  C CA  . PHE N  1 8 ? 36.933  42.887  13.680  1.00 56.48 ? 222 PHE a CA  1 
ATOM   870  C C   . PHE N  1 8 ? 36.428  44.220  14.189  1.00 56.48 ? 222 PHE a C   1 
ATOM   871  O O   . PHE N  1 8 ? 35.405  44.286  14.869  1.00 56.48 ? 222 PHE a O   1 
ATOM   872  C CB  . PHE N  1 8 ? 36.241  41.740  14.418  1.00 56.48 ? 222 PHE a CB  1 
ATOM   873  C CG  . PHE N  1 8 ? 36.596  40.380  13.896  1.00 56.48 ? 222 PHE a CG  1 
ATOM   874  C CD1 . PHE N  1 8 ? 35.948  39.856  12.792  1.00 56.48 ? 222 PHE a CD1 1 
ATOM   875  C CD2 . PHE N  1 8 ? 37.576  39.623  14.514  1.00 56.48 ? 222 PHE a CD2 1 
ATOM   876  C CE1 . PHE N  1 8 ? 36.272  38.603  12.312  1.00 56.48 ? 222 PHE a CE1 1 
ATOM   877  C CE2 . PHE N  1 8 ? 37.909  38.371  14.038  1.00 56.48 ? 222 PHE a CE2 1 
ATOM   878  C CZ  . PHE N  1 8 ? 37.251  37.858  12.938  1.00 56.48 ? 222 PHE a CZ  1 
ATOM   879  N N   . GLY N  1 9 ? 37.151  45.286  13.869  1.00 56.63 ? 223 GLY a N   1 
ATOM   880  C CA  . GLY N  1 9 ? 36.771  46.603  14.344  1.00 56.63 ? 223 GLY a CA  1 
ATOM   881  C C   . GLY N  1 9 ? 37.625  47.022  15.522  1.00 56.63 ? 223 GLY a C   1 
ATOM   882  O O   . GLY N  1 9 ? 38.675  46.430  15.780  1.00 56.63 ? 223 GLY a O   1 
ATOM   883  N N   . GLY O  1 1 ? -30.045 -59.538 -6.212  1.00 82.79 ? 215 GLY c N   1 
ATOM   884  C CA  . GLY O  1 1 ? -29.108 -58.850 -7.080  1.00 82.79 ? 215 GLY c CA  1 
ATOM   885  C C   . GLY O  1 1 ? -27.723 -58.787 -6.478  1.00 82.79 ? 215 GLY c C   1 
ATOM   886  O O   . GLY O  1 1 ? -26.760 -59.261 -7.078  1.00 82.79 ? 215 GLY c O   1 
HETATM 887  N N   . PHI O  1 2 ? -27.614 -58.226 -5.277  1.00 85.83 ? 216 PHI c N   1 
HETATM 888  C CA  . PHI O  1 2 ? -26.315 -58.072 -4.641  1.00 85.83 ? 216 PHI c CA  1 
HETATM 889  C CB  . PHI O  1 2 ? -26.367 -56.784 -3.826  1.00 85.83 ? 216 PHI c CB  1 
HETATM 890  C CG  . PHI O  1 2 ? -24.980 -56.219 -3.646  1.00 85.83 ? 216 PHI c CG  1 
HETATM 891  C CD1 . PHI O  1 2 ? -24.252 -56.536 -2.507  1.00 85.83 ? 216 PHI c CD1 1 
HETATM 892  C CD2 . PHI O  1 2 ? -24.434 -55.383 -4.611  1.00 85.83 ? 216 PHI c CD2 1 
HETATM 893  C CE1 . PHI O  1 2 ? -22.976 -56.022 -2.331  1.00 85.83 ? 216 PHI c CE1 1 
HETATM 894  C CE2 . PHI O  1 2 ? -23.155 -54.868 -4.435  1.00 85.83 ? 216 PHI c CE2 1 
HETATM 895  C CZ  . PHI O  1 2 ? -22.427 -55.188 -3.294  1.00 85.83 ? 216 PHI c CZ  1 
HETATM 896  I I   . PHI O  1 2 ? -20.503 -54.425 -3.010  1.00 85.83 ? 216 PHI c I   1 
HETATM 897  C C   . PHI O  1 2 ? -26.445 -59.491 -4.160  1.00 85.83 ? 216 PHI c C   1 
HETATM 898  O O   . PHI O  1 2 ? -27.585 -59.937 -3.915  1.00 85.83 ? 216 PHI c O   1 
ATOM   899  N N   . GLY O  1 3 ? -25.331 -60.204 -4.025  1.00 86.56 ? 217 GLY c N   1 
ATOM   900  C CA  . GLY O  1 3 ? -25.352 -61.574 -3.536  1.00 86.56 ? 217 GLY c CA  1 
ATOM   901  C C   . GLY O  1 3 ? -24.946 -61.002 -2.194  1.00 86.56 ? 217 GLY c C   1 
ATOM   902  O O   . GLY O  1 3 ? -24.042 -60.172 -2.119  1.00 86.56 ? 217 GLY c O   1 
ATOM   903  N N   . GLY O  1 4 ? -25.611 -61.439 -1.130  1.00 88.60 ? 218 GLY c N   1 
ATOM   904  C CA  . GLY O  1 4 ? -25.276 -60.968 0.204   1.00 88.60 ? 218 GLY c CA  1 
ATOM   905  C C   . GLY O  1 4 ? -24.686 -62.065 1.059   1.00 88.60 ? 218 GLY c C   1 
ATOM   906  O O   . GLY O  1 4 ? -24.504 -61.889 2.264   1.00 88.60 ? 218 GLY c O   1 
ATOM   907  N N   . ASN O  1 5 ? -24.384 -63.201 0.446   1.00 88.94 ? 219 ASN c N   1 
ATOM   908  C CA  . ASN O  1 5 ? -23.797 -64.310 1.180   1.00 88.94 ? 219 ASN c CA  1 
ATOM   909  C C   . ASN O  1 5 ? -22.314 -64.137 0.931   1.00 88.94 ? 219 ASN c C   1 
ATOM   910  O O   . ASN O  1 5 ? -21.792 -64.620 -0.074  1.00 88.94 ? 219 ASN c O   1 
ATOM   911  C CB  . ASN O  1 5 ? -24.310 -65.648 0.663   1.00 88.94 ? 219 ASN c CB  1 
ATOM   912  C CG  . ASN O  1 5 ? -25.742 -65.914 1.078   1.00 88.94 ? 219 ASN c CG  1 
ATOM   913  O OD1 . ASN O  1 5 ? -26.230 -65.357 2.062   1.00 88.94 ? 219 ASN c OD1 1 
ATOM   914  N ND2 . ASN O  1 5 ? -26.428 -66.761 0.321   1.00 88.94 ? 219 ASN c ND2 1 
ATOM   915  N N   . ASP O  1 6 ? -21.630 -63.448 1.836   1.00 89.49 ? 220 ASP c N   1 
ATOM   916  C CA  . ASP O  1 6 ? -20.211 -63.182 1.645   1.00 89.49 ? 220 ASP c CA  1 
ATOM   917  C C   . ASP O  1 6 ? -19.797 -62.848 3.068   1.00 89.49 ? 220 ASP c C   1 
ATOM   918  O O   . ASP O  1 6 ? -20.610 -62.373 3.862   1.00 89.49 ? 220 ASP c O   1 
ATOM   919  C CB  . ASP O  1 6 ? -19.902 -62.357 0.396   1.00 89.49 ? 220 ASP c CB  1 
ATOM   920  C CG  . ASP O  1 6 ? -20.834 -61.178 0.227   1.00 89.49 ? 220 ASP c CG  1 
ATOM   921  O OD1 . ASP O  1 6 ? -21.784 -61.055 1.026   1.00 89.49 ? 220 ASP c OD1 1 
ATOM   922  O OD2 . ASP O  1 6 ? -20.623 -60.384 -0.711  1.00 89.49 ? 220 ASP c OD2 1 
ATOM   923  N N   . ASN O  1 7 ? -18.525 -63.083 3.371   1.00 89.20 ? 221 ASN c N   1 
ATOM   924  C CA  . ASN O  1 7 ? -17.927 -62.606 4.605   1.00 89.20 ? 221 ASN c CA  1 
ATOM   925  C C   . ASN O  1 7 ? -17.000 -61.474 4.187   1.00 89.20 ? 221 ASN c C   1 
ATOM   926  O O   . ASN O  1 7 ? -16.269 -61.581 3.203   1.00 89.20 ? 221 ASN c O   1 
ATOM   927  C CB  . ASN O  1 7 ? -16.895 -63.626 5.090   1.00 89.20 ? 221 ASN c CB  1 
ATOM   928  C CG  . ASN O  1 7 ? -17.507 -64.956 5.452   1.00 89.20 ? 221 ASN c CG  1 
ATOM   929  O OD1 . ASN O  1 7 ? -17.023 -66.009 5.038   1.00 89.20 ? 221 ASN c OD1 1 
ATOM   930  N ND2 . ASN O  1 7 ? -18.586 -64.921 6.222   1.00 89.20 ? 221 ASN c ND2 1 
ATOM   931  N N   . PHE O  1 8 ? -17.039 -60.372 4.938   1.00 88.70 ? 222 PHE c N   1 
ATOM   932  C CA  . PHE O  1 8 ? -16.174 -59.213 4.706   1.00 88.70 ? 222 PHE c CA  1 
ATOM   933  C C   . PHE O  1 8 ? -15.013 -59.533 5.635   1.00 88.70 ? 222 PHE c C   1 
ATOM   934  O O   . PHE O  1 8 ? -15.213 -59.807 6.820   1.00 88.70 ? 222 PHE c O   1 
ATOM   935  C CB  . PHE O  1 8 ? -17.057 -58.000 4.912   1.00 88.70 ? 222 PHE c CB  1 
ATOM   936  C CG  . PHE O  1 8 ? -17.917 -57.681 3.741   1.00 88.70 ? 222 PHE c CG  1 
ATOM   937  C CD1 . PHE O  1 8 ? -17.570 -56.677 2.870   1.00 88.70 ? 222 PHE c CD1 1 
ATOM   938  C CD2 . PHE O  1 8 ? -19.075 -58.384 3.510   1.00 88.70 ? 222 PHE c CD2 1 
ATOM   939  C CE1 . PHE O  1 8 ? -18.364 -56.383 1.794   1.00 88.70 ? 222 PHE c CE1 1 
ATOM   940  C CE2 . PHE O  1 8 ? -19.869 -58.091 2.434   1.00 88.70 ? 222 PHE c CE2 1 
ATOM   941  C CZ  . PHE O  1 8 ? -19.513 -57.089 1.575   1.00 88.70 ? 222 PHE c CZ  1 
ATOM   942  N N   . GLY O  1 9 ? -13.802 -59.466 5.107   1.00 89.85 ? 223 GLY c N   1 
ATOM   943  C CA  . GLY O  1 9 ? -12.619 -59.759 5.893   1.00 89.85 ? 223 GLY c CA  1 
ATOM   944  C C   . GLY O  1 9 ? -12.733 -60.504 7.207   1.00 89.85 ? 223 GLY c C   1 
ATOM   945  O O   . GLY O  1 9 ? -12.896 -61.723 7.228   1.00 89.85 ? 223 GLY c O   1 
ATOM   946  N N   . GLY P  1 1 ? -37.306 -30.961 -19.020 1.00 68.10 ? 215 GLY d N   1 
ATOM   947  C CA  . GLY P  1 1 ? -37.152 -31.777 -20.208 1.00 68.10 ? 215 GLY d CA  1 
ATOM   948  C C   . GLY P  1 1 ? -37.515 -33.222 -19.954 1.00 68.10 ? 215 GLY d C   1 
ATOM   949  O O   . GLY P  1 1 ? -37.988 -33.913 -20.856 1.00 68.10 ? 215 GLY d O   1 
HETATM 950  N N   . PHI P  1 2 ? -37.327 -33.679 -18.722 1.00 70.92 ? 216 PHI d N   1 
HETATM 951  C CA  . PHI P  1 2 ? -37.716 -35.029 -18.375 1.00 70.92 ? 216 PHI d CA  1 
HETATM 952  C CB  . PHI P  1 2 ? -37.048 -35.444 -17.077 1.00 70.92 ? 216 PHI d CB  1 
HETATM 953  C CG  . PHI P  1 2 ? -35.613 -35.813 -17.350 1.00 70.92 ? 216 PHI d CG  1 
HETATM 954  C CD1 . PHI P  1 2 ? -34.672 -34.816 -17.573 1.00 70.92 ? 216 PHI d CD1 1 
HETATM 955  C CD2 . PHI P  1 2 ? -35.238 -37.149 -17.375 1.00 70.92 ? 216 PHI d CD2 1 
HETATM 956  C CE1 . PHI P  1 2 ? -33.350 -35.156 -17.822 1.00 70.92 ? 216 PHI d CE1 1 
HETATM 957  C CE2 . PHI P  1 2 ? -33.916 -37.488 -17.624 1.00 70.92 ? 216 PHI d CE2 1 
HETATM 958  C CZ  . PHI P  1 2 ? -32.973 -36.492 -17.849 1.00 70.92 ? 216 PHI d CZ  1 
HETATM 959  I I   . PHI P  1 2 ? -30.982 -37.002 -18.224 1.00 70.92 ? 216 PHI d I   1 
HETATM 960  C C   . PHI P  1 2 ? -39.116 -34.636 -18.032 1.00 70.92 ? 216 PHI d C   1 
HETATM 961  O O   . PHI P  1 2 ? -39.428 -34.424 -16.841 1.00 70.92 ? 216 PHI d O   1 
ATOM   962  N N   . GLY P  1 3 ? -39.971 -34.513 -19.040 1.00 72.44 ? 217 GLY d N   1 
ATOM   963  C CA  . GLY P  1 3 ? -41.346 -34.118 -18.808 1.00 72.44 ? 217 GLY d CA  1 
ATOM   964  C C   . GLY P  1 3 ? -42.564 -34.962 -19.102 1.00 72.44 ? 217 GLY d C   1 
ATOM   965  O O   . GLY P  1 3 ? -43.689 -34.541 -18.842 1.00 72.44 ? 217 GLY d O   1 
ATOM   966  N N   . GLY P  1 4 ? -42.349 -36.154 -19.650 1.00 73.12 ? 218 GLY d N   1 
ATOM   967  C CA  . GLY P  1 4 ? -43.458 -37.046 -19.933 1.00 73.12 ? 218 GLY d CA  1 
ATOM   968  C C   . GLY P  1 4 ? -43.781 -38.394 -19.330 1.00 73.12 ? 218 GLY d C   1 
ATOM   969  O O   . GLY P  1 4 ? -43.484 -39.411 -19.938 1.00 73.12 ? 218 GLY d O   1 
ATOM   970  N N   . ASN P  1 5 ? -44.390 -38.406 -18.148 1.00 73.27 ? 219 ASN d N   1 
ATOM   971  C CA  . ASN P  1 5 ? -44.777 -39.658 -17.487 1.00 73.27 ? 219 ASN d CA  1 
ATOM   972  C C   . ASN P  1 5 ? -43.544 -40.557 -17.381 1.00 73.27 ? 219 ASN d C   1 
ATOM   973  O O   . ASN P  1 5 ? -43.595 -41.733 -17.743 1.00 73.27 ? 219 ASN d O   1 
ATOM   974  C CB  . ASN P  1 5 ? -45.971 -40.510 -17.933 1.00 73.27 ? 219 ASN d CB  1 
ATOM   975  C CG  . ASN P  1 5 ? -45.799 -41.076 -19.329 1.00 73.27 ? 219 ASN d CG  1 
ATOM   976  O OD1 . ASN P  1 5 ? -44.687 -41.402 -19.744 1.00 73.27 ? 219 ASN d OD1 1 
ATOM   977  N ND2 . ASN P  1 5 ? -46.899 -41.188 -20.062 1.00 73.27 ? 219 ASN d ND2 1 
ATOM   978  N N   . ASP P  1 6 ? -42.445 -40.013 -16.871 1.00 72.70 ? 220 ASP d N   1 
ATOM   979  C CA  . ASP P  1 6 ? -41.212 -40.790 -16.757 1.00 72.70 ? 220 ASP d CA  1 
ATOM   980  C C   . ASP P  1 6 ? -41.455 -41.669 -15.536 1.00 72.70 ? 220 ASP d C   1 
ATOM   981  O O   . ASP P  1 6 ? -42.055 -41.226 -14.559 1.00 72.70 ? 220 ASP d O   1 
ATOM   982  C CB  . ASP P  1 6 ? -40.047 -39.808 -16.885 1.00 72.70 ? 220 ASP d CB  1 
ATOM   983  C CG  . ASP P  1 6 ? -39.891 -39.273 -18.292 1.00 72.70 ? 220 ASP d CG  1 
ATOM   984  O OD1 . ASP P  1 6 ? -40.485 -39.857 -19.220 1.00 72.70 ? 220 ASP d OD1 1 
ATOM   985  O OD2 . ASP P  1 6 ? -39.171 -38.271 -18.471 1.00 72.70 ? 220 ASP d OD2 1 
ATOM   986  N N   . ASN P  1 7 ? -40.981 -42.911 -15.581 1.00 71.77 ? 221 ASN d N   1 
ATOM   987  C CA  . ASN P  1 7 ? -41.135 -43.799 -14.439 1.00 71.77 ? 221 ASN d CA  1 
ATOM   988  C C   . ASN P  1 7 ? -39.645 -43.721 -14.172 1.00 71.77 ? 221 ASN d C   1 
ATOM   989  O O   . ASN P  1 7 ? -38.839 -43.833 -15.093 1.00 71.77 ? 221 ASN d O   1 
ATOM   990  C CB  . ASN P  1 7 ? -41.733 -45.179 -14.704 1.00 71.77 ? 221 ASN d CB  1 
ATOM   991  C CG  . ASN P  1 7 ? -41.823 -46.019 -13.447 1.00 71.77 ? 221 ASN d CG  1 
ATOM   992  O OD1 . ASN P  1 7 ? -41.998 -45.493 -12.348 1.00 71.77 ? 221 ASN d OD1 1 
ATOM   993  N ND2 . ASN P  1 7 ? -41.699 -47.332 -13.601 1.00 71.77 ? 221 ASN d ND2 1 
ATOM   994  N N   . PHE P  1 8 ? -39.275 -43.533 -12.914 1.00 69.41 ? 222 PHE d N   1 
ATOM   995  C CA  . PHE P  1 8 ? -37.865 -43.473 -12.556 1.00 69.41 ? 222 PHE d CA  1 
ATOM   996  C C   . PHE P  1 8 ? -37.541 -44.926 -12.267 1.00 69.41 ? 222 PHE d C   1 
ATOM   997  O O   . PHE P  1 8 ? -36.405 -45.360 -12.461 1.00 69.41 ? 222 PHE d O   1 
ATOM   998  C CB  . PHE P  1 8 ? -37.493 -42.314 -11.633 1.00 69.41 ? 222 PHE d CB  1 
ATOM   999  C CG  . PHE P  1 8 ? -37.702 -40.964 -12.253 1.00 69.41 ? 222 PHE d CG  1 
ATOM   1000 C CD1 . PHE P  1 8 ? -36.743 -40.414 -13.084 1.00 69.41 ? 222 PHE d CD1 1 
ATOM   1001 C CD2 . PHE P  1 8 ? -38.861 -40.249 -12.008 1.00 69.41 ? 222 PHE d CD2 1 
ATOM   1002 C CE1 . PHE P  1 8 ? -36.935 -39.171 -13.658 1.00 69.41 ? 222 PHE d CE1 1 
ATOM   1003 C CE2 . PHE P  1 8 ? -39.060 -39.006 -12.576 1.00 69.41 ? 222 PHE d CE2 1 
ATOM   1004 C CZ  . PHE P  1 8 ? -38.096 -38.466 -13.402 1.00 69.41 ? 222 PHE d CZ  1 
ATOM   1005 N N   . GLY P  1 9 ? -38.535 -45.679 -11.808 1.00 69.94 ? 223 GLY d N   1 
ATOM   1006 C CA  . GLY P  1 9 ? -38.325 -47.083 -11.503 1.00 69.94 ? 223 GLY d CA  1 
ATOM   1007 C C   . GLY P  1 9 ? -37.862 -47.002 -10.061 1.00 69.94 ? 223 GLY d C   1 
ATOM   1008 O O   . GLY P  1 9 ? -36.805 -46.443 -9.770  1.00 69.94 ? 223 GLY d O   1 
ATOM   1009 N N   . GLY Q  1 1 ? -33.099 -49.927 -7.245  1.00 69.32 ? 215 GLY e N   1 
ATOM   1010 C CA  . GLY Q  1 1 ? -34.083 -49.465 -8.207  1.00 69.32 ? 215 GLY e CA  1 
ATOM   1011 C C   . GLY Q  1 1 ? -33.755 -48.090 -8.742  1.00 69.32 ? 215 GLY e C   1 
ATOM   1012 O O   . GLY Q  1 1 ? -34.049 -47.787 -9.899  1.00 69.32 ? 215 GLY e O   1 
HETATM 1013 N N   . PHI Q  1 2 ? -33.147 -47.253 -7.909  1.00 71.21 ? 216 PHI e N   1 
HETATM 1014 C CA  . PHI Q  1 2 ? -32.778 -45.919 -8.331  1.00 71.21 ? 216 PHI e CA  1 
HETATM 1015 C CB  . PHI Q  1 2 ? -34.014 -45.036 -8.389  1.00 71.21 ? 216 PHI e CB  1 
HETATM 1016 C CG  . PHI Q  1 2 ? -33.722 -43.846 -9.267  1.00 71.21 ? 216 PHI e CG  1 
HETATM 1017 C CD1 . PHI Q  1 2 ? -34.221 -43.799 -10.562 1.00 71.21 ? 216 PHI e CD1 1 
HETATM 1018 C CD2 . PHI Q  1 2 ? -32.951 -42.799 -8.777  1.00 71.21 ? 216 PHI e CD2 1 
HETATM 1019 C CE1 . PHI Q  1 2 ? -33.948 -42.700 -11.366 1.00 71.21 ? 216 PHI e CE1 1 
HETATM 1020 C CE2 . PHI Q  1 2 ? -32.675 -41.703 -9.580  1.00 71.21 ? 216 PHI e CE2 1 
HETATM 1021 C CZ  . PHI Q  1 2 ? -33.175 -41.654 -10.873 1.00 71.21 ? 216 PHI e CZ  1 
HETATM 1022 I I   . PHI Q  1 2 ? -32.754 -39.997 -12.072 1.00 71.21 ? 216 PHI e I   1 
HETATM 1023 C C   . PHI Q  1 2 ? -31.753 -45.489 -7.335  1.00 71.21 ? 216 PHI e C   1 
HETATM 1024 O O   . PHI Q  1 2 ? -31.861 -45.853 -6.145  1.00 71.21 ? 216 PHI e O   1 
ATOM   1025 N N   . GLY Q  1 3 ? -30.762 -44.724 -7.777  1.00 67.55 ? 217 GLY e N   1 
ATOM   1026 C CA  . GLY Q  1 3 ? -29.734 -44.238 -6.878  1.00 67.55 ? 217 GLY e CA  1 
ATOM   1027 C C   . GLY Q  1 3 ? -29.340 -43.046 -7.719  1.00 67.55 ? 217 GLY e C   1 
ATOM   1028 O O   . GLY Q  1 3 ? -29.360 -43.121 -8.948  1.00 67.55 ? 217 GLY e O   1 
ATOM   1029 N N   . GLY Q  1 4 ? -28.978 -41.947 -7.068  1.00 65.37 ? 218 GLY e N   1 
ATOM   1030 C CA  . GLY Q  1 4 ? -28.600 -40.742 -7.785  1.00 65.37 ? 218 GLY e CA  1 
ATOM   1031 C C   . GLY Q  1 4 ? -27.110 -41.008 -7.815  1.00 65.37 ? 218 GLY e C   1 
ATOM   1032 O O   . GLY Q  1 4 ? -26.459 -40.782 -8.833  1.00 65.37 ? 218 GLY e O   1 
ATOM   1033 N N   . ASN Q  1 5 ? -26.562 -41.489 -6.704  1.00 66.20 ? 219 ASN e N   1 
ATOM   1034 C CA  . ASN Q  1 5 ? -25.133 -41.772 -6.643  1.00 66.20 ? 219 ASN e CA  1 
ATOM   1035 C C   . ASN Q  1 5 ? -24.772 -43.247 -6.753  1.00 66.20 ? 219 ASN e C   1 
ATOM   1036 O O   . ASN Q  1 5 ? -23.942 -43.624 -7.578  1.00 66.20 ? 219 ASN e O   1 
ATOM   1037 C CB  . ASN Q  1 5 ? -24.645 -41.139 -5.339  1.00 66.20 ? 219 ASN e CB  1 
ATOM   1038 C CG  . ASN Q  1 5 ? -23.137 -41.010 -5.278  1.00 66.20 ? 219 ASN e CG  1 
ATOM   1039 O OD1 . ASN Q  1 5 ? -22.474 -40.838 -6.302  1.00 66.20 ? 219 ASN e OD1 1 
ATOM   1040 N ND2 . ASN Q  1 5 ? -22.586 -41.095 -4.075  1.00 66.20 ? 219 ASN e ND2 1 
ATOM   1041 N N   . ASP Q  1 6 ? -25.389 -44.083 -5.925  1.00 67.30 ? 220 ASP e N   1 
ATOM   1042 C CA  . ASP Q  1 6 ? -25.113 -45.508 -5.973  1.00 67.30 ? 220 ASP e CA  1 
ATOM   1043 C C   . ASP Q  1 6 ? -26.329 -46.379 -5.731  1.00 67.30 ? 220 ASP e C   1 
ATOM   1044 O O   . ASP Q  1 6 ? -27.167 -46.076 -4.883  1.00 67.30 ? 220 ASP e O   1 
ATOM   1045 C CB  . ASP Q  1 6 ? -24.263 -45.929 -4.775  1.00 67.30 ? 220 ASP e CB  1 
ATOM   1046 C CG  . ASP Q  1 6 ? -22.851 -45.420 -4.855  1.00 67.30 ? 220 ASP e CG  1 
ATOM   1047 O OD1 . ASP Q  1 6 ? -22.433 -44.987 -5.943  1.00 67.30 ? 220 ASP e OD1 1 
ATOM   1048 O OD2 . ASP Q  1 6 ? -22.154 -45.452 -3.825  1.00 67.30 ? 220 ASP e OD2 1 
ATOM   1049 N N   . ASN Q  1 7 ? -26.436 -47.472 -6.475  1.00 68.39 ? 221 ASN e N   1 
ATOM   1050 C CA  . ASN Q  1 7 ? -27.571 -48.372 -6.314  1.00 68.39 ? 221 ASN e CA  1 
ATOM   1051 C C   . ASN Q  1 7 ? -26.720 -49.621 -6.198  1.00 68.39 ? 221 ASN e C   1 
ATOM   1052 O O   . ASN Q  1 7 ? -25.895 -49.897 -7.066  1.00 68.39 ? 221 ASN e O   1 
ATOM   1053 C CB  . ASN Q  1 7 ? -28.375 -48.116 -7.588  1.00 68.39 ? 221 ASN e CB  1 
ATOM   1054 C CG  . ASN Q  1 7 ? -29.766 -48.711 -7.528  1.00 68.39 ? 221 ASN e CG  1 
ATOM   1055 O OD1 . ASN Q  1 7 ? -30.367 -48.807 -6.459  1.00 68.39 ? 221 ASN e OD1 1 
ATOM   1056 N ND2 . ASN Q  1 7 ? -30.284 -49.117 -8.680  1.00 68.39 ? 221 ASN e ND2 1 
ATOM   1057 N N   . PHE Q  1 8 ? -26.921 -50.381 -5.127  1.00 70.50 ? 222 PHE e N   1 
ATOM   1058 C CA  . PHE Q  1 8 ? -26.146 -51.599 -4.918  1.00 70.50 ? 222 PHE e CA  1 
ATOM   1059 C C   . PHE Q  1 8 ? -27.325 -52.510 -5.212  1.00 70.50 ? 222 PHE e C   1 
ATOM   1060 O O   . PHE Q  1 8 ? -27.163 -53.554 -5.841  1.00 70.50 ? 222 PHE e O   1 
ATOM   1061 C CB  . PHE Q  1 8 ? -25.583 -51.797 -3.512  1.00 70.50 ? 222 PHE e CB  1 
ATOM   1062 C CG  . PHE Q  1 8 ? -24.322 -51.027 -3.254  1.00 70.50 ? 222 PHE e CG  1 
ATOM   1063 C CD1 . PHE Q  1 8 ? -23.095 -51.528 -3.653  1.00 70.50 ? 222 PHE e CD1 1 
ATOM   1064 C CD2 . PHE Q  1 8 ? -24.363 -49.798 -2.614  1.00 70.50 ? 222 PHE e CD2 1 
ATOM   1065 C CE1 . PHE Q  1 8 ? -21.932 -50.820 -3.419  1.00 70.50 ? 222 PHE e CE1 1 
ATOM   1066 C CE2 . PHE Q  1 8 ? -23.204 -49.085 -2.376  1.00 70.50 ? 222 PHE e CE2 1 
ATOM   1067 C CZ  . PHE Q  1 8 ? -21.988 -49.597 -2.779  1.00 70.50 ? 222 PHE e CZ  1 
ATOM   1068 N N   . GLY Q  1 9 ? -28.509 -52.124 -4.754  1.00 70.07 ? 223 GLY e N   1 
ATOM   1069 C CA  . GLY Q  1 9 ? -29.700 -52.906 -5.032  1.00 70.07 ? 223 GLY e CA  1 
ATOM   1070 C C   . GLY Q  1 9 ? -30.477 -52.397 -6.230  1.00 70.07 ? 223 GLY e C   1 
ATOM   1071 O O   . GLY Q  1 9 ? -30.381 -51.223 -6.592  1.00 70.07 ? 223 GLY e O   1 
ATOM   1072 N N   . GLY R  1 1 ? -1.079  -32.180 8.073   1.00 64.57 ? 215 GLY i N   1 
ATOM   1073 C CA  . GLY R  1 1 ? -1.845  -33.350 8.453   1.00 64.57 ? 215 GLY i CA  1 
ATOM   1074 C C   . GLY R  1 1 ? -2.733  -33.886 7.350   1.00 64.57 ? 215 GLY i C   1 
ATOM   1075 O O   . GLY R  1 1 ? -2.772  -33.321 6.262   1.00 64.57 ? 215 GLY i O   1 
HETATM 1076 N N   . PHI R  1 2 ? -3.417  -34.994 7.621   1.00 69.34 ? 216 PHI i N   1 
HETATM 1077 C CA  . PHI R  1 2 ? -4.428  -35.493 6.724   1.00 69.34 ? 216 PHI i CA  1 
HETATM 1078 C CB  . PHI R  1 2 ? -5.196  -36.740 7.203   1.00 69.34 ? 216 PHI i CB  1 
HETATM 1079 C CG  . PHI R  1 2 ? -6.077  -37.387 6.189   1.00 69.34 ? 216 PHI i CG  1 
HETATM 1080 C CD1 . PHI R  1 2 ? -5.825  -38.694 5.769   1.00 69.34 ? 216 PHI i CD1 1 
HETATM 1081 C CD2 . PHI R  1 2 ? -7.182  -36.726 5.651   1.00 69.34 ? 216 PHI i CD2 1 
HETATM 1082 C CE1 . PHI R  1 2 ? -6.643  -39.317 4.833   1.00 69.34 ? 216 PHI i CE1 1 
HETATM 1083 C CE2 . PHI R  1 2 ? -7.994  -37.346 4.713   1.00 69.34 ? 216 PHI i CE2 1 
HETATM 1084 C CZ  . PHI R  1 2 ? -7.725  -38.641 4.308   1.00 69.34 ? 216 PHI i CZ  1 
HETATM 1085 I I   . PHI R  1 2 ? -8.916  -39.521 2.957   1.00 69.34 ? 216 PHI i I   1 
HETATM 1086 C C   . PHI R  1 2 ? -5.335  -34.300 6.590   1.00 69.34 ? 216 PHI i C   1 
HETATM 1087 O O   . PHI R  1 2 ? -5.713  -33.615 7.533   1.00 69.34 ? 216 PHI i O   1 
ATOM   1088 N N   . GLY R  1 3 ? -5.678  -34.004 5.345   1.00 62.80 ? 217 GLY i N   1 
ATOM   1089 C CA  . GLY R  1 3 ? -6.567  -32.889 5.084   1.00 62.80 ? 217 GLY i CA  1 
ATOM   1090 C C   . GLY R  1 3 ? -7.257  -33.616 3.959   1.00 62.80 ? 217 GLY i C   1 
ATOM   1091 O O   . GLY R  1 3 ? -6.594  -34.055 3.020   1.00 62.80 ? 217 GLY i O   1 
ATOM   1092 N N   . GLY R  1 4 ? -8.574  -33.766 4.058   1.00 60.14 ? 218 GLY i N   1 
ATOM   1093 C CA  . GLY R  1 4 ? -9.335  -34.486 3.051   1.00 60.14 ? 218 GLY i CA  1 
ATOM   1094 C C   . GLY R  1 4 ? -9.280  -33.650 1.794   1.00 60.14 ? 218 GLY i C   1 
ATOM   1095 O O   . GLY R  1 4 ? -9.077  -34.179 0.703   1.00 60.14 ? 218 GLY i O   1 
ATOM   1096 N N   . ASN R  1 5 ? -9.458  -32.344 1.935   1.00 57.54 ? 219 ASN i N   1 
ATOM   1097 C CA  . ASN R  1 5 ? -9.469  -31.478 0.771   1.00 57.54 ? 219 ASN i CA  1 
ATOM   1098 C C   . ASN R  1 5 ? -8.262  -30.577 0.573   1.00 57.54 ? 219 ASN i C   1 
ATOM   1099 O O   . ASN R  1 5 ? -7.907  -30.260 -0.561  1.00 57.54 ? 219 ASN i O   1 
ATOM   1100 C CB  . ASN R  1 5 ? -10.746 -30.669 0.921   1.00 57.54 ? 219 ASN i CB  1 
ATOM   1101 C CG  . ASN R  1 5 ? -11.095 -29.914 -0.324  1.00 57.54 ? 219 ASN i CG  1 
ATOM   1102 O OD1 . ASN R  1 5 ? -10.797 -30.351 -1.428  1.00 57.54 ? 219 ASN i OD1 1 
ATOM   1103 N ND2 . ASN R  1 5 ? -11.742 -28.772 -0.159  1.00 57.54 ? 219 ASN i ND2 1 
ATOM   1104 N N   . ASP R  1 6 ? -7.615  -30.173 1.658   1.00 56.42 ? 220 ASP i N   1 
ATOM   1105 C CA  . ASP R  1 6 ? -6.424  -29.341 1.585   1.00 56.42 ? 220 ASP i CA  1 
ATOM   1106 C C   . ASP R  1 6 ? -5.602  -29.564 2.840   1.00 56.42 ? 220 ASP i C   1 
ATOM   1107 O O   . ASP R  1 6 ? -6.100  -30.077 3.840   1.00 56.42 ? 220 ASP i O   1 
ATOM   1108 C CB  . ASP R  1 6 ? -6.783  -27.863 1.472   1.00 56.42 ? 220 ASP i CB  1 
ATOM   1109 C CG  . ASP R  1 6 ? -7.364  -27.510 0.140   1.00 56.42 ? 220 ASP i CG  1 
ATOM   1110 O OD1 . ASP R  1 6 ? -7.236  -28.323 -0.795  1.00 56.42 ? 220 ASP i OD1 1 
ATOM   1111 O OD2 . ASP R  1 6 ? -7.951  -26.418 0.027   1.00 56.42 ? 220 ASP i OD2 1 
ATOM   1112 N N   . ASN R  1 7 ? -4.337  -29.163 2.783   1.00 56.05 ? 221 ASN i N   1 
ATOM   1113 C CA  . ASN R  1 7 ? -3.485  -29.242 3.962   1.00 56.05 ? 221 ASN i CA  1 
ATOM   1114 C C   . ASN R  1 7 ? -2.578  -28.061 3.635   1.00 56.05 ? 221 ASN i C   1 
ATOM   1115 O O   . ASN R  1 7 ? -2.095  -27.957 2.507   1.00 56.05 ? 221 ASN i O   1 
ATOM   1116 C CB  . ASN R  1 7 ? -2.940  -30.640 4.139   1.00 56.05 ? 221 ASN i CB  1 
ATOM   1117 C CG  . ASN R  1 7 ? -2.296  -30.845 5.483   1.00 56.05 ? 221 ASN i CG  1 
ATOM   1118 O OD1 . ASN R  1 7 ? -2.685  -30.245 6.475   1.00 56.05 ? 221 ASN i OD1 1 
ATOM   1119 N ND2 . ASN R  1 7 ? -1.288  -31.694 5.518   1.00 56.05 ? 221 ASN i ND2 1 
ATOM   1120 N N   . PHE R  1 8 ? -2.340  -27.203 4.612   1.00 54.30 ? 222 PHE i N   1 
ATOM   1121 C CA  . PHE R  1 8 ? -1.409  -26.091 4.431   1.00 54.30 ? 222 PHE i CA  1 
ATOM   1122 C C   . PHE R  1 8 ? -0.145  -26.511 5.164   1.00 54.30 ? 222 PHE i C   1 
ATOM   1123 O O   . PHE R  1 8 ? 0.959   -26.301 4.681   1.00 54.30 ? 222 PHE i O   1 
ATOM   1124 C CB  . PHE R  1 8 ? -2.003  -24.702 4.328   1.00 54.30 ? 222 PHE i CB  1 
ATOM   1125 C CG  . PHE R  1 8 ? -3.050  -24.583 3.282   1.00 54.30 ? 222 PHE i CG  1 
ATOM   1126 C CD1 . PHE R  1 8 ? -2.706  -24.436 1.965   1.00 54.30 ? 222 PHE i CD1 1 
ATOM   1127 C CD2 . PHE R  1 8 ? -4.378  -24.618 3.614   1.00 54.30 ? 222 PHE i CD2 1 
ATOM   1128 C CE1 . PHE R  1 8 ? -3.665  -24.327 1.005   1.00 54.30 ? 222 PHE i CE1 1 
ATOM   1129 C CE2 . PHE R  1 8 ? -5.336  -24.508 2.653   1.00 54.30 ? 222 PHE i CE2 1 
ATOM   1130 C CZ  . PHE R  1 8 ? -4.980  -24.361 1.351   1.00 54.30 ? 222 PHE i CZ  1 
ATOM   1131 N N   . GLY R  1 9 ? -0.280  -27.128 6.328   1.00 56.40 ? 223 GLY i N   1 
ATOM   1132 C CA  . GLY R  1 9 ? 0.885   -27.561 7.071   1.00 56.40 ? 223 GLY i CA  1 
ATOM   1133 C C   . GLY R  1 9 ? 1.499   -28.940 7.183   1.00 56.40 ? 223 GLY i C   1 
ATOM   1134 O O   . GLY R  1 9 ? 0.803   -29.951 7.112   1.00 56.40 ? 223 GLY i O   1 
ATOM   1135 N N   . GLY S  1 1 ? -16.776 -43.519 -1.566  1.00 67.95 ? 215 GLY j N   1 
ATOM   1136 C CA  . GLY S  1 1 ? -16.111 -42.542 -0.726  1.00 67.95 ? 215 GLY j CA  1 
ATOM   1137 C C   . GLY S  1 1 ? -14.652 -42.860 -0.496  1.00 67.95 ? 215 GLY j C   1 
ATOM   1138 O O   . GLY S  1 1 ? -13.877 -42.967 -1.440  1.00 67.95 ? 215 GLY j O   1 
HETATM 1139 N N   . PHI S  1 2 ? -14.281 -43.006 0.768   1.00 73.63 ? 216 PHI j N   1 
HETATM 1140 C CA  . PHI S  1 2 ? -12.944 -43.389 1.136   1.00 73.63 ? 216 PHI j CA  1 
HETATM 1141 C CB  . PHI S  1 2 ? -12.191 -42.327 1.949   1.00 73.63 ? 216 PHI j CB  1 
HETATM 1142 C CG  . PHI S  1 2 ? -10.846 -42.694 2.444   1.00 73.63 ? 216 PHI j CG  1 
HETATM 1143 C CD1 . PHI S  1 2 ? -9.717  -42.542 1.648   1.00 73.63 ? 216 PHI j CD1 1 
HETATM 1144 C CD2 . PHI S  1 2 ? -10.686 -43.169 3.743   1.00 73.63 ? 216 PHI j CD2 1 
HETATM 1145 C CE1 . PHI S  1 2 ? -8.456  -42.873 2.143   1.00 73.63 ? 216 PHI j CE1 1 
HETATM 1146 C CE2 . PHI S  1 2 ? -9.430  -43.504 4.231   1.00 73.63 ? 216 PHI j CE2 1 
HETATM 1147 C CZ  . PHI S  1 2 ? -8.306  -43.352 3.435   1.00 73.63 ? 216 PHI j CZ  1 
HETATM 1148 I I   . PHI S  1 2 ? -6.488  -43.834 4.154   1.00 73.63 ? 216 PHI j I   1 
HETATM 1149 C C   . PHI S  1 2 ? -12.930 -44.514 2.135   1.00 73.63 ? 216 PHI j C   1 
HETATM 1150 O O   . PHI S  1 2 ? -13.679 -44.561 3.102   1.00 73.63 ? 216 PHI j O   1 
ATOM   1151 N N   . GLY S  1 3 ? -12.054 -45.473 1.894   1.00 74.05 ? 217 GLY j N   1 
ATOM   1152 C CA  . GLY S  1 3 ? -12.007 -46.649 2.724   1.00 74.05 ? 217 GLY j CA  1 
ATOM   1153 C C   . GLY S  1 3 ? -10.643 -47.286 2.742   1.00 74.05 ? 217 GLY j C   1 
ATOM   1154 O O   . GLY S  1 3 ? -9.972  -47.361 1.726   1.00 74.05 ? 217 GLY j O   1 
ATOM   1155 N N   . GLY S  1 4 ? -10.226 -47.751 3.906   1.00 75.76 ? 218 GLY j N   1 
ATOM   1156 C CA  . GLY S  1 4 ? -8.848  -48.138 4.091   1.00 75.76 ? 218 GLY j CA  1 
ATOM   1157 C C   . GLY S  1 4 ? -8.255  -49.437 3.600   1.00 75.76 ? 218 GLY j C   1 
ATOM   1158 O O   . GLY S  1 4 ? -7.152  -49.453 3.051   1.00 75.76 ? 218 GLY j O   1 
ATOM   1159 N N   . ASN S  1 5 ? -8.970  -50.534 3.840   1.00 77.02 ? 219 ASN j N   1 
ATOM   1160 C CA  . ASN S  1 5 ? -8.538  -51.896 3.547   1.00 77.02 ? 219 ASN j CA  1 
ATOM   1161 C C   . ASN S  1 5 ? -9.566  -52.116 2.442   1.00 77.02 ? 219 ASN j C   1 
ATOM   1162 O O   . ASN S  1 5 ? -9.266  -52.792 1.454   1.00 77.02 ? 219 ASN j O   1 
ATOM   1163 C CB  . ASN S  1 5 ? -8.615  -52.485 4.958   1.00 77.02 ? 219 ASN j CB  1 
ATOM   1164 C CG  . ASN S  1 5 ? -8.079  -53.896 5.031   1.00 77.02 ? 219 ASN j CG  1 
ATOM   1165 O OD1 . ASN S  1 5 ? -7.981  -54.589 4.023   1.00 77.02 ? 219 ASN j OD1 1 
ATOM   1166 N ND2 . ASN S  1 5 ? -7.742  -54.337 6.232   1.00 77.02 ? 219 ASN j ND2 1 
ATOM   1167 N N   . ASP S  1 6 ? -10.752 -51.527 2.559   1.00 76.04 ? 220 ASP j N   1 
ATOM   1168 C CA  . ASP S  1 6 ? -11.755 -51.708 1.518   1.00 76.04 ? 220 ASP j CA  1 
ATOM   1169 C C   . ASP S  1 6 ? -12.508 -50.465 1.083   1.00 76.04 ? 220 ASP j C   1 
ATOM   1170 O O   . ASP S  1 6 ? -12.400 -49.407 1.698   1.00 76.04 ? 220 ASP j O   1 
ATOM   1171 C CB  . ASP S  1 6 ? -12.763 -52.500 2.345   1.00 76.04 ? 220 ASP j CB  1 
ATOM   1172 C CG  . ASP S  1 6 ? -13.719 -53.275 1.489   1.00 76.04 ? 220 ASP j CG  1 
ATOM   1173 O OD1 . ASP S  1 6 ? -13.776 -52.995 0.277   1.00 76.04 ? 220 ASP j OD1 1 
ATOM   1174 O OD2 . ASP S  1 6 ? -14.414 -54.161 2.025   1.00 76.04 ? 220 ASP j OD2 1 
ATOM   1175 N N   . ASN S  1 7 ? -13.279 -50.622 0.012   1.00 74.73 ? 221 ASN j N   1 
ATOM   1176 C CA  . ASN S  1 7 ? -14.227 -49.631 -0.481  1.00 74.73 ? 221 ASN j CA  1 
ATOM   1177 C C   . ASN S  1 7 ? -15.256 -50.340 -1.344  1.00 74.73 ? 221 ASN j C   1 
ATOM   1178 O O   . ASN S  1 7 ? -15.090 -51.510 -1.690  1.00 74.73 ? 221 ASN j O   1 
ATOM   1179 C CB  . ASN S  1 7 ? -13.458 -48.537 -1.220  1.00 74.73 ? 221 ASN j CB  1 
ATOM   1180 C CG  . ASN S  1 7 ? -14.330 -47.374 -1.613  1.00 74.73 ? 221 ASN j CG  1 
ATOM   1181 O OD1 . ASN S  1 7 ? -15.522 -47.525 -1.856  1.00 74.73 ? 221 ASN j OD1 1 
ATOM   1182 N ND2 . ASN S  1 7 ? -13.733 -46.198 -1.688  1.00 74.73 ? 221 ASN j ND2 1 
ATOM   1183 N N   . PHE S  1 8 ? -16.329 -49.623 -1.678  1.00 74.48 ? 222 PHE j N   1 
ATOM   1184 C CA  . PHE S  1 8 ? -17.316 -50.138 -2.628  1.00 74.48 ? 222 PHE j CA  1 
ATOM   1185 C C   . PHE S  1 8 ? -17.505 -48.711 -3.140  1.00 74.48 ? 222 PHE j C   1 
ATOM   1186 O O   . PHE S  1 8 ? -17.338 -47.745 -2.394  1.00 74.48 ? 222 PHE j O   1 
ATOM   1187 C CB  . PHE S  1 8 ? -18.289 -51.140 -2.036  1.00 74.48 ? 222 PHE j CB  1 
ATOM   1188 C CG  . PHE S  1 8 ? -17.647 -52.396 -1.571  1.00 74.48 ? 222 PHE j CG  1 
ATOM   1189 C CD1 . PHE S  1 8 ? -17.367 -53.404 -2.454  1.00 74.48 ? 222 PHE j CD1 1 
ATOM   1190 C CD2 . PHE S  1 8 ? -17.320 -52.566 -0.248  1.00 74.48 ? 222 PHE j CD2 1 
ATOM   1191 C CE1 . PHE S  1 8 ? -16.781 -54.561 -2.024  1.00 74.48 ? 222 PHE j CE1 1 
ATOM   1192 C CE2 . PHE S  1 8 ? -16.734 -53.723 0.182   1.00 74.48 ? 222 PHE j CE2 1 
ATOM   1193 C CZ  . PHE S  1 8 ? -16.461 -54.719 -0.708  1.00 74.48 ? 222 PHE j CZ  1 
ATOM   1194 N N   . GLY S  1 9 ? -17.891 -48.594 -4.403  1.00 73.01 ? 223 GLY j N   1 
ATOM   1195 C CA  . GLY S  1 9 ? -18.197 -47.305 -4.990  1.00 73.01 ? 223 GLY j CA  1 
ATOM   1196 C C   . GLY S  1 9 ? -18.454 -46.077 -4.142  1.00 73.01 ? 223 GLY j C   1 
ATOM   1197 O O   . GLY S  1 9 ? -17.902 -45.938 -3.053  1.00 73.01 ? 223 GLY j O   1 
ATOM   1198 N N   . GLY T  1 1 ? -21.150 -35.639 -6.599  1.00 57.48 ? 215 GLY m N   1 
ATOM   1199 C CA  . GLY T  1 1 ? -22.544 -35.458 -6.240  1.00 57.48 ? 215 GLY m CA  1 
ATOM   1200 C C   . GLY T  1 1 ? -23.432 -35.336 -7.460  1.00 57.48 ? 215 GLY m C   1 
ATOM   1201 O O   . GLY T  1 1 ? -22.999 -34.855 -8.504  1.00 57.48 ? 215 GLY m O   1 
HETATM 1202 N N   . PHI T  1 2 ? -24.681 -35.772 -7.341  1.00 58.91 ? 216 PHI m N   1 
HETATM 1203 C CA  . PHI T  1 2 ? -25.601 -35.639 -8.450  1.00 58.91 ? 216 PHI m CA  1 
HETATM 1204 C CB  . PHI T  1 2 ? -26.988 -36.120 -8.060  1.00 58.91 ? 216 PHI m CB  1 
HETATM 1205 C CG  . PHI T  1 2 ? -27.749 -36.364 -9.338  1.00 58.91 ? 216 PHI m CG  1 
HETATM 1206 C CD1 . PHI T  1 2 ? -28.481 -35.337 -9.921  1.00 58.91 ? 216 PHI m CD1 1 
HETATM 1207 C CD2 . PHI T  1 2 ? -27.704 -37.617 -9.934  1.00 58.91 ? 216 PHI m CD2 1 
HETATM 1208 C CE1 . PHI T  1 2 ? -29.175 -35.566 -11.101 1.00 58.91 ? 216 PHI m CE1 1 
HETATM 1209 C CE2 . PHI T  1 2 ? -28.400 -37.846 -11.113 1.00 58.91 ? 216 PHI m CE2 1 
HETATM 1210 C CZ  . PHI T  1 2 ? -29.135 -36.821 -11.697 1.00 58.91 ? 216 PHI m CZ  1 
HETATM 1211 I I   . PHI T  1 2 ? -30.181 -37.168 -13.473 1.00 58.91 ? 216 PHI m I   1 
HETATM 1212 C C   . PHI T  1 2 ? -25.580 -34.181 -8.778  1.00 58.91 ? 216 PHI m C   1 
HETATM 1213 O O   . PHI T  1 2 ? -25.821 -33.346 -7.883  1.00 58.91 ? 216 PHI m O   1 
ATOM   1214 N N   . GLY T  1 3 ? -25.294 -33.844 -10.029 1.00 53.71 ? 217 GLY m N   1 
ATOM   1215 C CA  . GLY T  1 3 ? -25.199 -32.452 -10.420 1.00 53.71 ? 217 GLY m CA  1 
ATOM   1216 C C   . GLY T  1 3 ? -24.148 -31.547 -9.815  1.00 53.71 ? 217 GLY m C   1 
ATOM   1217 O O   . GLY T  1 3 ? -24.343 -30.334 -9.738  1.00 53.71 ? 217 GLY m O   1 
ATOM   1218 N N   . GLY T  1 4 ? -23.047 -32.132 -9.359  1.00 52.15 ? 218 GLY m N   1 
ATOM   1219 C CA  . GLY T  1 4 ? -22.006 -31.345 -8.731  1.00 52.15 ? 218 GLY m CA  1 
ATOM   1220 C C   . GLY T  1 4 ? -20.786 -32.231 -8.730  1.00 52.15 ? 218 GLY m C   1 
ATOM   1221 O O   . GLY T  1 4 ? -20.896 -33.446 -8.575  1.00 52.15 ? 218 GLY m O   1 
ATOM   1222 N N   . ASN T  1 5 ? -19.616 -31.630 -8.904  1.00 52.38 ? 219 ASN m N   1 
ATOM   1223 C CA  . ASN T  1 5 ? -18.383 -32.396 -8.874  1.00 52.38 ? 219 ASN m CA  1 
ATOM   1224 C C   . ASN T  1 5 ? -18.135 -32.568 -7.388  1.00 52.38 ? 219 ASN m C   1 
ATOM   1225 O O   . ASN T  1 5 ? -18.252 -31.617 -6.617  1.00 52.38 ? 219 ASN m O   1 
ATOM   1226 C CB  . ASN T  1 5 ? -17.240 -31.595 -9.484  1.00 52.38 ? 219 ASN m CB  1 
ATOM   1227 C CG  . ASN T  1 5 ? -17.060 -30.244 -8.822  1.00 52.38 ? 219 ASN m CG  1 
ATOM   1228 O OD1 . ASN T  1 5 ? -17.276 -30.096 -7.621  1.00 52.38 ? 219 ASN m OD1 1 
ATOM   1229 N ND2 . ASN T  1 5 ? -16.664 -29.249 -9.606  1.00 52.38 ? 219 ASN m ND2 1 
ATOM   1230 N N   . ASP T  1 6 ? -17.774 -33.779 -6.980  1.00 55.47 ? 220 ASP m N   1 
ATOM   1231 C CA  . ASP T  1 6 ? -17.488 -34.035 -5.570  1.00 55.47 ? 220 ASP m CA  1 
ATOM   1232 C C   . ASP T  1 6 ? -16.275 -34.938 -5.377  1.00 55.47 ? 220 ASP m C   1 
ATOM   1233 O O   . ASP T  1 6 ? -16.196 -36.014 -5.969  1.00 55.47 ? 220 ASP m O   1 
ATOM   1234 C CB  . ASP T  1 6 ? -18.705 -34.648 -4.882  1.00 55.47 ? 220 ASP m CB  1 
ATOM   1235 C CG  . ASP T  1 6 ? -19.108 -35.976 -5.491  1.00 55.47 ? 220 ASP m CG  1 
ATOM   1236 O OD1 . ASP T  1 6 ? -18.488 -36.385 -6.495  1.00 55.47 ? 220 ASP m OD1 1 
ATOM   1237 O OD2 . ASP T  1 6 ? -20.046 -36.610 -4.966  1.00 55.47 ? 220 ASP m OD2 1 
ATOM   1238 N N   . ASN T  1 7 ? -15.326 -34.501 -4.557  1.00 57.33 ? 221 ASN m N   1 
ATOM   1239 C CA  . ASN T  1 7 ? -14.123 -35.291 -4.308  1.00 57.33 ? 221 ASN m CA  1 
ATOM   1240 C C   . ASN T  1 7 ? -14.420 -36.451 -3.367  1.00 57.33 ? 221 ASN m C   1 
ATOM   1241 O O   . ASN T  1 7 ? -15.347 -36.376 -2.562  1.00 57.33 ? 221 ASN m O   1 
ATOM   1242 C CB  . ASN T  1 7 ? -13.019 -34.396 -3.736  1.00 57.33 ? 221 ASN m CB  1 
ATOM   1243 C CG  . ASN T  1 7 ? -11.663 -35.069 -3.722  1.00 57.33 ? 221 ASN m CG  1 
ATOM   1244 O OD1 . ASN T  1 7 ? -11.363 -35.899 -4.579  1.00 57.33 ? 221 ASN m OD1 1 
ATOM   1245 N ND2 . ASN T  1 7 ? -10.835 -34.716 -2.746  1.00 57.33 ? 221 ASN m ND2 1 
ATOM   1246 N N   . PHE T  1 8 ? -13.642 -37.523 -3.466  1.00 58.90 ? 222 PHE m N   1 
ATOM   1247 C CA  . PHE T  1 8 ? -13.876 -38.692 -2.622  1.00 58.90 ? 222 PHE m CA  1 
ATOM   1248 C C   . PHE T  1 8 ? -12.844 -38.836 -1.513  1.00 58.90 ? 222 PHE m C   1 
ATOM   1249 O O   . PHE T  1 8 ? -12.933 -39.757 -0.702  1.00 58.90 ? 222 PHE m O   1 
ATOM   1250 C CB  . PHE T  1 8 ? -13.912 -39.960 -3.471  1.00 58.90 ? 222 PHE m CB  1 
ATOM   1251 C CG  . PHE T  1 8 ? -15.045 -39.993 -4.449  1.00 58.90 ? 222 PHE m CG  1 
ATOM   1252 C CD1 . PHE T  1 8 ? -16.306 -40.400 -4.055  1.00 58.90 ? 222 PHE m CD1 1 
ATOM   1253 C CD2 . PHE T  1 8 ? -14.849 -39.608 -5.764  1.00 58.90 ? 222 PHE m CD2 1 
ATOM   1254 C CE1 . PHE T  1 8 ? -17.353 -40.425 -4.956  1.00 58.90 ? 222 PHE m CE1 1 
ATOM   1255 C CE2 . PHE T  1 8 ? -15.888 -39.632 -6.671  1.00 58.90 ? 222 PHE m CE2 1 
ATOM   1256 C CZ  . PHE T  1 8 ? -17.143 -40.042 -6.266  1.00 58.90 ? 222 PHE m CZ  1 
ATOM   1257 N N   . GLY T  1 9 ? -11.863 -37.941 -1.472  1.00 60.71 ? 223 GLY m N   1 
ATOM   1258 C CA  . GLY T  1 9 ? -10.891 -37.974 -0.395  1.00 60.71 ? 223 GLY m CA  1 
ATOM   1259 C C   . GLY T  1 9 ? -9.917  -39.124 -0.550  1.00 60.71 ? 223 GLY m C   1 
ATOM   1260 O O   . GLY T  1 9 ? -9.485  -39.438 -1.658  1.00 60.71 ? 223 GLY m O   1 
ATOM   1261 N N   . GLY U  1 1 ? -6.068  -50.210 5.857   1.00 87.85 ? 215 GLY p N   1 
ATOM   1262 C CA  . GLY U  1 1 ? -4.901  -50.514 6.664   1.00 87.85 ? 215 GLY p CA  1 
ATOM   1263 C C   . GLY U  1 1 ? -3.871  -49.408 6.615   1.00 87.85 ? 215 GLY p C   1 
ATOM   1264 O O   . GLY U  1 1 ? -2.714  -49.648 6.272   1.00 87.85 ? 215 GLY p O   1 
HETATM 1265 N N   . PHI U  1 2 ? -4.280  -48.187 6.948   1.00 89.95 ? 216 PHI p N   1 
HETATM 1266 C CA  . PHI U  1 2 ? -3.365  -47.057 6.921   1.00 89.95 ? 216 PHI p CA  1 
HETATM 1267 C CB  . PHI U  1 2 ? -4.152  -45.774 7.154   1.00 89.95 ? 216 PHI p CB  1 
HETATM 1268 C CG  . PHI U  1 2 ? -3.384  -44.586 6.623   1.00 89.95 ? 216 PHI p CG  1 
HETATM 1269 C CD1 . PHI U  1 2 ? -2.411  -44.762 5.647   1.00 89.95 ? 216 PHI p CD1 1 
HETATM 1270 C CD2 . PHI U  1 2 ? -3.651  -43.313 7.114   1.00 89.95 ? 216 PHI p CD2 1 
HETATM 1271 C CE1 . PHI U  1 2 ? -1.707  -43.667 5.164   1.00 89.95 ? 216 PHI p CE1 1 
HETATM 1272 C CE2 . PHI U  1 2 ? -2.950  -42.217 6.629   1.00 89.95 ? 216 PHI p CE2 1 
HETATM 1273 C CZ  . PHI U  1 2 ? -1.976  -42.394 5.653   1.00 89.95 ? 216 PHI p CZ  1 
HETATM 1274 I I   . PHI U  1 2 ? -0.915  -40.751 4.918   1.00 89.95 ? 216 PHI p I   1 
HETATM 1275 C C   . PHI U  1 2 ? -2.807  -47.349 8.282   1.00 89.95 ? 216 PHI p C   1 
HETATM 1276 O O   . PHI U  1 2 ? -3.233  -46.720 9.277   1.00 89.95 ? 216 PHI p O   1 
ATOM   1277 N N   . GLY U  1 3 ? -1.866  -48.282 8.363   1.00 87.97 ? 217 GLY p N   1 
ATOM   1278 C CA  . GLY U  1 3 ? -1.273  -48.642 9.636   1.00 87.97 ? 217 GLY p CA  1 
ATOM   1279 C C   . GLY U  1 3 ? 0.059   -47.972 9.384   1.00 87.97 ? 217 GLY p C   1 
ATOM   1280 O O   . GLY U  1 3 ? 0.736   -48.284 8.406   1.00 87.97 ? 217 GLY p O   1 
ATOM   1281 N N   . GLY U  1 4 ? 0.440   -47.045 10.256  1.00 84.70 ? 218 GLY p N   1 
ATOM   1282 C CA  . GLY U  1 4 ? 1.724   -46.377 10.120  1.00 84.70 ? 218 GLY p CA  1 
ATOM   1283 C C   . GLY U  1 4 ? 1.919   -45.341 11.209  1.00 84.70 ? 218 GLY p C   1 
ATOM   1284 O O   . GLY U  1 4 ? 1.015   -45.104 12.012  1.00 84.70 ? 218 GLY p O   1 
ATOM   1285 N N   . ASN U  1 5 ? 3.093   -44.714 11.241  1.00 81.59 ? 219 ASN p N   1 
ATOM   1286 C CA  . ASN U  1 5 ? 3.366   -43.685 12.239  1.00 81.59 ? 219 ASN p CA  1 
ATOM   1287 C C   . ASN U  1 5 ? 2.854   -42.426 11.570  1.00 81.59 ? 219 ASN p C   1 
ATOM   1288 O O   . ASN U  1 5 ? 2.333   -41.537 12.241  1.00 81.59 ? 219 ASN p O   1 
ATOM   1289 C CB  . ASN U  1 5 ? 4.865   -43.512 12.493  1.00 81.59 ? 219 ASN p CB  1 
ATOM   1290 C CG  . ASN U  1 5 ? 5.419   -44.554 13.440  1.00 81.59 ? 219 ASN p CG  1 
ATOM   1291 O OD1 . ASN U  1 5 ? 5.213   -44.481 14.651  1.00 81.59 ? 219 ASN p OD1 1 
ATOM   1292 N ND2 . ASN U  1 5 ? 6.114   -45.544 12.891  1.00 81.59 ? 219 ASN p ND2 1 
ATOM   1293 N N   . ASP U  1 6 ? 3.006   -42.340 10.254  1.00 80.38 ? 220 ASP p N   1 
ATOM   1294 C CA  . ASP U  1 6 ? 2.476   -41.201 9.519   1.00 80.38 ? 220 ASP p CA  1 
ATOM   1295 C C   . ASP U  1 6 ? 2.706   -39.784 10.050  1.00 80.38 ? 220 ASP p C   1 
ATOM   1296 O O   . ASP U  1 6 ? 1.756   -39.014 10.198  1.00 80.38 ? 220 ASP p O   1 
ATOM   1297 C CB  . ASP U  1 6 ? 0.976   -41.445 9.343   1.00 80.38 ? 220 ASP p CB  1 
ATOM   1298 C CG  . ASP U  1 6 ? 0.677   -42.569 8.370   1.00 80.38 ? 220 ASP p CG  1 
ATOM   1299 O OD1 . ASP U  1 6 ? 1.590   -42.973 7.621   1.00 80.38 ? 220 ASP p OD1 1 
ATOM   1300 O OD2 . ASP U  1 6 ? -0.474  -43.055 8.356   1.00 80.38 ? 220 ASP p OD2 1 
ATOM   1301 N N   . ASN U  1 7 ? 3.951   -39.451 10.360  1.00 77.86 ? 221 ASN p N   1 
ATOM   1302 C CA  . ASN U  1 7 ? 4.241   -38.146 10.952  1.00 77.86 ? 221 ASN p CA  1 
ATOM   1303 C C   . ASN U  1 7 ? 3.622   -37.453 9.748   1.00 77.86 ? 221 ASN p C   1 
ATOM   1304 O O   . ASN U  1 7 ? 3.870   -37.848 8.609   1.00 77.86 ? 221 ASN p O   1 
ATOM   1305 C CB  . ASN U  1 7 ? 5.707   -38.092 11.381  1.00 77.86 ? 221 ASN p CB  1 
ATOM   1306 C CG  . ASN U  1 7 ? 5.989   -38.965 12.587  1.00 77.86 ? 221 ASN p CG  1 
ATOM   1307 O OD1 . ASN U  1 7 ? 5.087   -39.282 13.365  1.00 77.86 ? 221 ASN p OD1 1 
ATOM   1308 N ND2 . ASN U  1 7 ? 7.244   -39.362 12.750  1.00 77.86 ? 221 ASN p ND2 1 
ATOM   1309 N N   . PHE U  1 8 ? 2.784   -36.454 9.992   1.00 74.54 ? 222 PHE p N   1 
ATOM   1310 C CA  . PHE U  1 8 ? 2.100   -35.779 8.894   1.00 74.54 ? 222 PHE p CA  1 
ATOM   1311 C C   . PHE U  1 8 ? 2.694   -34.400 8.683   1.00 74.54 ? 222 PHE p C   1 
ATOM   1312 O O   . PHE U  1 8 ? 2.648   -33.866 7.575   1.00 74.54 ? 222 PHE p O   1 
ATOM   1313 C CB  . PHE U  1 8 ? 0.591   -36.007 8.969   1.00 74.54 ? 222 PHE p CB  1 
ATOM   1314 C CG  . PHE U  1 8 ? 0.187   -37.440 8.793   1.00 74.54 ? 222 PHE p CG  1 
ATOM   1315 C CD1 . PHE U  1 8 ? 0.053   -37.983 7.527   1.00 74.54 ? 222 PHE p CD1 1 
ATOM   1316 C CD2 . PHE U  1 8 ? -0.059  -38.243 9.892   1.00 74.54 ? 222 PHE p CD2 1 
ATOM   1317 C CE1 . PHE U  1 8 ? -0.316  -39.303 7.360   1.00 74.54 ? 222 PHE p CE1 1 
ATOM   1318 C CE2 . PHE U  1 8 ? -0.430  -39.563 9.733   1.00 74.54 ? 222 PHE p CE2 1 
ATOM   1319 C CZ  . PHE U  1 8 ? -0.560  -40.093 8.465   1.00 74.54 ? 222 PHE p CZ  1 
ATOM   1320 N N   . GLY U  1 9 ? 3.250   -33.821 9.741   1.00 74.99 ? 223 GLY p N   1 
ATOM   1321 C CA  . GLY U  1 9 ? 3.841   -32.500 9.639   1.00 74.99 ? 223 GLY p CA  1 
ATOM   1322 C C   . GLY U  1 9 ? 2.664   -31.623 10.014  1.00 74.99 ? 223 GLY p C   1 
ATOM   1323 O O   . GLY U  1 9 ? 1.895   -31.952 10.918  1.00 74.99 ? 223 GLY p O   1 
ATOM   1324 N N   . GLY V  1 1 ? 5.300   -1.917  1.550   1.00 76.85 ? 215 GLY q N   1 
ATOM   1325 C CA  . GLY V  1 1 ? 5.632   -2.799  2.652   1.00 76.85 ? 215 GLY q CA  1 
ATOM   1326 C C   . GLY V  1 1 ? 7.100   -2.739  3.010   1.00 76.85 ? 215 GLY q C   1 
ATOM   1327 O O   . GLY V  1 1 ? 7.745   -3.775  3.168   1.00 76.85 ? 215 GLY q O   1 
HETATM 1328 N N   . PHI V  1 2 ? 7.634   -1.530  3.135   1.00 78.11 ? 216 PHI q N   1 
HETATM 1329 C CA  . PHI V  1 2 ? 9.033   -1.372  3.476   1.00 78.11 ? 216 PHI q CA  1 
HETATM 1330 C CB  . PHI V  1 2 ? 9.300   0.072   3.881   1.00 78.11 ? 216 PHI q CB  1 
HETATM 1331 C CG  . PHI V  1 2 ? 10.680  0.138   4.487   1.00 78.11 ? 216 PHI q CG  1 
HETATM 1332 C CD1 . PHI V  1 2 ? 11.791  -0.046  3.674   1.00 78.11 ? 216 PHI q CD1 1 
HETATM 1333 C CD2 . PHI V  1 2 ? 10.841  0.371   5.847   1.00 78.11 ? 216 PHI q CD2 1 
HETATM 1334 C CE1 . PHI V  1 2 ? 13.066  0.007   4.220   1.00 78.11 ? 216 PHI q CE1 1 
HETATM 1335 C CE2 . PHI V  1 2 ? 12.117  0.423   6.393   1.00 78.11 ? 216 PHI q CE2 1 
HETATM 1336 C CZ  . PHI V  1 2 ? 13.229  0.242   5.580   1.00 78.11 ? 216 PHI q CZ  1 
HETATM 1337 I I   . PHI V  1 2 ? 15.151  0.318   6.394   1.00 78.11 ? 216 PHI q I   1 
HETATM 1338 C C   . PHI V  1 2 ? 9.264   -2.382  4.555   1.00 78.11 ? 216 PHI q C   1 
HETATM 1339 O O   . PHI V  1 2 ? 8.430   -2.493  5.477   1.00 78.11 ? 216 PHI q O   1 
ATOM   1340 N N   . GLY V  1 3 ? 10.363  -3.125  4.474   1.00 71.15 ? 217 GLY q N   1 
ATOM   1341 C CA  . GLY V  1 3 ? 10.686  -4.078  5.518   1.00 71.15 ? 217 GLY q CA  1 
ATOM   1342 C C   . GLY V  1 3 ? 10.467  -5.271  6.418   1.00 71.15 ? 217 GLY q C   1 
ATOM   1343 O O   . GLY V  1 3 ? 10.782  -5.224  7.608   1.00 71.15 ? 217 GLY q O   1 
ATOM   1344 N N   . GLY V  1 4 ? 9.929   -6.348  5.858   1.00 65.43 ? 218 GLY q N   1 
ATOM   1345 C CA  . GLY V  1 4 ? 9.666   -7.546  6.635   1.00 65.43 ? 218 GLY q CA  1 
ATOM   1346 C C   . GLY V  1 4 ? 10.483  -8.427  7.549   1.00 65.43 ? 218 GLY q C   1 
ATOM   1347 O O   . GLY V  1 4 ? 10.059  -8.729  8.664   1.00 65.43 ? 218 GLY q O   1 
ATOM   1348 N N   . ASN V  1 5 ? 11.656  -8.845  7.087   1.00 63.35 ? 219 ASN q N   1 
ATOM   1349 C CA  . ASN V  1 5 ? 12.539  -9.656  7.913   1.00 63.35 ? 219 ASN q CA  1 
ATOM   1350 C C   . ASN V  1 5 ? 13.980  -9.269  8.183   1.00 63.35 ? 219 ASN q C   1 
ATOM   1351 O O   . ASN V  1 5 ? 14.657  -9.917  8.979   1.00 63.35 ? 219 ASN q O   1 
ATOM   1352 C CB  . ASN V  1 5 ? 12.277  -11.154 7.750   1.00 63.35 ? 219 ASN q CB  1 
ATOM   1353 C CG  . ASN V  1 5 ? 10.802  -11.483 7.657   1.00 63.35 ? 219 ASN q CG  1 
ATOM   1354 O OD1 . ASN V  1 5 ? 10.212  -11.447 6.577   1.00 63.35 ? 219 ASN q OD1 1 
ATOM   1355 N ND2 . ASN V  1 5 ? 10.194  -11.804 8.793   1.00 63.35 ? 219 ASN q ND2 1 
ATOM   1356 N N   . ASP V  1 6 ? 14.459  -8.219  7.526   1.00 63.40 ? 220 ASP q N   1 
ATOM   1357 C CA  . ASP V  1 6 ? 15.861  -7.840  7.682   1.00 63.40 ? 220 ASP q CA  1 
ATOM   1358 C C   . ASP V  1 6 ? 16.676  -7.285  8.841   1.00 63.40 ? 220 ASP q C   1 
ATOM   1359 O O   . ASP V  1 6 ? 16.312  -6.270  9.433   1.00 63.40 ? 220 ASP q O   1 
ATOM   1360 C CB  . ASP V  1 6 ? 15.796  -6.807  6.549   1.00 63.40 ? 220 ASP q CB  1 
ATOM   1361 C CG  . ASP V  1 6 ? 14.839  -5.662  6.844   1.00 63.40 ? 220 ASP q CG  1 
ATOM   1362 O OD1 . ASP V  1 6 ? 13.810  -5.884  7.517   1.00 63.40 ? 220 ASP q OD1 1 
ATOM   1363 O OD2 . ASP V  1 6 ? 15.117  -4.533  6.392   1.00 63.40 ? 220 ASP q OD2 1 
ATOM   1364 N N   . ASN V  1 7 ? 17.784  -7.945  9.161   1.00 63.47 ? 221 ASN q N   1 
ATOM   1365 C CA  . ASN V  1 7 ? 18.647  -7.459  10.223  1.00 63.47 ? 221 ASN q CA  1 
ATOM   1366 C C   . ASN V  1 7 ? 19.406  -6.201  9.873   1.00 63.47 ? 221 ASN q C   1 
ATOM   1367 O O   . ASN V  1 7 ? 19.925  -6.070  8.766   1.00 63.47 ? 221 ASN q O   1 
ATOM   1368 C CB  . ASN V  1 7 ? 19.500  -8.691  10.525  1.00 63.47 ? 221 ASN q CB  1 
ATOM   1369 C CG  . ASN V  1 7 ? 20.786  -8.340  11.246  1.00 63.47 ? 221 ASN q CG  1 
ATOM   1370 O OD1 . ASN V  1 7 ? 20.766  -7.874  12.384  1.00 63.47 ? 221 ASN q OD1 1 
ATOM   1371 N ND2 . ASN V  1 7 ? 21.914  -8.547  10.578  1.00 63.47 ? 221 ASN q ND2 1 
ATOM   1372 N N   . PHE V  1 8 ? 19.470  -5.268  10.809  1.00 63.62 ? 222 PHE q N   1 
ATOM   1373 C CA  . PHE V  1 8 ? 20.252  -4.071  10.579  1.00 63.62 ? 222 PHE q CA  1 
ATOM   1374 C C   . PHE V  1 8 ? 21.218  -4.580  11.621  1.00 63.62 ? 222 PHE q C   1 
ATOM   1375 O O   . PHE V  1 8 ? 20.812  -4.915  12.733  1.00 63.62 ? 222 PHE q O   1 
ATOM   1376 C CB  . PHE V  1 8 ? 19.492  -2.767  10.780  1.00 63.62 ? 222 PHE q CB  1 
ATOM   1377 C CG  . PHE V  1 8 ? 18.433  -2.527  9.746   1.00 63.62 ? 222 PHE q CG  1 
ATOM   1378 C CD1 . PHE V  1 8 ? 18.676  -1.698  8.666   1.00 63.62 ? 222 PHE q CD1 1 
ATOM   1379 C CD2 . PHE V  1 8 ? 17.197  -3.141  9.848   1.00 63.62 ? 222 PHE q CD2 1 
ATOM   1380 C CE1 . PHE V  1 8 ? 17.704  -1.477  7.709   1.00 63.62 ? 222 PHE q CE1 1 
ATOM   1381 C CE2 . PHE V  1 8 ? 16.220  -2.927  8.896   1.00 63.62 ? 222 PHE q CE2 1 
ATOM   1382 C CZ  . PHE V  1 8 ? 16.474  -2.094  7.824   1.00 63.62 ? 222 PHE q CZ  1 
ATOM   1383 N N   . GLY V  1 9 ? 22.494  -4.666  11.264  1.00 63.35 ? 223 GLY q N   1 
ATOM   1384 C CA  . GLY V  1 9 ? 23.489  -5.201  12.177  1.00 63.35 ? 223 GLY q CA  1 
ATOM   1385 C C   . GLY V  1 9 ? 24.030  -3.995  12.922  1.00 63.35 ? 223 GLY q C   1 
ATOM   1386 O O   . GLY V  1 9 ? 23.767  -2.850  12.558  1.00 63.35 ? 223 GLY q O   1 
ATOM   1387 N N   . GLY W  1 1 ? 1.008   5.930   3.098   1.00 64.97 ? 215 GLY s N   1 
ATOM   1388 C CA  . GLY W  1 1 ? 0.123   7.056   2.864   1.00 64.97 ? 215 GLY s CA  1 
ATOM   1389 C C   . GLY W  1 1 ? 0.882   8.326   2.555   1.00 64.97 ? 215 GLY s C   1 
ATOM   1390 O O   . GLY W  1 1 ? 2.087   8.284   2.325   1.00 64.97 ? 215 GLY s O   1 
HETATM 1391 N N   . PHI W  1 2 ? 0.170   9.450   2.537   1.00 66.04 ? 216 PHI s N   1 
HETATM 1392 C CA  . PHI W  1 2 ? 0.793   10.726  2.255   1.00 66.04 ? 216 PHI s CA  1 
HETATM 1393 C CB  . PHI W  1 2 ? -0.099  11.829  2.798   1.00 66.04 ? 216 PHI s CB  1 
HETATM 1394 C CG  . PHI W  1 2 ? 0.249   13.113  2.093   1.00 66.04 ? 216 PHI s CG  1 
HETATM 1395 C CD1 . PHI W  1 2 ? -0.533  13.548  1.032   1.00 66.04 ? 216 PHI s CD1 1 
HETATM 1396 C CD2 . PHI W  1 2 ? 1.350   13.853  2.507   1.00 66.04 ? 216 PHI s CD2 1 
HETATM 1397 C CE1 . PHI W  1 2 ? -0.208  14.730  0.382   1.00 66.04 ? 216 PHI s CE1 1 
HETATM 1398 C CE2 . PHI W  1 2 ? 1.673   15.035  1.856   1.00 66.04 ? 216 PHI s CE2 1 
HETATM 1399 C CZ  . PHI W  1 2 ? 0.892   15.473  0.796   1.00 66.04 ? 216 PHI s CZ  1 
HETATM 1400 I I   . PHI W  1 2 ? 1.377   17.252  -0.182  1.00 66.04 ? 216 PHI s I   1 
HETATM 1401 C C   . PHI W  1 2 ? 2.108   10.595  2.939   1.00 66.04 ? 216 PHI s C   1 
HETATM 1402 O O   . PHI W  1 2 ? 2.150   10.325  4.157   1.00 66.04 ? 216 PHI s O   1 
ATOM   1403 N N   . GLY W  1 3 ? 3.190   10.779  2.198   1.00 63.58 ? 217 GLY s N   1 
ATOM   1404 C CA  . GLY W  1 3 ? 4.506   10.600  2.769   1.00 63.58 ? 217 GLY s CA  1 
ATOM   1405 C C   . GLY W  1 3 ? 5.058   11.925  3.232   1.00 63.58 ? 217 GLY s C   1 
ATOM   1406 O O   . GLY W  1 3 ? 5.872   11.961  4.153   1.00 63.58 ? 217 GLY s O   1 
ATOM   1407 N N   . GLY W  1 4 ? 4.639   13.022  2.603   1.00 61.45 ? 218 GLY s N   1 
ATOM   1408 C CA  . GLY W  1 4 ? 5.211   14.314  2.938   1.00 61.45 ? 218 GLY s CA  1 
ATOM   1409 C C   . GLY W  1 4 ? 6.630   13.854  2.699   1.00 61.45 ? 218 GLY s C   1 
ATOM   1410 O O   . GLY W  1 4 ? 6.925   13.270  1.659   1.00 61.45 ? 218 GLY s O   1 
ATOM   1411 N N   . ASN W  1 5 ? 7.515   14.108  3.653   1.00 62.70 ? 219 ASN s N   1 
ATOM   1412 C CA  . ASN W  1 5 ? 8.887   13.643  3.542   1.00 62.70 ? 219 ASN s CA  1 
ATOM   1413 C C   . ASN W  1 5 ? 9.352   12.241  3.181   1.00 62.70 ? 219 ASN s C   1 
ATOM   1414 O O   . ASN W  1 5 ? 10.312  12.075  2.425   1.00 62.70 ? 219 ASN s O   1 
ATOM   1415 C CB  . ASN W  1 5 ? 9.561   14.067  4.835   1.00 62.70 ? 219 ASN s CB  1 
ATOM   1416 C CG  . ASN W  1 5 ? 10.996  14.440  4.629   1.00 62.70 ? 219 ASN s CG  1 
ATOM   1417 O OD1 . ASN W  1 5 ? 11.318  15.191  3.721   1.00 62.70 ? 219 ASN s OD1 1 
ATOM   1418 N ND2 . ASN W  1 5 ? 11.877  13.894  5.450   1.00 62.70 ? 219 ASN s ND2 1 
ATOM   1419 N N   . ASP W  1 6 ? 8.683   11.226  3.721   1.00 64.61 ? 220 ASP s N   1 
ATOM   1420 C CA  . ASP W  1 6 ? 9.025   9.841   3.445   1.00 64.61 ? 220 ASP s CA  1 
ATOM   1421 C C   . ASP W  1 6 ? 7.778   8.992   3.637   1.00 64.61 ? 220 ASP s C   1 
ATOM   1422 O O   . ASP W  1 6 ? 6.886   9.343   4.410   1.00 64.61 ? 220 ASP s O   1 
ATOM   1423 C CB  . ASP W  1 6 ? 10.153  9.332   4.338   1.00 64.61 ? 220 ASP s CB  1 
ATOM   1424 C CG  . ASP W  1 6 ? 11.482  9.939   3.989   1.00 64.61 ? 220 ASP s CG  1 
ATOM   1425 O OD1 . ASP W  1 6 ? 11.601  10.527  2.897   1.00 64.61 ? 220 ASP s OD1 1 
ATOM   1426 O OD2 . ASP W  1 6 ? 12.424  9.814   4.793   1.00 64.61 ? 220 ASP s OD2 1 
ATOM   1427 N N   . ASN W  1 7 ? 7.715   7.861   2.945   1.00 66.09 ? 221 ASN s N   1 
ATOM   1428 C CA  . ASN W  1 7 ? 6.564   6.975   3.076   1.00 66.09 ? 221 ASN s CA  1 
ATOM   1429 C C   . ASN W  1 7 ? 7.373   5.689   3.119   1.00 66.09 ? 221 ASN s C   1 
ATOM   1430 O O   . ASN W  1 7 ? 8.093   5.369   2.174   1.00 66.09 ? 221 ASN s O   1 
ATOM   1431 C CB  . ASN W  1 7 ? 5.568   7.219   1.943   1.00 66.09 ? 221 ASN s CB  1 
ATOM   1432 C CG  . ASN W  1 7 ? 4.287   6.426   2.110   1.00 66.09 ? 221 ASN s CG  1 
ATOM   1433 O OD1 . ASN W  1 7 ? 4.014   5.877   3.179   1.00 66.09 ? 221 ASN s OD1 1 
ATOM   1434 N ND2 . ASN W  1 7 ? 3.489   6.367   1.053   1.00 66.09 ? 221 ASN s ND2 1 
ATOM   1435 N N   . PHE W  1 8 ? 7.259   4.948   4.213   1.00 67.99 ? 222 PHE s N   1 
ATOM   1436 C CA  . PHE W  1 8 ? 7.959   3.676   4.310   1.00 67.99 ? 222 PHE s CA  1 
ATOM   1437 C C   . PHE W  1 8 ? 6.597   3.010   4.348   1.00 67.99 ? 222 PHE s C   1 
ATOM   1438 O O   . PHE W  1 8 ? 5.742   3.387   5.147   1.00 67.99 ? 222 PHE s O   1 
ATOM   1439 C CB  . PHE W  1 8 ? 8.920   3.479   5.480   1.00 67.99 ? 222 PHE s CB  1 
ATOM   1440 C CG  . PHE W  1 8 ? 10.215  4.226   5.324   1.00 67.99 ? 222 PHE s CG  1 
ATOM   1441 C CD1 . PHE W  1 8 ? 11.351  3.579   4.869   1.00 67.99 ? 222 PHE s CD1 1 
ATOM   1442 C CD2 . PHE W  1 8 ? 10.293  5.576   5.620   1.00 67.99 ? 222 PHE s CD2 1 
ATOM   1443 C CE1 . PHE W  1 8 ? 12.543  4.263   4.720   1.00 67.99 ? 222 PHE s CE1 1 
ATOM   1444 C CE2 . PHE W  1 8 ? 11.482  6.267   5.473   1.00 67.99 ? 222 PHE s CE2 1 
ATOM   1445 C CZ  . PHE W  1 8 ? 12.609  5.609   5.022   1.00 67.99 ? 222 PHE s CZ  1 
ATOM   1446 N N   . GLY W  1 9 ? 6.391   2.023   3.484   1.00 69.49 ? 223 GLY s N   1 
ATOM   1447 C CA  . GLY W  1 9 ? 5.114   1.337   3.433   1.00 69.49 ? 223 GLY s CA  1 
ATOM   1448 C C   . GLY W  1 9 ? 3.864   2.166   3.216   1.00 69.49 ? 223 GLY s C   1 
ATOM   1449 O O   . GLY W  1 9 ? 3.630   3.150   3.916   1.00 69.49 ? 223 GLY s O   1 
ATOM   1450 N N   . GLY X  1 1 ? -1.021  33.415  -2.772  1.00 57.91 ? 215 GLY t N   1 
ATOM   1451 C CA  . GLY X  1 1 ? -0.998  34.836  -2.478  1.00 57.91 ? 215 GLY t CA  1 
ATOM   1452 C C   . GLY X  1 1 ? 0.396   35.408  -2.563  1.00 57.91 ? 215 GLY t C   1 
ATOM   1453 O O   . GLY X  1 1 ? 0.651   36.315  -3.355  1.00 57.91 ? 215 GLY t O   1 
HETATM 1454 N N   . PHI X  1 2 ? 1.299   34.901  -1.737  1.00 61.24 ? 216 PHI t N   1 
HETATM 1455 C CA  . PHI X  1 2 ? 2.657   35.396  -1.749  1.00 61.24 ? 216 PHI t CA  1 
HETATM 1456 C CB  . PHI X  1 2 ? 2.817   36.517  -0.740  1.00 61.24 ? 216 PHI t CB  1 
HETATM 1457 C CG  . PHI X  1 2 ? 4.026   37.301  -1.177  1.00 61.24 ? 216 PHI t CG  1 
HETATM 1458 C CD1 . PHI X  1 2 ? 5.266   37.053  -0.603  1.00 61.24 ? 216 PHI t CD1 1 
HETATM 1459 C CD2 . PHI X  1 2 ? 3.889   38.262  -2.168  1.00 61.24 ? 216 PHI t CD2 1 
HETATM 1460 C CE1 . PHI X  1 2 ? 6.376   37.778  -1.020  1.00 61.24 ? 216 PHI t CE1 1 
HETATM 1461 C CE2 . PHI X  1 2 ? 4.998   38.988  -2.582  1.00 61.24 ? 216 PHI t CE2 1 
HETATM 1462 C CZ  . PHI X  1 2 ? 6.239   38.745  -2.008  1.00 61.24 ? 216 PHI t CZ  1 
HETATM 1463 I I   . PHI X  1 2 ? 7.899   39.842  -2.641  1.00 61.24 ? 216 PHI t I   1 
HETATM 1464 C C   . PHI X  1 2 ? 3.545   34.250  -1.405  1.00 61.24 ? 216 PHI t C   1 
HETATM 1465 O O   . PHI X  1 2 ? 3.384   33.633  -0.332  1.00 61.24 ? 216 PHI t O   1 
ATOM   1466 N N   . GLY X  1 3 ? 4.490   33.949  -2.283  1.00 55.35 ? 217 GLY t N   1 
ATOM   1467 C CA  . GLY X  1 3 ? 5.405   32.860  -2.037  1.00 55.35 ? 217 GLY t CA  1 
ATOM   1468 C C   . GLY X  1 3 ? 6.670   33.671  -1.916  1.00 55.35 ? 217 GLY t C   1 
ATOM   1469 O O   . GLY X  1 3 ? 7.301   33.967  -2.931  1.00 55.35 ? 217 GLY t O   1 
ATOM   1470 N N   . GLY X  1 4 ? 7.046   34.039  -0.692  1.00 52.72 ? 218 GLY t N   1 
ATOM   1471 C CA  . GLY X  1 4 ? 8.290   34.761  -0.488  1.00 52.72 ? 218 GLY t CA  1 
ATOM   1472 C C   . GLY X  1 4 ? 9.248   33.613  -0.655  1.00 52.72 ? 218 GLY t C   1 
ATOM   1473 O O   . GLY X  1 4 ? 10.249  33.732  -1.362  1.00 52.72 ? 218 GLY t O   1 
ATOM   1474 N N   . ASN X  1 5 ? 8.955   32.493  -0.007  1.00 50.13 ? 219 ASN t N   1 
ATOM   1475 C CA  . ASN X  1 5 ? 9.767   31.310  -0.201  1.00 50.13 ? 219 ASN t CA  1 
ATOM   1476 C C   . ASN X  1 5 ? 9.016   30.432  -1.174  1.00 50.13 ? 219 ASN t C   1 
ATOM   1477 O O   . ASN X  1 5 ? 9.608   29.879  -2.099  1.00 50.13 ? 219 ASN t O   1 
ATOM   1478 C CB  . ASN X  1 5 ? 9.980   30.568  1.110   1.00 50.13 ? 219 ASN t CB  1 
ATOM   1479 C CG  . ASN X  1 5 ? 10.944  29.406  0.973   1.00 50.13 ? 219 ASN t CG  1 
ATOM   1480 O OD1 . ASN X  1 5 ? 11.184  28.909  -0.128  1.00 50.13 ? 219 ASN t OD1 1 
ATOM   1481 N ND2 . ASN X  1 5 ? 11.507  28.971  2.092   1.00 50.13 ? 219 ASN t ND2 1 
ATOM   1482 N N   . ASP X  1 6 ? 7.705   30.322  -0.980  1.00 49.26 ? 220 ASP t N   1 
ATOM   1483 C CA  . ASP X  1 6 ? 6.881   29.506  -1.868  1.00 49.26 ? 220 ASP t CA  1 
ATOM   1484 C C   . ASP X  1 6 ? 5.390   29.696  -1.623  1.00 49.26 ? 220 ASP t C   1 
ATOM   1485 O O   . ASP X  1 6 ? 4.987   30.200  -0.577  1.00 49.26 ? 220 ASP t O   1 
ATOM   1486 C CB  . ASP X  1 6 ? 7.284   28.029  -1.785  1.00 49.26 ? 220 ASP t CB  1 
ATOM   1487 C CG  . ASP X  1 6 ? 7.104   27.449  -0.396  1.00 49.26 ? 220 ASP t CG  1 
ATOM   1488 O OD1 . ASP X  1 6 ? 6.738   28.200  0.532   1.00 49.26 ? 220 ASP t OD1 1 
ATOM   1489 O OD2 . ASP X  1 6 ? 7.336   26.234  -0.229  1.00 49.26 ? 220 ASP t OD2 1 
ATOM   1490 N N   . ASN X  1 7 ? 4.570   29.286  -2.583  1.00 50.03 ? 221 ASN t N   1 
ATOM   1491 C CA  . ASN X  1 7 ? 3.128   29.396  -2.447  1.00 50.03 ? 221 ASN t CA  1 
ATOM   1492 C C   . ASN X  1 7 ? 2.442   28.191  -3.073  1.00 50.03 ? 221 ASN t C   1 
ATOM   1493 O O   . ASN X  1 7 ? 2.617   27.924  -4.261  1.00 50.03 ? 221 ASN t O   1 
ATOM   1494 C CB  . ASN X  1 7 ? 2.509   30.569  -3.199  1.00 50.03 ? 221 ASN t CB  1 
ATOM   1495 C CG  . ASN X  1 7 ? 1.007   30.500  -3.276  1.00 50.03 ? 221 ASN t CG  1 
ATOM   1496 O OD1 . ASN X  1 7 ? 0.373   29.601  -2.738  1.00 50.03 ? 221 ASN t OD1 1 
ATOM   1497 N ND2 . ASN X  1 7 ? 0.424   31.459  -3.963  1.00 50.03 ? 221 ASN t ND2 1 
ATOM   1498 N N   . PHE X  1 8 ? 1.635   27.482  -2.283  1.00 47.82 ? 222 PHE t N   1 
ATOM   1499 C CA  . PHE X  1 8 ? 0.850   26.364  -2.793  1.00 47.82 ? 222 PHE t CA  1 
ATOM   1500 C C   . PHE X  1 8 ? -0.497  26.713  -3.408  1.00 47.82 ? 222 PHE t C   1 
ATOM   1501 O O   . PHE X  1 8 ? -0.928  26.054  -4.351  1.00 47.82 ? 222 PHE t O   1 
ATOM   1502 C CB  . PHE X  1 8 ? 1.041   25.207  -1.820  1.00 47.82 ? 222 PHE t CB  1 
ATOM   1503 C CG  . PHE X  1 8 ? 2.459   24.821  -1.616  1.00 47.82 ? 222 PHE t CG  1 
ATOM   1504 C CD1 . PHE X  1 8 ? 3.186   24.258  -2.632  1.00 47.82 ? 222 PHE t CD1 1 
ATOM   1505 C CD2 . PHE X  1 8 ? 3.062   25.002  -0.400  1.00 47.82 ? 222 PHE t CD2 1 
ATOM   1506 C CE1 . PHE X  1 8 ? 4.488   23.900  -2.438  1.00 47.82 ? 222 PHE t CE1 1 
ATOM   1507 C CE2 . PHE X  1 8 ? 4.362   24.645  -0.207  1.00 47.82 ? 222 PHE t CE2 1 
ATOM   1508 C CZ  . PHE X  1 8 ? 5.074   24.095  -1.224  1.00 47.82 ? 222 PHE t CZ  1 
ATOM   1509 N N   . GLY X  1 9 ? -1.164  27.739  -2.905  1.00 50.09 ? 223 GLY t N   1 
ATOM   1510 C CA  . GLY X  1 9 ? -2.472  28.112  -3.411  1.00 50.09 ? 223 GLY t CA  1 
ATOM   1511 C C   . GLY X  1 9 ? -2.689  29.369  -4.229  1.00 50.09 ? 223 GLY t C   1 
ATOM   1512 O O   . GLY X  1 9 ? -2.235  30.449  -3.853  1.00 50.09 ? 223 GLY t O   1 
ATOM   1513 N N   . GLY Y  1 1 ? 35.523  22.105  15.780  1.00 68.91 ? 215 GLY w N   1 
ATOM   1514 C CA  . GLY Y  1 1 ? 35.046  20.737  15.873  1.00 68.91 ? 215 GLY w CA  1 
ATOM   1515 C C   . GLY Y  1 1 ? 33.785  20.514  15.065  1.00 68.91 ? 215 GLY w C   1 
ATOM   1516 O O   . GLY Y  1 1 ? 33.487  21.286  14.155  1.00 68.91 ? 215 GLY w O   1 
HETATM 1517 N N   . PHI Y  1 2 ? 33.037  19.464  15.390  1.00 73.12 ? 216 PHI w N   1 
HETATM 1518 C CA  . PHI Y  1 2 ? 31.796  19.199  14.692  1.00 73.12 ? 216 PHI w CA  1 
HETATM 1519 C CB  . PHI Y  1 2 ? 31.071  18.044  15.357  1.00 73.12 ? 216 PHI w CB  1 
HETATM 1520 C CG  . PHI Y  1 2 ? 30.006  17.544  14.415  1.00 73.12 ? 216 PHI w CG  1 
HETATM 1521 C CD1 . PHI Y  1 2 ? 30.313  16.538  13.509  1.00 73.12 ? 216 PHI w CD1 1 
HETATM 1522 C CD2 . PHI Y  1 2 ? 28.727  18.086  14.453  1.00 73.12 ? 216 PHI w CD2 1 
HETATM 1523 C CE1 . PHI Y  1 2 ? 29.338  16.072  12.637  1.00 73.12 ? 216 PHI w CE1 1 
HETATM 1524 C CE2 . PHI Y  1 2 ? 27.753  17.620  13.580  1.00 73.12 ? 216 PHI w CE2 1 
HETATM 1525 C CZ  . PHI Y  1 2 ? 28.060  16.613  12.673  1.00 73.12 ? 216 PHI w CZ  1 
HETATM 1526 I I   . PHI Y  1 2 ? 26.597  15.908  11.361  1.00 73.12 ? 216 PHI w I   1 
HETATM 1527 C C   . PHI Y  1 2 ? 31.030  20.480  14.779  1.00 73.12 ? 216 PHI w C   1 
HETATM 1528 O O   . PHI Y  1 2 ? 30.827  20.992  15.900  1.00 73.12 ? 216 PHI w O   1 
ATOM   1529 N N   . GLY Y  1 3 ? 30.596  21.016  13.645  1.00 68.58 ? 217 GLY w N   1 
ATOM   1530 C CA  . GLY Y  1 3 ? 29.910  22.295  13.644  1.00 68.58 ? 217 GLY w CA  1 
ATOM   1531 C C   . GLY Y  1 3 ? 28.504  22.178  13.094  1.00 68.58 ? 217 GLY w C   1 
ATOM   1532 O O   . GLY Y  1 3 ? 27.763  23.159  13.068  1.00 68.58 ? 217 GLY w O   1 
ATOM   1533 N N   . GLY Y  1 4 ? 28.122  20.984  12.660  1.00 67.80 ? 218 GLY w N   1 
ATOM   1534 C CA  . GLY Y  1 4 ? 26.805  20.802  12.082  1.00 67.80 ? 218 GLY w CA  1 
ATOM   1535 C C   . GLY Y  1 4 ? 26.773  21.849  10.987  1.00 67.80 ? 218 GLY w C   1 
ATOM   1536 O O   . GLY Y  1 4 ? 27.661  21.889  10.139  1.00 67.80 ? 218 GLY w O   1 
ATOM   1537 N N   . ASN Y  1 5 ? 25.760  22.709  11.006  1.00 66.45 ? 219 ASN w N   1 
ATOM   1538 C CA  . ASN Y  1 5 ? 25.648  23.741  9.988   1.00 66.45 ? 219 ASN w CA  1 
ATOM   1539 C C   . ASN Y  1 5 ? 26.878  24.603  9.729   1.00 66.45 ? 219 ASN w C   1 
ATOM   1540 O O   . ASN Y  1 5 ? 27.205  24.872  8.572   1.00 66.45 ? 219 ASN w O   1 
ATOM   1541 C CB  . ASN Y  1 5 ? 24.446  24.625  10.294  1.00 66.45 ? 219 ASN w CB  1 
ATOM   1542 C CG  . ASN Y  1 5 ? 24.001  25.423  9.098   1.00 66.45 ? 219 ASN w CG  1 
ATOM   1543 O OD1 . ASN Y  1 5 ? 24.143  24.986  7.961   1.00 66.45 ? 219 ASN w OD1 1 
ATOM   1544 N ND2 . ASN Y  1 5 ? 23.455  26.603  9.349   1.00 66.45 ? 219 ASN w ND2 1 
ATOM   1545 N N   . ASP Y  1 6 ? 27.545  25.035  10.793  1.00 65.50 ? 220 ASP w N   1 
ATOM   1546 C CA  . ASP Y  1 6 ? 28.707  25.902  10.644  1.00 65.50 ? 220 ASP w CA  1 
ATOM   1547 C C   . ASP Y  1 6 ? 29.680  25.735  11.795  1.00 65.50 ? 220 ASP w C   1 
ATOM   1548 O O   . ASP Y  1 6 ? 29.270  25.633  12.949  1.00 65.50 ? 220 ASP w O   1 
ATOM   1549 C CB  . ASP Y  1 6 ? 28.263  27.360  10.580  1.00 65.50 ? 220 ASP w CB  1 
ATOM   1550 C CG  . ASP Y  1 6 ? 27.559  27.697  9.287   1.00 65.50 ? 220 ASP w CG  1 
ATOM   1551 O OD1 . ASP Y  1 6 ? 27.660  26.901  8.331   1.00 65.50 ? 220 ASP w OD1 1 
ATOM   1552 O OD2 . ASP Y  1 6 ? 26.902  28.757  9.226   1.00 65.50 ? 220 ASP w OD2 1 
ATOM   1553 N N   . ASN Y  1 7 ? 30.967  25.679  11.469  1.00 64.85 ? 221 ASN w N   1 
ATOM   1554 C CA  . ASN Y  1 7 ? 31.999  25.619  12.488  1.00 64.85 ? 221 ASN w CA  1 
ATOM   1555 C C   . ASN Y  1 7 ? 32.849  26.798  12.106  1.00 64.85 ? 221 ASN w C   1 
ATOM   1556 O O   . ASN Y  1 7 ? 33.446  26.805  11.032  1.00 64.85 ? 221 ASN w O   1 
ATOM   1557 C CB  . ASN Y  1 7 ? 32.783  24.324  12.423  1.00 64.85 ? 221 ASN w CB  1 
ATOM   1558 C CG  . ASN Y  1 7 ? 33.657  24.116  13.641  1.00 64.85 ? 221 ASN w CG  1 
ATOM   1559 O OD1 . ASN Y  1 7 ? 33.324  24.555  14.740  1.00 64.85 ? 221 ASN w OD1 1 
ATOM   1560 N ND2 . ASN Y  1 7 ? 34.784  23.441  13.452  1.00 64.85 ? 221 ASN w ND2 1 
ATOM   1561 N N   . PHE Y  1 8 ? 32.922  27.806  12.959  1.00 63.80 ? 222 PHE w N   1 
ATOM   1562 C CA  . PHE Y  1 8 ? 33.605  29.033  12.582  1.00 63.80 ? 222 PHE w CA  1 
ATOM   1563 C C   . PHE Y  1 8 ? 35.069  28.893  12.942  1.00 63.80 ? 222 PHE w C   1 
ATOM   1564 O O   . PHE Y  1 8 ? 35.939  29.416  12.245  1.00 63.80 ? 222 PHE w O   1 
ATOM   1565 C CB  . PHE Y  1 8 ? 32.701  30.237  12.815  1.00 63.80 ? 222 PHE w CB  1 
ATOM   1566 C CG  . PHE Y  1 8 ? 31.472  30.237  11.960  1.00 63.80 ? 222 PHE w CG  1 
ATOM   1567 C CD1 . PHE Y  1 8 ? 31.522  30.711  10.662  1.00 63.80 ? 222 PHE w CD1 1 
ATOM   1568 C CD2 . PHE Y  1 8 ? 30.269  29.761  12.449  1.00 63.80 ? 222 PHE w CD2 1 
ATOM   1569 C CE1 . PHE Y  1 8 ? 30.394  30.714  9.866   1.00 63.80 ? 222 PHE w CE1 1 
ATOM   1570 C CE2 . PHE Y  1 8 ? 29.136  29.761  11.660  1.00 63.80 ? 222 PHE w CE2 1 
ATOM   1571 C CZ  . PHE Y  1 8 ? 29.198  30.241  10.368  1.00 63.80 ? 222 PHE w CZ  1 
ATOM   1572 N N   . GLY Y  1 9 ? 35.344  28.190  14.035  1.00 63.66 ? 223 GLY w N   1 
ATOM   1573 C CA  . GLY Y  1 9 ? 36.715  28.002  14.471  1.00 63.66 ? 223 GLY w CA  1 
ATOM   1574 C C   . GLY Y  1 9 ? 37.056  26.609  14.962  1.00 63.66 ? 223 GLY w C   1 
ATOM   1575 O O   . GLY Y  1 9 ? 36.227  25.701  14.904  1.00 63.66 ? 223 GLY w O   1 
ATOM   1576 N N   . GLY Z  1 1 ? 18.850  11.484  6.955   1.00 72.16 ? 215 GLY x N   1 
ATOM   1577 C CA  . GLY Z  1 1 ? 19.274  12.546  7.847   1.00 72.16 ? 215 GLY x CA  1 
ATOM   1578 C C   . GLY Z  1 1 ? 20.592  12.230  8.515   1.00 72.16 ? 215 GLY x C   1 
ATOM   1579 O O   . GLY Z  1 1 ? 20.614  11.864  9.689   1.00 72.16 ? 215 GLY x O   1 
HETATM 1580 N N   . PHI Z  1 2 ? 21.689  12.375  7.780   1.00 74.85 ? 216 PHI x N   1 
HETATM 1581 C CA  . PHI Z  1 2 ? 23.006  12.072  8.321   1.00 74.85 ? 216 PHI x CA  1 
HETATM 1582 C CB  . PHI Z  1 2 ? 23.516  13.207  9.204   1.00 74.85 ? 216 PHI x CB  1 
HETATM 1583 C CG  . PHI Z  1 2 ? 24.941  12.865  9.566   1.00 74.85 ? 216 PHI x CG  1 
HETATM 1584 C CD1 . PHI Z  1 2 ? 25.803  12.397  8.582   1.00 74.85 ? 216 PHI x CD1 1 
HETATM 1585 C CD2 . PHI Z  1 2 ? 25.379  12.996  10.876  1.00 74.85 ? 216 PHI x CD2 1 
HETATM 1586 C CE1 . PHI Z  1 2 ? 27.112  12.071  8.907   1.00 74.85 ? 216 PHI x CE1 1 
HETATM 1587 C CE2 . PHI Z  1 2 ? 26.689  12.670  11.201  1.00 74.85 ? 216 PHI x CE2 1 
HETATM 1588 C CZ  . PHI Z  1 2 ? 27.554  12.209  10.217  1.00 74.85 ? 216 PHI x CZ  1 
HETATM 1589 I I   . PHI Z  1 2 ? 29.525  11.718  10.705  1.00 74.85 ? 216 PHI x I   1 
HETATM 1590 C C   . PHI Z  1 2 ? 22.985  10.793  9.104   1.00 74.85 ? 216 PHI x C   1 
HETATM 1591 O O   . PHI Z  1 2 ? 23.330  10.772  10.306  1.00 74.85 ? 216 PHI x O   1 
ATOM   1592 N N   . GLY Z  1 3 ? 22.583  9.712   8.453   1.00 72.71 ? 217 GLY x N   1 
ATOM   1593 C CA  . GLY Z  1 3 ? 22.545  8.430   9.121   1.00 72.71 ? 217 GLY x CA  1 
ATOM   1594 C C   . GLY Z  1 3 ? 24.022  8.169   9.299   1.00 72.71 ? 217 GLY x C   1 
ATOM   1595 O O   . GLY Z  1 3 ? 24.820  8.510   8.425   1.00 72.71 ? 217 GLY x O   1 
ATOM   1596 N N   . GLY Z  1 4 ? 24.400  7.571   10.424  1.00 71.70 ? 218 GLY x N   1 
ATOM   1597 C CA  . GLY Z  1 4 ? 25.793  7.222   10.635  1.00 71.70 ? 218 GLY x CA  1 
ATOM   1598 C C   . GLY Z  1 4 ? 26.521  6.130   9.882   1.00 71.70 ? 218 GLY x C   1 
ATOM   1599 O O   . GLY Z  1 4 ? 27.603  6.381   9.351   1.00 71.70 ? 218 GLY x O   1 
ATOM   1600 N N   . ASN Z  1 5 ? 25.942  4.933   9.825   1.00 71.35 ? 219 ASN x N   1 
ATOM   1601 C CA  . ASN Z  1 5 ? 26.614  3.802   9.184   1.00 71.35 ? 219 ASN x CA  1 
ATOM   1602 C C   . ASN Z  1 5 ? 25.555  3.523   8.125   1.00 71.35 ? 219 ASN x C   1 
ATOM   1603 O O   . ASN Z  1 5 ? 25.880  3.076   7.027   1.00 71.35 ? 219 ASN x O   1 
ATOM   1604 C CB  . ASN Z  1 5 ? 26.334  2.831   10.337  1.00 71.35 ? 219 ASN x CB  1 
ATOM   1605 C CG  . ASN Z  1 5 ? 27.014  1.489   10.149  1.00 71.35 ? 219 ASN x CG  1 
ATOM   1606 O OD1 . ASN Z  1 5 ? 27.388  1.120   9.036   1.00 71.35 ? 219 ASN x OD1 1 
ATOM   1607 N ND2 . ASN Z  1 5 ? 27.171  0.750   11.239  1.00 71.35 ? 219 ASN x ND2 1 
ATOM   1608 N N   . ASP Z  1 6 ? 24.294  3.785   8.444   1.00 69.83 ? 220 ASP x N   1 
ATOM   1609 C CA  . ASP Z  1 6 ? 23.217  3.528   7.502   1.00 69.83 ? 220 ASP x CA  1 
ATOM   1610 C C   . ASP Z  1 6 ? 22.104  4.548   7.602   1.00 69.83 ? 220 ASP x C   1 
ATOM   1611 O O   . ASP Z  1 6 ? 21.786  5.021   8.692   1.00 69.83 ? 220 ASP x O   1 
ATOM   1612 C CB  . ASP Z  1 6 ? 22.551  2.209   7.890   1.00 69.83 ? 220 ASP x CB  1 
ATOM   1613 C CG  . ASP Z  1 6 ? 23.416  1.005   7.575   1.00 69.83 ? 220 ASP x CG  1 
ATOM   1614 O OD1 . ASP Z  1 6 ? 24.392  1.153   6.808   1.00 69.83 ? 220 ASP x OD1 1 
ATOM   1615 O OD2 . ASP Z  1 6 ? 23.118  -0.093  8.089   1.00 69.83 ? 220 ASP x OD2 1 
ATOM   1616 N N   . ASN Z  1 7 ? 21.511  4.895   6.469   1.00 69.53 ? 221 ASN x N   1 
ATOM   1617 C CA  . ASN Z  1 7 ? 20.411  5.846   6.469   1.00 69.53 ? 221 ASN x CA  1 
ATOM   1618 C C   . ASN Z  1 7 ? 19.356  5.428   5.467   1.00 69.53 ? 221 ASN x C   1 
ATOM   1619 O O   . ASN Z  1 7 ? 19.670  4.838   4.436   1.00 69.53 ? 221 ASN x O   1 
ATOM   1620 C CB  . ASN Z  1 7 ? 21.021  7.209   6.148   1.00 69.53 ? 221 ASN x CB  1 
ATOM   1621 C CG  . ASN Z  1 7 ? 19.982  8.309   6.067   1.00 69.53 ? 221 ASN x CG  1 
ATOM   1622 O OD1 . ASN Z  1 7 ? 18.913  8.219   6.672   1.00 69.53 ? 221 ASN x OD1 1 
ATOM   1623 N ND2 . ASN Z  1 7 ? 20.294  9.360   5.321   1.00 69.53 ? 221 ASN x ND2 1 
ATOM   1624 N N   . PHE Z  1 8 ? 18.101  5.727   5.771   1.00 68.87 ? 222 PHE x N   1 
ATOM   1625 C CA  . PHE Z  1 8 ? 17.020  5.353   4.876   1.00 68.87 ? 222 PHE x CA  1 
ATOM   1626 C C   . PHE Z  1 8 ? 16.169  6.592   4.709   1.00 68.87 ? 222 PHE x C   1 
ATOM   1627 O O   . PHE Z  1 8 ? 15.905  7.305   5.675   1.00 68.87 ? 222 PHE x O   1 
ATOM   1628 C CB  . PHE Z  1 8 ? 16.257  4.131   5.376   1.00 68.87 ? 222 PHE x CB  1 
ATOM   1629 C CG  . PHE Z  1 8 ? 17.090  2.886   5.428   1.00 68.87 ? 222 PHE x CG  1 
ATOM   1630 C CD1 . PHE Z  1 8 ? 17.280  2.118   4.294   1.00 68.87 ? 222 PHE x CD1 1 
ATOM   1631 C CD2 . PHE Z  1 8 ? 17.689  2.487   6.611   1.00 68.87 ? 222 PHE x CD2 1 
ATOM   1632 C CE1 . PHE Z  1 8 ? 18.048  0.973   4.338   1.00 68.87 ? 222 PHE x CE1 1 
ATOM   1633 C CE2 . PHE Z  1 8 ? 18.459  1.343   6.663   1.00 68.87 ? 222 PHE x CE2 1 
ATOM   1634 C CZ  . PHE Z  1 8 ? 18.638  0.584   5.524   1.00 68.87 ? 222 PHE x CZ  1 
ATOM   1635 N N   . GLY Z  1 9 ? 15.745  6.857   3.482   1.00 68.04 ? 223 GLY x N   1 
ATOM   1636 C CA  . GLY Z  1 9 ? 14.925  8.019   3.221   1.00 68.04 ? 223 GLY x CA  1 
ATOM   1637 C C   . GLY Z  1 9 ? 15.590  9.333   3.552   1.00 68.04 ? 223 GLY x C   1 
ATOM   1638 O O   . GLY Z  1 9 ? 16.808  9.382   3.698   1.00 68.04 ? 223 GLY x O   1 
ATOM   1639 N N   . GLY AA 1 1 ? 12.145  21.176  4.009   1.00 49.32 ? 215 GLY 0 N   1 
ATOM   1640 C CA  . GLY AA 1 1 ? 10.830  20.628  4.290   1.00 49.32 ? 215 GLY 0 CA  1 
ATOM   1641 C C   . GLY AA 1 1 ? 9.967   20.527  3.051   1.00 49.32 ? 215 GLY 0 C   1 
ATOM   1642 O O   . GLY AA 1 1 ? 10.410  20.854  1.952   1.00 49.32 ? 215 GLY 0 O   1 
HETATM 1643 N N   . PHI AA 1 2 ? 8.730   20.072  3.218   1.00 52.15 ? 216 PHI 0 N   1 
HETATM 1644 C CA  . PHI AA 1 2 ? 7.832   19.962  2.090   1.00 52.15 ? 216 PHI 0 CA  1 
HETATM 1645 C CB  . PHI AA 1 2 ? 6.548   19.217  2.404   1.00 52.15 ? 216 PHI 0 CB  1 
HETATM 1646 C CG  . PHI AA 1 2 ? 5.560   19.532  1.305   1.00 52.15 ? 216 PHI 0 CG  1 
HETATM 1647 C CD1 . PHI AA 1 2 ? 4.343   20.129  1.608   1.00 52.15 ? 216 PHI 0 CD1 1 
HETATM 1648 C CD2 . PHI AA 1 2 ? 5.878   19.234  -0.013  1.00 52.15 ? 216 PHI 0 CD2 1 
HETATM 1649 C CE1 . PHI AA 1 2 ? 3.442   20.424  0.594   1.00 52.15 ? 216 PHI 0 CE1 1 
HETATM 1650 C CE2 . PHI AA 1 2 ? 4.976   19.528  -1.028  1.00 52.15 ? 216 PHI 0 CE2 1 
HETATM 1651 C CZ  . PHI AA 1 2 ? 3.758   20.123  -0.724  1.00 52.15 ? 216 PHI 0 CZ  1 
HETATM 1652 I I   . PHI AA 1 2 ? 2.402   20.559  -2.254  1.00 52.15 ? 216 PHI 0 I   1 
HETATM 1653 C C   . PHI AA 1 2 ? 7.828   21.450  1.994   1.00 52.15 ? 216 PHI 0 C   1 
HETATM 1654 O O   . PHI AA 1 2 ? 7.705   22.137  3.030   1.00 52.15 ? 216 PHI 0 O   1 
ATOM   1655 N N   . GLY AA 1 3 ? 7.990   21.980  0.791   1.00 48.83 ? 217 GLY 0 N   1 
ATOM   1656 C CA  . GLY AA 1 3 ? 8.081   23.416  0.636   1.00 48.83 ? 217 GLY 0 CA  1 
ATOM   1657 C C   . GLY AA 1 3 ? 9.011   24.222  1.515   1.00 48.83 ? 217 GLY 0 C   1 
ATOM   1658 O O   . GLY AA 1 3 ? 8.645   25.293  1.996   1.00 48.83 ? 217 GLY 0 O   1 
ATOM   1659 N N   . GLY AA 1 4 ? 10.214  23.709  1.740   1.00 45.75 ? 218 GLY 0 N   1 
ATOM   1660 C CA  . GLY AA 1 4 ? 11.187  24.417  2.550   1.00 45.75 ? 218 GLY 0 CA  1 
ATOM   1661 C C   . GLY AA 1 4 ? 12.464  23.795  2.035   1.00 45.75 ? 218 GLY 0 C   1 
ATOM   1662 O O   . GLY AA 1 4 ? 12.477  22.637  1.626   1.00 45.75 ? 218 GLY 0 O   1 
ATOM   1663 N N   . ASN AA 1 5 ? 13.544  24.564  2.044   1.00 42.94 ? 219 ASN 0 N   1 
ATOM   1664 C CA  . ASN AA 1 5 ? 14.837  24.047  1.613   1.00 42.94 ? 219 ASN 0 CA  1 
ATOM   1665 C C   . ASN AA 1 5 ? 15.397  23.356  2.843   1.00 42.94 ? 219 ASN 0 C   1 
ATOM   1666 O O   . ASN AA 1 5 ? 15.091  23.742  3.971   1.00 42.94 ? 219 ASN 0 O   1 
ATOM   1667 C CB  . ASN AA 1 5 ? 15.788  25.144  1.144   1.00 42.94 ? 219 ASN 0 CB  1 
ATOM   1668 C CG  . ASN AA 1 5 ? 16.024  26.195  2.207   1.00 42.94 ? 219 ASN 0 CG  1 
ATOM   1669 O OD1 . ASN AA 1 5 ? 16.049  25.891  3.398   1.00 42.94 ? 219 ASN 0 OD1 1 
ATOM   1670 N ND2 . ASN AA 1 5 ? 16.212  27.437  1.779   1.00 42.94 ? 219 ASN 0 ND2 1 
ATOM   1671 N N   . ASP AA 1 6 ? 16.235  22.349  2.633   1.00 41.60 ? 220 ASP 0 N   1 
ATOM   1672 C CA  . ASP AA 1 6 ? 16.852  21.651  3.754   1.00 41.60 ? 220 ASP 0 CA  1 
ATOM   1673 C C   . ASP AA 1 6 ? 18.220  21.059  3.461   1.00 41.60 ? 220 ASP 0 C   1 
ATOM   1674 O O   . ASP AA 1 6 ? 18.476  20.609  2.346   1.00 41.60 ? 220 ASP 0 O   1 
ATOM   1675 C CB  . ASP AA 1 6 ? 16.113  20.350  4.040   1.00 41.60 ? 220 ASP 0 CB  1 
ATOM   1676 C CG  . ASP AA 1 6 ? 16.145  19.398  2.865   1.00 41.60 ? 220 ASP 0 CG  1 
ATOM   1677 O OD1 . ASP AA 1 6 ? 16.677  19.785  1.804   1.00 41.60 ? 220 ASP 0 OD1 1 
ATOM   1678 O OD2 . ASP AA 1 6 ? 15.647  18.262  3.004   1.00 41.60 ? 220 ASP 0 OD2 1 
ATOM   1679 N N   . ASN AA 1 7 ? 19.094  21.047  4.462   1.00 37.65 ? 221 ASN 0 N   1 
ATOM   1680 C CA  . ASN AA 1 7 ? 20.434  20.503  4.282   1.00 37.65 ? 221 ASN 0 CA  1 
ATOM   1681 C C   . ASN AA 1 7 ? 20.278  19.816  5.621   1.00 37.65 ? 221 ASN 0 C   1 
ATOM   1682 O O   . ASN AA 1 7 ? 19.834  20.431  6.591   1.00 37.65 ? 221 ASN 0 O   1 
ATOM   1683 C CB  . ASN AA 1 7 ? 21.264  21.781  4.223   1.00 37.65 ? 221 ASN 0 CB  1 
ATOM   1684 C CG  . ASN AA 1 7 ? 22.717  21.514  3.890   1.00 37.65 ? 221 ASN 0 CG  1 
ATOM   1685 O OD1 . ASN AA 1 7 ? 23.207  20.397  4.056   1.00 37.65 ? 221 ASN 0 OD1 1 
ATOM   1686 N ND2 . ASN AA 1 7 ? 23.416  22.541  3.423   1.00 37.65 ? 221 ASN 0 ND2 1 
ATOM   1687 N N   . PHE AA 1 8 ? 20.640  18.541  5.686   1.00 36.54 ? 222 PHE 0 N   1 
ATOM   1688 C CA  . PHE AA 1 8 ? 20.472  17.781  6.921   1.00 36.54 ? 222 PHE 0 CA  1 
ATOM   1689 C C   . PHE AA 1 8 ? 21.750  16.975  6.778   1.00 36.54 ? 222 PHE 0 C   1 
ATOM   1690 O O   . PHE AA 1 8 ? 22.080  16.508  5.689   1.00 36.54 ? 222 PHE 0 O   1 
ATOM   1691 C CB  . PHE AA 1 8 ? 19.407  16.703  7.116   1.00 36.54 ? 222 PHE 0 CB  1 
ATOM   1692 C CG  . PHE AA 1 8 ? 19.215  15.819  5.920   1.00 36.54 ? 222 PHE 0 CG  1 
ATOM   1693 C CD1 . PHE AA 1 8 ? 19.982  14.679  5.750   1.00 36.54 ? 222 PHE 0 CD1 1 
ATOM   1694 C CD2 . PHE AA 1 8 ? 18.266  16.127  4.964   1.00 36.54 ? 222 PHE 0 CD2 1 
ATOM   1695 C CE1 . PHE AA 1 8 ? 19.808  13.865  4.650   1.00 36.54 ? 222 PHE 0 CE1 1 
ATOM   1696 C CE2 . PHE AA 1 8 ? 18.085  15.319  3.860   1.00 36.54 ? 222 PHE 0 CE2 1 
ATOM   1697 C CZ  . PHE AA 1 8 ? 18.856  14.185  3.703   1.00 36.54 ? 222 PHE 0 CZ  1 
ATOM   1698 N N   . GLY AA 1 9 ? 22.498  16.834  7.863   1.00 36.18 ? 223 GLY 0 N   1 
ATOM   1699 C CA  . GLY AA 1 9 ? 23.765  16.131  7.785   1.00 36.18 ? 223 GLY 0 CA  1 
ATOM   1700 C C   . GLY AA 1 9 ? 24.717  16.986  6.974   1.00 36.18 ? 223 GLY 0 C   1 
ATOM   1701 O O   . GLY AA 1 9 ? 24.704  18.213  7.075   1.00 36.18 ? 223 GLY 0 O   1 
ATOM   1702 N N   . GLY BA 1 1 ? 30.120  1.585   11.589  1.00 76.19 ? 215 GLY 3 N   1 
ATOM   1703 C CA  . GLY BA 1 1 ? 30.035  2.350   10.359  1.00 76.19 ? 215 GLY 3 CA  1 
ATOM   1704 C C   . GLY BA 1 1 ? 30.764  3.667   10.446  1.00 76.19 ? 215 GLY 3 C   1 
ATOM   1705 O O   . GLY BA 1 1 ? 30.829  4.411   9.467   1.00 76.19 ? 215 GLY 3 O   1 
HETATM 1706 N N   . PHI BA 1 2 ? 31.323  3.973   11.610  1.00 79.66 ? 216 PHI 3 N   1 
HETATM 1707 C CA  . PHI BA 1 2 ? 31.999  5.242   11.786  1.00 79.66 ? 216 PHI 3 CA  1 
HETATM 1708 C CB  . PHI BA 1 2 ? 31.044  6.222   12.449  1.00 79.66 ? 216 PHI 3 CB  1 
HETATM 1709 C CG  . PHI BA 1 2 ? 31.413  7.604   11.980  1.00 79.66 ? 216 PHI 3 CG  1 
HETATM 1710 C CD1 . PHI BA 1 2 ? 30.842  8.112   10.821  1.00 79.66 ? 216 PHI 3 CD1 1 
HETATM 1711 C CD2 . PHI BA 1 2 ? 32.328  8.360   12.702  1.00 79.66 ? 216 PHI 3 CD2 1 
HETATM 1712 C CE1 . PHI BA 1 2 ? 31.183  9.386   10.386  1.00 79.66 ? 216 PHI 3 CE1 1 
HETATM 1713 C CE2 . PHI BA 1 2 ? 32.671  9.632   12.266  1.00 79.66 ? 216 PHI 3 CE2 1 
HETATM 1714 C CZ  . PHI BA 1 2 ? 32.097  10.144  11.108  1.00 79.66 ? 216 PHI 3 CZ  1 
HETATM 1715 I I   . PHI BA 1 2 ? 32.611  12.060  10.451  1.00 79.66 ? 216 PHI 3 I   1 
HETATM 1716 C C   . PHI BA 1 2 ? 33.215  5.084   12.641  1.00 79.66 ? 216 PHI 3 C   1 
HETATM 1717 O O   . PHI BA 1 2 ? 33.188  4.303   13.615  1.00 79.66 ? 216 PHI 3 O   1 
ATOM   1718 N N   . GLY BA 1 3 ? 34.279  5.807   12.314  1.00 77.38 ? 217 GLY 3 N   1 
ATOM   1719 C CA  . GLY BA 1 3 ? 35.493  5.750   13.105  1.00 77.38 ? 217 GLY 3 CA  1 
ATOM   1720 C C   . GLY BA 1 3 ? 36.378  6.556   14.027  1.00 77.38 ? 217 GLY 3 C   1 
ATOM   1721 O O   . GLY BA 1 3 ? 37.291  6.009   14.647  1.00 77.38 ? 217 GLY 3 O   1 
ATOM   1722 N N   . GLY BA 1 4 ? 36.118  7.855   14.126  1.00 75.47 ? 218 GLY 3 N   1 
ATOM   1723 C CA  . GLY BA 1 4 ? 36.909  8.712   14.989  1.00 75.47 ? 218 GLY 3 CA  1 
ATOM   1724 C C   . GLY BA 1 4 ? 38.385  8.995   15.132  1.00 75.47 ? 218 GLY 3 C   1 
ATOM   1725 O O   . GLY BA 1 4 ? 39.093  9.066   14.129  1.00 75.47 ? 218 GLY 3 O   1 
ATOM   1726 N N   . ASN BA 1 5 ? 38.859  9.141   16.367  1.00 75.32 ? 219 ASN 3 N   1 
ATOM   1727 C CA  . ASN BA 1 5 ? 40.275  9.410   16.619  1.00 75.32 ? 219 ASN 3 CA  1 
ATOM   1728 C C   . ASN BA 1 5 ? 40.865  10.429  15.660  1.00 75.32 ? 219 ASN 3 C   1 
ATOM   1729 O O   . ASN BA 1 5 ? 41.943  10.216  15.106  1.00 75.32 ? 219 ASN 3 O   1 
ATOM   1730 C CB  . ASN BA 1 5 ? 41.131  8.142   16.645  1.00 75.32 ? 219 ASN 3 CB  1 
ATOM   1731 C CG  . ASN BA 1 5 ? 40.877  7.293   17.873  1.00 75.32 ? 219 ASN 3 CG  1 
ATOM   1732 O OD1 . ASN BA 1 5 ? 40.410  7.787   18.898  1.00 75.32 ? 219 ASN 3 OD1 1 
ATOM   1733 N ND2 . ASN BA 1 5 ? 41.170  6.002   17.770  1.00 75.32 ? 219 ASN 3 ND2 1 
ATOM   1734 N N   . ASP BA 1 6 ? 40.164  11.537  15.461  1.00 73.74 ? 220 ASP 3 N   1 
ATOM   1735 C CA  . ASP BA 1 6 ? 40.628  12.545  14.515  1.00 73.74 ? 220 ASP 3 CA  1 
ATOM   1736 C C   . ASP BA 1 6 ? 40.553  13.768  15.413  1.00 73.74 ? 220 ASP 3 C   1 
ATOM   1737 O O   . ASP BA 1 6 ? 39.707  13.838  16.304  1.00 73.74 ? 220 ASP 3 O   1 
ATOM   1738 C CB  . ASP BA 1 6 ? 39.725  12.317  13.300  1.00 73.74 ? 220 ASP 3 CB  1 
ATOM   1739 C CG  . ASP BA 1 6 ? 38.251  12.521  13.611  1.00 73.74 ? 220 ASP 3 CG  1 
ATOM   1740 O OD1 . ASP BA 1 6 ? 37.902  12.768  14.785  1.00 73.74 ? 220 ASP 3 OD1 1 
ATOM   1741 O OD2 . ASP BA 1 6 ? 37.432  12.427  12.674  1.00 73.74 ? 220 ASP 3 OD2 1 
ATOM   1742 N N   . ASN BA 1 7 ? 41.431  14.741  15.189  1.00 72.45 ? 221 ASN 3 N   1 
ATOM   1743 C CA  . ASN BA 1 7 ? 41.445  15.894  16.092  1.00 72.45 ? 221 ASN 3 CA  1 
ATOM   1744 C C   . ASN BA 1 7 ? 40.762  16.855  15.105  1.00 72.45 ? 221 ASN 3 C   1 
ATOM   1745 O O   . ASN BA 1 7 ? 41.285  17.084  14.018  1.00 72.45 ? 221 ASN 3 O   1 
ATOM   1746 C CB  . ASN BA 1 7 ? 42.820  16.405  16.525  1.00 72.45 ? 221 ASN 3 CB  1 
ATOM   1747 C CG  . ASN BA 1 7 ? 43.636  16.935  15.365  1.00 72.45 ? 221 ASN 3 CG  1 
ATOM   1748 O OD1 . ASN BA 1 7 ? 43.093  17.505  14.419  1.00 72.45 ? 221 ASN 3 OD1 1 
ATOM   1749 N ND2 . ASN BA 1 7 ? 44.947  16.746  15.429  1.00 72.45 ? 221 ASN 3 ND2 1 
ATOM   1750 N N   . PHE BA 1 8 ? 39.606  17.421  15.466  1.00 71.44 ? 222 PHE 3 N   1 
ATOM   1751 C CA  . PHE BA 1 8 ? 38.926  18.406  14.643  1.00 71.44 ? 222 PHE 3 CA  1 
ATOM   1752 C C   . PHE BA 1 8 ? 39.942  19.424  15.099  1.00 71.44 ? 222 PHE 3 C   1 
ATOM   1753 O O   . PHE BA 1 8 ? 40.423  20.231  14.307  1.00 71.44 ? 222 PHE 3 O   1 
ATOM   1754 C CB  . PHE BA 1 8 ? 37.474  18.664  15.012  1.00 71.44 ? 222 PHE 3 CB  1 
ATOM   1755 C CG  . PHE BA 1 8 ? 36.569  17.495  14.771  1.00 71.44 ? 222 PHE 3 CG  1 
ATOM   1756 C CD1 . PHE BA 1 8 ? 36.046  17.256  13.513  1.00 71.44 ? 222 PHE 3 CD1 1 
ATOM   1757 C CD2 . PHE BA 1 8 ? 36.237  16.636  15.803  1.00 71.44 ? 222 PHE 3 CD2 1 
ATOM   1758 C CE1 . PHE BA 1 8 ? 35.208  16.183  13.286  1.00 71.44 ? 222 PHE 3 CE1 1 
ATOM   1759 C CE2 . PHE BA 1 8 ? 35.402  15.559  15.585  1.00 71.44 ? 222 PHE 3 CE2 1 
ATOM   1760 C CZ  . PHE BA 1 8 ? 34.886  15.332  14.324  1.00 71.44 ? 222 PHE 3 CZ  1 
ATOM   1761 N N   . GLY BA 1 9 ? 40.258  19.429  16.391  1.00 72.54 ? 223 GLY 3 N   1 
ATOM   1762 C CA  . GLY BA 1 9 ? 41.221  20.375  16.922  1.00 72.54 ? 223 GLY 3 CA  1 
ATOM   1763 C C   . GLY BA 1 9 ? 40.912  21.799  16.502  1.00 72.54 ? 223 GLY 3 C   1 
ATOM   1764 O O   . GLY BA 1 9 ? 39.753  22.215  16.485  1.00 72.54 ? 223 GLY 3 O   1 
# 
